data_1S7K
# 
_entry.id   1S7K 
# 
_audit_conform.dict_name       mmcif_pdbx.dic 
_audit_conform.dict_version    5.376 
_audit_conform.dict_location   http://mmcif.pdb.org/dictionaries/ascii/mmcif_pdbx.dic 
# 
loop_
_database_2.database_id 
_database_2.database_code 
_database_2.pdbx_database_accession 
_database_2.pdbx_DOI 
PDB   1S7K         pdb_00001s7k 10.2210/pdb1s7k/pdb 
RCSB  RCSB021466   ?            ?                   
WWPDB D_1000021466 ?            ?                   
# 
loop_
_pdbx_database_related.db_name 
_pdbx_database_related.db_id 
_pdbx_database_related.details 
_pdbx_database_related.content_type 
PDB 1S7F 'The same protein in different space group (Apo Form 1)' unspecified 
PDB 1S7L 
'The same protein in complex with CoA but in a different space group, and with the sulfhydryl of CoA in a disulfide bond with Cys134' 
unspecified 
PDB 1S7N 'The same protein in complex with Coenzyme A (CoA free sulfhydryl)' unspecified 
# 
_pdbx_database_status.status_code                     REL 
_pdbx_database_status.entry_id                        1S7K 
_pdbx_database_status.recvd_initial_deposition_date   2004-01-29 
_pdbx_database_status.deposit_site                    RCSB 
_pdbx_database_status.process_site                    RCSB 
_pdbx_database_status.status_code_sf                  REL 
_pdbx_database_status.status_code_mr                  ? 
_pdbx_database_status.SG_entry                        ? 
_pdbx_database_status.pdb_format_compatible           Y 
_pdbx_database_status.status_code_cs                  ? 
_pdbx_database_status.status_code_nmr_data            ? 
_pdbx_database_status.methods_development_category    ? 
# 
loop_
_audit_author.name 
_audit_author.pdbx_ordinal 
'Vetting, M.W.'     1 
'de Carvalho, L.P.' 2 
'Roderick, S.L.'    3 
'Blanchard, J.S.'   4 
# 
_citation.id                        primary 
_citation.title                     'A novel dimeric structure of the RimL Nalpha-acetyltransferase from Salmonella typhimurium.' 
_citation.journal_abbrev            J.Biol.Chem. 
_citation.journal_volume            280 
_citation.page_first                22108 
_citation.page_last                 22114 
_citation.year                      2005 
_citation.journal_id_ASTM           JBCHA3 
_citation.country                   US 
_citation.journal_id_ISSN           0021-9258 
_citation.journal_id_CSD            0071 
_citation.book_publisher            ? 
_citation.pdbx_database_id_PubMed   15817456 
_citation.pdbx_database_id_DOI      10.1074/jbc.M502401200 
# 
loop_
_citation_author.citation_id 
_citation_author.name 
_citation_author.ordinal 
_citation_author.identifier_ORCID 
primary 'Vetting, M.W.'     1 ? 
primary 'de Carvalho, L.P.' 2 ? 
primary 'Roderick, S.L.'    3 ? 
primary 'Blanchard, J.S.'   4 ? 
# 
_cell.entry_id           1S7K 
_cell.length_a           54.260 
_cell.length_b           68.870 
_cell.length_c           44.540 
_cell.angle_alpha        90.00 
_cell.angle_beta         90.00 
_cell.angle_gamma        90.00 
_cell.Z_PDB              4 
_cell.pdbx_unique_axis   ? 
# 
_symmetry.entry_id                         1S7K 
_symmetry.space_group_name_H-M             'P 21 21 2' 
_symmetry.pdbx_full_space_group_name_H-M   ? 
_symmetry.cell_setting                     ? 
_symmetry.Int_Tables_number                18 
_symmetry.space_group_name_Hall            ? 
# 
loop_
_entity.id 
_entity.type 
_entity.src_method 
_entity.pdbx_description 
_entity.formula_weight 
_entity.pdbx_number_of_molecules 
_entity.pdbx_ec 
_entity.pdbx_mutation 
_entity.pdbx_fragment 
_entity.details 
1 polymer man 'acetyl transferase' 20912.771 1   2.3.1.- ? ? ? 
2 water   nat water                18.015    119 ?       ? ? ? 
# 
_entity_name_com.entity_id   1 
_entity_name_com.name        'Acetylating enzyme for N-terminal of ribosomal protein L7/L12, RIML' 
# 
_entity_poly.entity_id                      1 
_entity_poly.type                           'polypeptide(L)' 
_entity_poly.nstd_linkage                   no 
_entity_poly.nstd_monomer                   no 
_entity_poly.pdbx_seq_one_letter_code       
;GSHMVEIIPVSTTLELRAADESHVPALHQLVLKNKAWLQQSLDWPQYVTSQEETRKHVQGNILLHQRGYAKMYLIFCQNE
MAGVLSFNAIEPINKAAYIGYWLDESFQGQGIMSQSLQALMTHYARRGDIRRFVIKCRVDNQASNAVARRNHFTLEGCMK
QAEYLNGDYHDVNMYARIIDAD
;
_entity_poly.pdbx_seq_one_letter_code_can   
;GSHMVEIIPVSTTLELRAADESHVPALHQLVLKNKAWLQQSLDWPQYVTSQEETRKHVQGNILLHQRGYAKMYLIFCQNE
MAGVLSFNAIEPINKAAYIGYWLDESFQGQGIMSQSLQALMTHYARRGDIRRFVIKCRVDNQASNAVARRNHFTLEGCMK
QAEYLNGDYHDVNMYARIIDAD
;
_entity_poly.pdbx_strand_id                 A 
_entity_poly.pdbx_target_identifier         ? 
# 
loop_
_entity_poly_seq.entity_id 
_entity_poly_seq.num 
_entity_poly_seq.mon_id 
_entity_poly_seq.hetero 
1 1   GLY n 
1 2   SER n 
1 3   HIS n 
1 4   MET n 
1 5   VAL n 
1 6   GLU n 
1 7   ILE n 
1 8   ILE n 
1 9   PRO n 
1 10  VAL n 
1 11  SER n 
1 12  THR n 
1 13  THR n 
1 14  LEU n 
1 15  GLU n 
1 16  LEU n 
1 17  ARG n 
1 18  ALA n 
1 19  ALA n 
1 20  ASP n 
1 21  GLU n 
1 22  SER n 
1 23  HIS n 
1 24  VAL n 
1 25  PRO n 
1 26  ALA n 
1 27  LEU n 
1 28  HIS n 
1 29  GLN n 
1 30  LEU n 
1 31  VAL n 
1 32  LEU n 
1 33  LYS n 
1 34  ASN n 
1 35  LYS n 
1 36  ALA n 
1 37  TRP n 
1 38  LEU n 
1 39  GLN n 
1 40  GLN n 
1 41  SER n 
1 42  LEU n 
1 43  ASP n 
1 44  TRP n 
1 45  PRO n 
1 46  GLN n 
1 47  TYR n 
1 48  VAL n 
1 49  THR n 
1 50  SER n 
1 51  GLN n 
1 52  GLU n 
1 53  GLU n 
1 54  THR n 
1 55  ARG n 
1 56  LYS n 
1 57  HIS n 
1 58  VAL n 
1 59  GLN n 
1 60  GLY n 
1 61  ASN n 
1 62  ILE n 
1 63  LEU n 
1 64  LEU n 
1 65  HIS n 
1 66  GLN n 
1 67  ARG n 
1 68  GLY n 
1 69  TYR n 
1 70  ALA n 
1 71  LYS n 
1 72  MET n 
1 73  TYR n 
1 74  LEU n 
1 75  ILE n 
1 76  PHE n 
1 77  CYS n 
1 78  GLN n 
1 79  ASN n 
1 80  GLU n 
1 81  MET n 
1 82  ALA n 
1 83  GLY n 
1 84  VAL n 
1 85  LEU n 
1 86  SER n 
1 87  PHE n 
1 88  ASN n 
1 89  ALA n 
1 90  ILE n 
1 91  GLU n 
1 92  PRO n 
1 93  ILE n 
1 94  ASN n 
1 95  LYS n 
1 96  ALA n 
1 97  ALA n 
1 98  TYR n 
1 99  ILE n 
1 100 GLY n 
1 101 TYR n 
1 102 TRP n 
1 103 LEU n 
1 104 ASP n 
1 105 GLU n 
1 106 SER n 
1 107 PHE n 
1 108 GLN n 
1 109 GLY n 
1 110 GLN n 
1 111 GLY n 
1 112 ILE n 
1 113 MET n 
1 114 SER n 
1 115 GLN n 
1 116 SER n 
1 117 LEU n 
1 118 GLN n 
1 119 ALA n 
1 120 LEU n 
1 121 MET n 
1 122 THR n 
1 123 HIS n 
1 124 TYR n 
1 125 ALA n 
1 126 ARG n 
1 127 ARG n 
1 128 GLY n 
1 129 ASP n 
1 130 ILE n 
1 131 ARG n 
1 132 ARG n 
1 133 PHE n 
1 134 VAL n 
1 135 ILE n 
1 136 LYS n 
1 137 CYS n 
1 138 ARG n 
1 139 VAL n 
1 140 ASP n 
1 141 ASN n 
1 142 GLN n 
1 143 ALA n 
1 144 SER n 
1 145 ASN n 
1 146 ALA n 
1 147 VAL n 
1 148 ALA n 
1 149 ARG n 
1 150 ARG n 
1 151 ASN n 
1 152 HIS n 
1 153 PHE n 
1 154 THR n 
1 155 LEU n 
1 156 GLU n 
1 157 GLY n 
1 158 CYS n 
1 159 MET n 
1 160 LYS n 
1 161 GLN n 
1 162 ALA n 
1 163 GLU n 
1 164 TYR n 
1 165 LEU n 
1 166 ASN n 
1 167 GLY n 
1 168 ASP n 
1 169 TYR n 
1 170 HIS n 
1 171 ASP n 
1 172 VAL n 
1 173 ASN n 
1 174 MET n 
1 175 TYR n 
1 176 ALA n 
1 177 ARG n 
1 178 ILE n 
1 179 ILE n 
1 180 ASP n 
1 181 ALA n 
1 182 ASP n 
# 
_entity_src_gen.entity_id                          1 
_entity_src_gen.pdbx_src_id                        1 
_entity_src_gen.pdbx_alt_source_flag               sample 
_entity_src_gen.pdbx_seq_type                      ? 
_entity_src_gen.pdbx_beg_seq_num                   ? 
_entity_src_gen.pdbx_end_seq_num                   ? 
_entity_src_gen.gene_src_common_name               ? 
_entity_src_gen.gene_src_genus                     Salmonella 
_entity_src_gen.pdbx_gene_src_gene                 RimL 
_entity_src_gen.gene_src_species                   'Salmonella typhimurium' 
_entity_src_gen.gene_src_strain                    LT2 
_entity_src_gen.gene_src_tissue                    ? 
_entity_src_gen.gene_src_tissue_fraction           ? 
_entity_src_gen.gene_src_details                   ? 
_entity_src_gen.pdbx_gene_src_fragment             ? 
_entity_src_gen.pdbx_gene_src_scientific_name      'Salmonella typhimurium' 
_entity_src_gen.pdbx_gene_src_ncbi_taxonomy_id     99287 
_entity_src_gen.pdbx_gene_src_variant              ? 
_entity_src_gen.pdbx_gene_src_cell_line            ? 
_entity_src_gen.pdbx_gene_src_atcc                 ? 
_entity_src_gen.pdbx_gene_src_organ                ? 
_entity_src_gen.pdbx_gene_src_organelle            ? 
_entity_src_gen.pdbx_gene_src_cell                 ? 
_entity_src_gen.pdbx_gene_src_cellular_location    ? 
_entity_src_gen.host_org_common_name               ? 
_entity_src_gen.pdbx_host_org_scientific_name      'Escherichia coli' 
_entity_src_gen.pdbx_host_org_ncbi_taxonomy_id     562 
_entity_src_gen.host_org_genus                     Escherichia 
_entity_src_gen.pdbx_host_org_gene                 ? 
_entity_src_gen.pdbx_host_org_organ                ? 
_entity_src_gen.host_org_species                   ? 
_entity_src_gen.pdbx_host_org_tissue               ? 
_entity_src_gen.pdbx_host_org_tissue_fraction      ? 
_entity_src_gen.pdbx_host_org_strain               ? 
_entity_src_gen.pdbx_host_org_variant              ? 
_entity_src_gen.pdbx_host_org_cell_line            ? 
_entity_src_gen.pdbx_host_org_atcc                 ? 
_entity_src_gen.pdbx_host_org_culture_collection   ? 
_entity_src_gen.pdbx_host_org_cell                 ? 
_entity_src_gen.pdbx_host_org_organelle            ? 
_entity_src_gen.pdbx_host_org_cellular_location    ? 
_entity_src_gen.pdbx_host_org_vector_type          plasmid 
_entity_src_gen.pdbx_host_org_vector               ? 
_entity_src_gen.host_org_details                   ? 
_entity_src_gen.expression_system_id               ? 
_entity_src_gen.plasmid_name                       pet28a+ 
_entity_src_gen.plasmid_details                    ? 
_entity_src_gen.pdbx_description                   ? 
# 
_struct_ref.id                         1 
_struct_ref.db_name                    UNP 
_struct_ref.db_code                    Q8ZPC0_SALTY 
_struct_ref.pdbx_db_accession          Q8ZPC0 
_struct_ref.entity_id                  1 
_struct_ref.pdbx_seq_one_letter_code   
;MVEIIPVSTTLELRAADESHVPALHQLVLKNKAWLQQSLDWPQYVTSQEETRKHVQGNILLHQRGYAKMYLIFCQNEMAG
VLSFNAIEPINKAAYIGYWLDESFQGQGIMSQSLQALMTHYARRGDIRRFVIKCRVDNQASNAVARRNHFTLEGCMKQAE
YLNGDYHDVNMYARIIDAD
;
_struct_ref.pdbx_align_begin           1 
_struct_ref.pdbx_db_isoform            ? 
# 
_struct_ref_seq.align_id                      1 
_struct_ref_seq.ref_id                        1 
_struct_ref_seq.pdbx_PDB_id_code              1S7K 
_struct_ref_seq.pdbx_strand_id                A 
_struct_ref_seq.seq_align_beg                 4 
_struct_ref_seq.pdbx_seq_align_beg_ins_code   ? 
_struct_ref_seq.seq_align_end                 182 
_struct_ref_seq.pdbx_seq_align_end_ins_code   ? 
_struct_ref_seq.pdbx_db_accession             Q8ZPC0 
_struct_ref_seq.db_align_beg                  1 
_struct_ref_seq.pdbx_db_align_beg_ins_code    ? 
_struct_ref_seq.db_align_end                  179 
_struct_ref_seq.pdbx_db_align_end_ins_code    ? 
_struct_ref_seq.pdbx_auth_seq_align_beg       1 
_struct_ref_seq.pdbx_auth_seq_align_end       179 
# 
loop_
_struct_ref_seq_dif.align_id 
_struct_ref_seq_dif.pdbx_pdb_id_code 
_struct_ref_seq_dif.mon_id 
_struct_ref_seq_dif.pdbx_pdb_strand_id 
_struct_ref_seq_dif.seq_num 
_struct_ref_seq_dif.pdbx_pdb_ins_code 
_struct_ref_seq_dif.pdbx_seq_db_name 
_struct_ref_seq_dif.pdbx_seq_db_accession_code 
_struct_ref_seq_dif.db_mon_id 
_struct_ref_seq_dif.pdbx_seq_db_seq_num 
_struct_ref_seq_dif.details 
_struct_ref_seq_dif.pdbx_auth_seq_num 
_struct_ref_seq_dif.pdbx_ordinal 
1 1S7K GLY A 1 ? UNP Q8ZPC0 ? ? 'expression tag' -2 1 
1 1S7K SER A 2 ? UNP Q8ZPC0 ? ? 'expression tag' -1 2 
1 1S7K HIS A 3 ? UNP Q8ZPC0 ? ? 'expression tag' 0  3 
# 
loop_
_chem_comp.id 
_chem_comp.type 
_chem_comp.mon_nstd_flag 
_chem_comp.name 
_chem_comp.pdbx_synonyms 
_chem_comp.formula 
_chem_comp.formula_weight 
ALA 'L-peptide linking' y ALANINE         ? 'C3 H7 N O2'     89.093  
ARG 'L-peptide linking' y ARGININE        ? 'C6 H15 N4 O2 1' 175.209 
ASN 'L-peptide linking' y ASPARAGINE      ? 'C4 H8 N2 O3'    132.118 
ASP 'L-peptide linking' y 'ASPARTIC ACID' ? 'C4 H7 N O4'     133.103 
CYS 'L-peptide linking' y CYSTEINE        ? 'C3 H7 N O2 S'   121.158 
GLN 'L-peptide linking' y GLUTAMINE       ? 'C5 H10 N2 O3'   146.144 
GLU 'L-peptide linking' y 'GLUTAMIC ACID' ? 'C5 H9 N O4'     147.129 
GLY 'peptide linking'   y GLYCINE         ? 'C2 H5 N O2'     75.067  
HIS 'L-peptide linking' y HISTIDINE       ? 'C6 H10 N3 O2 1' 156.162 
HOH non-polymer         . WATER           ? 'H2 O'           18.015  
ILE 'L-peptide linking' y ISOLEUCINE      ? 'C6 H13 N O2'    131.173 
LEU 'L-peptide linking' y LEUCINE         ? 'C6 H13 N O2'    131.173 
LYS 'L-peptide linking' y LYSINE          ? 'C6 H15 N2 O2 1' 147.195 
MET 'L-peptide linking' y METHIONINE      ? 'C5 H11 N O2 S'  149.211 
PHE 'L-peptide linking' y PHENYLALANINE   ? 'C9 H11 N O2'    165.189 
PRO 'L-peptide linking' y PROLINE         ? 'C5 H9 N O2'     115.130 
SER 'L-peptide linking' y SERINE          ? 'C3 H7 N O3'     105.093 
THR 'L-peptide linking' y THREONINE       ? 'C4 H9 N O3'     119.119 
TRP 'L-peptide linking' y TRYPTOPHAN      ? 'C11 H12 N2 O2'  204.225 
TYR 'L-peptide linking' y TYROSINE        ? 'C9 H11 N O3'    181.189 
VAL 'L-peptide linking' y VALINE          ? 'C5 H11 N O2'    117.146 
# 
_exptl.entry_id          1S7K 
_exptl.method            'X-RAY DIFFRACTION' 
_exptl.crystals_number   1 
# 
_exptl_crystal.id                    1 
_exptl_crystal.density_meas          ? 
_exptl_crystal.density_percent_sol   38.18 
_exptl_crystal.description           ? 
_exptl_crystal.density_Matthews      1.99 
_exptl_crystal.F_000                 ? 
_exptl_crystal.preparation           ? 
# 
_exptl_crystal_grow.crystal_id      1 
_exptl_crystal_grow.method          'vapor diffusion under oil' 
_exptl_crystal_grow.temp            293 
_exptl_crystal_grow.temp_details    ? 
_exptl_crystal_grow.pH              8.0 
_exptl_crystal_grow.pdbx_details    
'triethanolamine, PEG 3350, ammonium sulfate, sodium chloride, pH 8.0, vapor diffusion under oil, temperature 293K' 
_exptl_crystal_grow.pdbx_pH_range   . 
# 
_diffrn.id                     1 
_diffrn.ambient_temp           77 
_diffrn.ambient_temp_details   ? 
_diffrn.crystal_id             1 
# 
_diffrn_detector.diffrn_id              1 
_diffrn_detector.detector               'IMAGE PLATE' 
_diffrn_detector.type                   'RIGAKU RAXIS IV' 
_diffrn_detector.pdbx_collection_date   2003-12-31 
_diffrn_detector.details                'MSC Blue Confocal' 
# 
_diffrn_radiation.diffrn_id                        1 
_diffrn_radiation.wavelength_id                    1 
_diffrn_radiation.pdbx_monochromatic_or_laue_m_l   M 
_diffrn_radiation.monochromator                    'MSC Blue Confocal' 
_diffrn_radiation.pdbx_diffrn_protocol             'SINGLE WAVELENGTH' 
_diffrn_radiation.pdbx_scattering_type             x-ray 
# 
_diffrn_radiation_wavelength.id           1 
_diffrn_radiation_wavelength.wavelength   1.5418 
_diffrn_radiation_wavelength.wt           1.0 
# 
_diffrn_source.diffrn_id                   1 
_diffrn_source.source                      'ROTATING ANODE' 
_diffrn_source.type                        'RIGAKU RU200' 
_diffrn_source.pdbx_synchrotron_site       ? 
_diffrn_source.pdbx_synchrotron_beamline   ? 
_diffrn_source.pdbx_wavelength             ? 
_diffrn_source.pdbx_wavelength_list        1.5418 
# 
_reflns.entry_id                     1S7K 
_reflns.observed_criterion_sigma_F   0 
_reflns.observed_criterion_sigma_I   0 
_reflns.d_resolution_high            1.8 
_reflns.d_resolution_low             30.0 
_reflns.number_all                   15062 
_reflns.number_obs                   15062 
_reflns.percent_possible_obs         93.4 
_reflns.pdbx_Rmerge_I_obs            ? 
_reflns.pdbx_Rsym_value              0.026 
_reflns.pdbx_netI_over_sigmaI        29.2 
_reflns.B_iso_Wilson_estimate        25.0 
_reflns.pdbx_redundancy              2.0 
_reflns.R_free_details               ? 
_reflns.limit_h_max                  ? 
_reflns.limit_h_min                  ? 
_reflns.limit_k_max                  ? 
_reflns.limit_k_min                  ? 
_reflns.limit_l_max                  ? 
_reflns.limit_l_min                  ? 
_reflns.observed_criterion_F_max     ? 
_reflns.observed_criterion_F_min     ? 
_reflns.pdbx_chi_squared             ? 
_reflns.pdbx_scaling_rejects         ? 
_reflns.pdbx_ordinal                 1 
_reflns.pdbx_diffrn_id               1 
# 
_reflns_shell.d_res_high             1.8 
_reflns_shell.d_res_low              1.86 
_reflns_shell.percent_possible_all   88.0 
_reflns_shell.Rmerge_I_obs           ? 
_reflns_shell.pdbx_Rsym_value        0.096 
_reflns_shell.meanI_over_sigI_obs    ? 
_reflns_shell.pdbx_redundancy        1.9 
_reflns_shell.percent_possible_obs   ? 
_reflns_shell.number_unique_all      ? 
_reflns_shell.number_measured_all    ? 
_reflns_shell.number_measured_obs    ? 
_reflns_shell.number_unique_obs      ? 
_reflns_shell.pdbx_chi_squared       ? 
_reflns_shell.pdbx_ordinal           1 
_reflns_shell.pdbx_diffrn_id         1 
# 
_refine.entry_id                                 1S7K 
_refine.ls_d_res_high                            1.8 
_refine.ls_d_res_low                             30.0 
_refine.pdbx_ls_sigma_F                          0 
_refine.pdbx_ls_sigma_I                          0 
_refine.ls_number_reflns_all                     15016 
_refine.ls_number_reflns_obs                     15016 
_refine.ls_number_reflns_R_free                  746 
_refine.ls_percent_reflns_obs                    93.6 
_refine.ls_R_factor_all                          ? 
_refine.ls_R_factor_obs                          ? 
_refine.ls_R_factor_R_work                       0.222 
_refine.ls_R_factor_R_free                       0.27 
_refine.ls_redundancy_reflns_obs                 ? 
_refine.pdbx_data_cutoff_high_absF               ? 
_refine.pdbx_data_cutoff_low_absF                ? 
_refine.ls_number_parameters                     ? 
_refine.ls_number_restraints                     ? 
_refine.ls_percent_reflns_R_free                 ? 
_refine.ls_R_factor_R_free_error                 ? 
_refine.ls_R_factor_R_free_error_details         ? 
_refine.pdbx_method_to_determine_struct          'MOLECULAR REPLACEMENT' 
_refine.pdbx_starting_model                      'PDB ENTRY 1S7F' 
_refine.pdbx_ls_cross_valid_method               THROUGHOUT 
_refine.pdbx_R_Free_selection_details            random 
_refine.pdbx_stereochem_target_val_spec_case     ? 
_refine.pdbx_stereochemistry_target_values       'Engh & Huber' 
_refine.solvent_model_details                    ? 
_refine.solvent_model_param_bsol                 ? 
_refine.solvent_model_param_ksol                 ? 
_refine.occupancy_max                            ? 
_refine.occupancy_min                            ? 
_refine.pdbx_isotropic_thermal_model             ? 
_refine.B_iso_mean                               ? 
_refine.aniso_B[1][1]                            ? 
_refine.aniso_B[1][2]                            ? 
_refine.aniso_B[1][3]                            ? 
_refine.aniso_B[2][2]                            ? 
_refine.aniso_B[2][3]                            ? 
_refine.aniso_B[3][3]                            ? 
_refine.details                                  ? 
_refine.B_iso_min                                ? 
_refine.B_iso_max                                ? 
_refine.correlation_coeff_Fo_to_Fc               ? 
_refine.correlation_coeff_Fo_to_Fc_free          ? 
_refine.pdbx_solvent_vdw_probe_radii             ? 
_refine.pdbx_solvent_ion_probe_radii             ? 
_refine.pdbx_solvent_shrinkage_radii             ? 
_refine.overall_SU_R_Cruickshank_DPI             ? 
_refine.overall_SU_R_free                        ? 
_refine.overall_SU_B                             ? 
_refine.overall_SU_ML                            ? 
_refine.pdbx_overall_ESU_R                       ? 
_refine.pdbx_overall_ESU_R_Free                  ? 
_refine.pdbx_data_cutoff_high_rms_absF           ? 
_refine.ls_wR_factor_R_free                      ? 
_refine.ls_wR_factor_R_work                      ? 
_refine.overall_FOM_free_R_set                   ? 
_refine.overall_FOM_work_R_set                   ? 
_refine.pdbx_refine_id                           'X-RAY DIFFRACTION' 
_refine.pdbx_diffrn_id                           1 
_refine.pdbx_TLS_residual_ADP_flag               ? 
_refine.pdbx_overall_phase_error                 ? 
_refine.pdbx_overall_SU_R_free_Cruickshank_DPI   ? 
_refine.pdbx_overall_SU_R_Blow_DPI               ? 
_refine.pdbx_overall_SU_R_free_Blow_DPI          ? 
# 
_refine_hist.pdbx_refine_id                   'X-RAY DIFFRACTION' 
_refine_hist.cycle_id                         LAST 
_refine_hist.pdbx_number_atoms_protein        1268 
_refine_hist.pdbx_number_atoms_nucleic_acid   0 
_refine_hist.pdbx_number_atoms_ligand         0 
_refine_hist.number_atoms_solvent             119 
_refine_hist.number_atoms_total               1387 
_refine_hist.d_res_high                       1.8 
_refine_hist.d_res_low                        30.0 
# 
loop_
_refine_ls_restr.type 
_refine_ls_restr.dev_ideal 
_refine_ls_restr.dev_ideal_target 
_refine_ls_restr.weight 
_refine_ls_restr.number 
_refine_ls_restr.pdbx_refine_id 
_refine_ls_restr.pdbx_restraint_function 
c_angle_deg 1.9   ? ? ? 'X-RAY DIFFRACTION' ? 
c_bond_d    0.022 ? ? ? 'X-RAY DIFFRACTION' ? 
# 
_refine_ls_shell.pdbx_total_number_of_bins_used   ? 
_refine_ls_shell.d_res_high                       1.80 
_refine_ls_shell.d_res_low                        1.86 
_refine_ls_shell.number_reflns_R_work             ? 
_refine_ls_shell.R_factor_R_work                  0.222 
_refine_ls_shell.percent_reflns_obs               ? 
_refine_ls_shell.R_factor_R_free                  0.28 
_refine_ls_shell.R_factor_R_free_error            ? 
_refine_ls_shell.percent_reflns_R_free            ? 
_refine_ls_shell.number_reflns_R_free             ? 
_refine_ls_shell.number_reflns_obs                ? 
_refine_ls_shell.redundancy_reflns_obs            ? 
_refine_ls_shell.number_reflns_all                ? 
_refine_ls_shell.pdbx_refine_id                   'X-RAY DIFFRACTION' 
_refine_ls_shell.R_factor_all                     ? 
# 
_struct.entry_id                  1S7K 
_struct.title                     'RimL- Ribosomal L7/L12 alpha-N-protein acetyltransferase crystal form 2 (apo)' 
_struct.pdbx_model_details        ? 
_struct.pdbx_CASP_flag            ? 
_struct.pdbx_model_type_details   ? 
# 
_struct_keywords.entry_id        1S7K 
_struct_keywords.pdbx_keywords   TRANSFERASE 
_struct_keywords.text            'acetyltransferase, GNAT, alpha-N-protein acetyltransferase, Coenzyme A, L7/L12, transferase' 
# 
loop_
_struct_asym.id 
_struct_asym.pdbx_blank_PDB_chainid_flag 
_struct_asym.pdbx_modified 
_struct_asym.entity_id 
_struct_asym.details 
A N N 1 ? 
B N N 2 ? 
# 
_struct_biol.id                    1 
_struct_biol.details               
;The biological assembly is a dimer generated from the monomer in the asymmetric unit by the operations 
-x,-y,z
;
_struct_biol.pdbx_parent_biol_id   ? 
# 
loop_
_struct_conf.conf_type_id 
_struct_conf.id 
_struct_conf.pdbx_PDB_helix_id 
_struct_conf.beg_label_comp_id 
_struct_conf.beg_label_asym_id 
_struct_conf.beg_label_seq_id 
_struct_conf.pdbx_beg_PDB_ins_code 
_struct_conf.end_label_comp_id 
_struct_conf.end_label_asym_id 
_struct_conf.end_label_seq_id 
_struct_conf.pdbx_end_PDB_ins_code 
_struct_conf.beg_auth_comp_id 
_struct_conf.beg_auth_asym_id 
_struct_conf.beg_auth_seq_id 
_struct_conf.end_auth_comp_id 
_struct_conf.end_auth_asym_id 
_struct_conf.end_auth_seq_id 
_struct_conf.pdbx_PDB_helix_class 
_struct_conf.details 
_struct_conf.pdbx_PDB_helix_length 
HELX_P HELX_P1 1 ASP A 20  ? SER A 22  ? ASP A 17  SER A 19  5 ? 3  
HELX_P HELX_P2 2 HIS A 23  ? ASN A 34  ? HIS A 20  ASN A 31  1 ? 12 
HELX_P HELX_P3 3 THR A 54  ? GLY A 68  ? THR A 51  GLY A 65  1 ? 15 
HELX_P HELX_P4 4 GLU A 105 ? GLN A 108 ? GLU A 102 GLN A 105 5 ? 4  
HELX_P HELX_P5 5 GLY A 111 ? GLY A 128 ? GLY A 108 GLY A 125 1 ? 18 
HELX_P HELX_P6 6 ASN A 141 ? ASN A 151 ? ASN A 138 ASN A 148 1 ? 11 
# 
_struct_conf_type.id          HELX_P 
_struct_conf_type.criteria    ? 
_struct_conf_type.reference   ? 
# 
_struct_sheet.id               A 
_struct_sheet.type             ? 
_struct_sheet.number_strands   8 
_struct_sheet.details          ? 
# 
loop_
_struct_sheet_order.sheet_id 
_struct_sheet_order.range_id_1 
_struct_sheet_order.range_id_2 
_struct_sheet_order.offset 
_struct_sheet_order.sense 
A 1 2 ? anti-parallel 
A 2 3 ? anti-parallel 
A 3 4 ? anti-parallel 
A 4 5 ? anti-parallel 
A 5 6 ? parallel      
A 6 7 ? anti-parallel 
A 7 8 ? anti-parallel 
# 
loop_
_struct_sheet_range.sheet_id 
_struct_sheet_range.id 
_struct_sheet_range.beg_label_comp_id 
_struct_sheet_range.beg_label_asym_id 
_struct_sheet_range.beg_label_seq_id 
_struct_sheet_range.pdbx_beg_PDB_ins_code 
_struct_sheet_range.end_label_comp_id 
_struct_sheet_range.end_label_asym_id 
_struct_sheet_range.end_label_seq_id 
_struct_sheet_range.pdbx_end_PDB_ins_code 
_struct_sheet_range.beg_auth_comp_id 
_struct_sheet_range.beg_auth_asym_id 
_struct_sheet_range.beg_auth_seq_id 
_struct_sheet_range.end_auth_comp_id 
_struct_sheet_range.end_auth_asym_id 
_struct_sheet_range.end_auth_seq_id 
A 1 ILE A 7   ? PRO A 9   ? ILE A 4   PRO A 6   
A 2 LEU A 14  ? ALA A 18  ? LEU A 11  ALA A 15  
A 3 LYS A 71  ? CYS A 77  ? LYS A 68  CYS A 74  
A 4 GLU A 80  ? GLU A 91  ? GLU A 77  GLU A 88  
A 5 ALA A 96  ? LEU A 103 ? ALA A 93  LEU A 100 
A 6 ARG A 132 ? ARG A 138 ? ARG A 129 ARG A 135 
A 7 ASP A 168 ? ILE A 178 ? ASP A 165 ILE A 175 
A 8 THR A 154 ? LEU A 165 ? THR A 151 LEU A 162 
# 
loop_
_pdbx_struct_sheet_hbond.sheet_id 
_pdbx_struct_sheet_hbond.range_id_1 
_pdbx_struct_sheet_hbond.range_id_2 
_pdbx_struct_sheet_hbond.range_1_label_atom_id 
_pdbx_struct_sheet_hbond.range_1_label_comp_id 
_pdbx_struct_sheet_hbond.range_1_label_asym_id 
_pdbx_struct_sheet_hbond.range_1_label_seq_id 
_pdbx_struct_sheet_hbond.range_1_PDB_ins_code 
_pdbx_struct_sheet_hbond.range_1_auth_atom_id 
_pdbx_struct_sheet_hbond.range_1_auth_comp_id 
_pdbx_struct_sheet_hbond.range_1_auth_asym_id 
_pdbx_struct_sheet_hbond.range_1_auth_seq_id 
_pdbx_struct_sheet_hbond.range_2_label_atom_id 
_pdbx_struct_sheet_hbond.range_2_label_comp_id 
_pdbx_struct_sheet_hbond.range_2_label_asym_id 
_pdbx_struct_sheet_hbond.range_2_label_seq_id 
_pdbx_struct_sheet_hbond.range_2_PDB_ins_code 
_pdbx_struct_sheet_hbond.range_2_auth_atom_id 
_pdbx_struct_sheet_hbond.range_2_auth_comp_id 
_pdbx_struct_sheet_hbond.range_2_auth_asym_id 
_pdbx_struct_sheet_hbond.range_2_auth_seq_id 
A 1 2 N ILE A 8   ? N ILE A 5   O LEU A 16  ? O LEU A 13  
A 2 3 N ARG A 17  ? N ARG A 14  O LEU A 74  ? O LEU A 71  
A 3 4 N ILE A 75  ? N ILE A 72  O ALA A 82  ? O ALA A 79  
A 4 5 N SER A 86  ? N SER A 83  O GLY A 100 ? O GLY A 97  
A 5 6 N ILE A 99  ? N ILE A 96  O VAL A 134 ? O VAL A 131 
A 6 7 N PHE A 133 ? N PHE A 130 O ARG A 177 ? O ARG A 174 
A 7 8 O HIS A 170 ? O HIS A 167 N GLU A 163 ? N GLU A 160 
# 
_atom_sites.entry_id                    1S7K 
_atom_sites.fract_transf_matrix[1][1]   0.01697388 
_atom_sites.fract_transf_matrix[1][2]   0.00708380 
_atom_sites.fract_transf_matrix[1][3]   0.00117139 
_atom_sites.fract_transf_matrix[2][1]   0.00562403 
_atom_sites.fract_transf_matrix[2][2]   -0.01286301 
_atom_sites.fract_transf_matrix[2][3]   -0.00370723 
_atom_sites.fract_transf_matrix[3][1]   -0.00093915 
_atom_sites.fract_transf_matrix[3][2]   0.00583223 
_atom_sites.fract_transf_matrix[3][3]   -0.02166092 
_atom_sites.fract_transf_vector[1]      0.194661 
_atom_sites.fract_transf_vector[2]      0.162932 
_atom_sites.fract_transf_vector[3]      0.269315 
# 
loop_
_atom_type.symbol 
C 
N 
O 
S 
# 
loop_
_atom_site.group_PDB 
_atom_site.id 
_atom_site.type_symbol 
_atom_site.label_atom_id 
_atom_site.label_alt_id 
_atom_site.label_comp_id 
_atom_site.label_asym_id 
_atom_site.label_entity_id 
_atom_site.label_seq_id 
_atom_site.pdbx_PDB_ins_code 
_atom_site.Cartn_x 
_atom_site.Cartn_y 
_atom_site.Cartn_z 
_atom_site.occupancy 
_atom_site.B_iso_or_equiv 
_atom_site.pdbx_formal_charge 
_atom_site.auth_seq_id 
_atom_site.auth_comp_id 
_atom_site.auth_asym_id 
_atom_site.auth_atom_id 
_atom_site.pdbx_PDB_model_num 
ATOM   1    N N   . GLU A 1 6   ? 3.624   -14.096 8.446   1.00 22.54 ? 3   GLU A N   1 
ATOM   2    C CA  . GLU A 1 6   ? 2.825   -14.055 7.171   1.00 22.99 ? 3   GLU A CA  1 
ATOM   3    C C   . GLU A 1 6   ? 3.788   -13.365 6.194   1.00 23.55 ? 3   GLU A C   1 
ATOM   4    O O   . GLU A 1 6   ? 4.193   -12.219 6.404   1.00 20.35 ? 3   GLU A O   1 
ATOM   5    C CB  . GLU A 1 6   ? 1.546   -13.190 7.351   1.00 22.89 ? 3   GLU A CB  1 
ATOM   6    C CG  . GLU A 1 6   ? 0.643   -13.116 6.104   1.00 23.86 ? 3   GLU A CG  1 
ATOM   7    C CD  . GLU A 1 6   ? -0.492  -12.115 6.196   1.00 23.70 ? 3   GLU A CD  1 
ATOM   8    O OE1 . GLU A 1 6   ? -1.252  -11.991 5.194   1.00 25.21 ? 3   GLU A OE1 1 
ATOM   9    O OE2 . GLU A 1 6   ? -0.632  -11.454 7.258   1.00 25.57 ? 3   GLU A OE2 1 
ATOM   10   N N   . ILE A 1 7   ? 4.186   -14.077 5.149   1.00 24.19 ? 4   ILE A N   1 
ATOM   11   C CA  . ILE A 1 7   ? 5.103   -13.490 4.182   1.00 24.66 ? 4   ILE A CA  1 
ATOM   12   C C   . ILE A 1 7   ? 4.432   -13.649 2.860   1.00 24.56 ? 4   ILE A C   1 
ATOM   13   O O   . ILE A 1 7   ? 3.778   -14.677 2.585   1.00 25.84 ? 4   ILE A O   1 
ATOM   14   C CB  . ILE A 1 7   ? 6.471   -14.234 4.057   1.00 25.95 ? 4   ILE A CB  1 
ATOM   15   C CG1 . ILE A 1 7   ? 7.153   -14.414 5.415   1.00 26.09 ? 4   ILE A CG1 1 
ATOM   16   C CG2 . ILE A 1 7   ? 7.392   -13.458 3.139   1.00 25.08 ? 4   ILE A CG2 1 
ATOM   17   C CD1 . ILE A 1 7   ? 7.467   -13.185 6.187   1.00 25.97 ? 4   ILE A CD1 1 
ATOM   18   N N   . ILE A 1 8   ? 4.594   -12.638 2.014   1.00 20.88 ? 5   ILE A N   1 
ATOM   19   C CA  . ILE A 1 8   ? 4.024   -12.688 0.702   1.00 19.53 ? 5   ILE A CA  1 
ATOM   20   C C   . ILE A 1 8   ? 5.242   -12.553 -0.212  1.00 19.64 ? 5   ILE A C   1 
ATOM   21   O O   . ILE A 1 8   ? 5.865   -11.492 -0.277  1.00 18.01 ? 5   ILE A O   1 
ATOM   22   C CB  . ILE A 1 8   ? 3.041   -11.528 0.482   1.00 20.40 ? 5   ILE A CB  1 
ATOM   23   C CG1 . ILE A 1 8   ? 1.780   -11.744 1.332   1.00 20.91 ? 5   ILE A CG1 1 
ATOM   24   C CG2 . ILE A 1 8   ? 2.682   -11.418 -0.976  1.00 21.16 ? 5   ILE A CG2 1 
ATOM   25   C CD1 . ILE A 1 8   ? 0.852   -10.522 1.354   1.00 21.85 ? 5   ILE A CD1 1 
ATOM   26   N N   . PRO A 1 9   ? 5.593   -13.632 -0.926  1.00 18.78 ? 6   PRO A N   1 
ATOM   27   C CA  . PRO A 1 9   ? 6.765   -13.524 -1.802  1.00 17.51 ? 6   PRO A CA  1 
ATOM   28   C C   . PRO A 1 9   ? 6.478   -12.480 -2.889  1.00 15.19 ? 6   PRO A C   1 
ATOM   29   O O   . PRO A 1 9   ? 5.362   -12.323 -3.315  1.00 15.40 ? 6   PRO A O   1 
ATOM   30   C CB  . PRO A 1 9   ? 6.898   -14.919 -2.399  1.00 16.85 ? 6   PRO A CB  1 
ATOM   31   C CG  . PRO A 1 9   ? 6.106   -15.814 -1.441  1.00 18.64 ? 6   PRO A CG  1 
ATOM   32   C CD  . PRO A 1 9   ? 4.942   -14.945 -1.070  1.00 19.42 ? 6   PRO A CD  1 
ATOM   33   N N   . VAL A 1 10  ? 7.507   -11.766 -3.310  1.00 13.05 ? 7   VAL A N   1 
ATOM   34   C CA  . VAL A 1 10  ? 7.360   -10.800 -4.363  1.00 10.51 ? 7   VAL A CA  1 
ATOM   35   C C   . VAL A 1 10  ? 8.339   -11.209 -5.484  1.00 10.71 ? 7   VAL A C   1 
ATOM   36   O O   . VAL A 1 10  ? 7.926   -11.432 -6.647  1.00 9.23  ? 7   VAL A O   1 
ATOM   37   C CB  . VAL A 1 10  ? 7.653   -9.384  -3.854  1.00 12.36 ? 7   VAL A CB  1 
ATOM   38   C CG1 . VAL A 1 10  ? 7.614   -8.376  -5.000  1.00 13.12 ? 7   VAL A CG1 1 
ATOM   39   C CG2 . VAL A 1 10  ? 6.582   -8.988  -2.824  1.00 13.72 ? 7   VAL A CG2 1 
ATOM   40   N N   . SER A 1 11  ? 9.610   -11.407 -5.121  1.00 10.33 ? 8   SER A N   1 
ATOM   41   C CA  . SER A 1 11  ? 10.630  -11.732 -6.115  1.00 11.28 ? 8   SER A CA  1 
ATOM   42   C C   . SER A 1 11  ? 11.874  -12.322 -5.474  1.00 12.39 ? 8   SER A C   1 
ATOM   43   O O   . SER A 1 11  ? 11.898  -12.622 -4.292  1.00 11.51 ? 8   SER A O   1 
ATOM   44   C CB  . SER A 1 11  ? 11.023  -10.465 -6.908  1.00 13.23 ? 8   SER A CB  1 
ATOM   45   O OG  . SER A 1 11  ? 11.878  -9.575  -6.202  1.00 10.70 ? 8   SER A OG  1 
ATOM   46   N N   . THR A 1 12  ? 12.896  -12.533 -6.294  1.00 12.70 ? 9   THR A N   1 
ATOM   47   C CA  . THR A 1 12  ? 14.146  -13.063 -5.798  1.00 12.82 ? 9   THR A CA  1 
ATOM   48   C C   . THR A 1 12  ? 14.707  -12.237 -4.660  1.00 12.44 ? 9   THR A C   1 
ATOM   49   O O   . THR A 1 12  ? 15.194  -12.763 -3.674  1.00 14.81 ? 9   THR A O   1 
ATOM   50   C CB  . THR A 1 12  ? 15.212  -13.139 -6.936  1.00 12.74 ? 9   THR A CB  1 
ATOM   51   O OG1 . THR A 1 12  ? 14.726  -14.083 -7.914  1.00 12.46 ? 9   THR A OG1 1 
ATOM   52   C CG2 . THR A 1 12  ? 16.549  -13.605 -6.344  1.00 13.74 ? 9   THR A CG2 1 
ATOM   53   N N   . THR A 1 13  ? 14.601  -10.932 -4.791  1.00 11.41 ? 10  THR A N   1 
ATOM   54   C CA  . THR A 1 13  ? 15.115  -10.018 -3.780  1.00 11.74 ? 10  THR A CA  1 
ATOM   55   C C   . THR A 1 13  ? 14.046  -9.283  -2.940  1.00 13.40 ? 10  THR A C   1 
ATOM   56   O O   . THR A 1 13  ? 14.384  -8.636  -1.954  1.00 16.06 ? 10  THR A O   1 
ATOM   57   C CB  . THR A 1 13  ? 15.950  -8.965  -4.492  1.00 11.74 ? 10  THR A CB  1 
ATOM   58   O OG1 . THR A 1 13  ? 15.145  -8.399  -5.538  1.00 14.40 ? 10  THR A OG1 1 
ATOM   59   C CG2 . THR A 1 13  ? 17.175  -9.612  -5.183  1.00 15.32 ? 10  THR A CG2 1 
ATOM   60   N N   . LEU A 1 14  ? 12.780  -9.341  -3.339  1.00 12.38 ? 11  LEU A N   1 
ATOM   61   C CA  . LEU A 1 14  ? 11.747  -8.624  -2.585  1.00 11.35 ? 11  LEU A CA  1 
ATOM   62   C C   . LEU A 1 14  ? 10.762  -9.559  -1.918  1.00 11.53 ? 11  LEU A C   1 
ATOM   63   O O   . LEU A 1 14  ? 10.428  -10.649 -2.448  1.00 11.21 ? 11  LEU A O   1 
ATOM   64   C CB  . LEU A 1 14  ? 10.974  -7.719  -3.566  1.00 10.01 ? 11  LEU A CB  1 
ATOM   65   C CG  . LEU A 1 14  ? 11.764  -6.617  -4.274  1.00 10.94 ? 11  LEU A CG  1 
ATOM   66   C CD1 . LEU A 1 14  ? 10.867  -5.801  -5.322  1.00 8.39  ? 11  LEU A CD1 1 
ATOM   67   C CD2 . LEU A 1 14  ? 12.383  -5.712  -3.217  1.00 10.87 ? 11  LEU A CD2 1 
ATOM   68   N N   . GLU A 1 15  ? 10.261  -9.136  -0.752  1.00 12.63 ? 12  GLU A N   1 
ATOM   69   C CA  . GLU A 1 15  ? 9.181   -9.883  -0.114  1.00 14.58 ? 12  GLU A CA  1 
ATOM   70   C C   . GLU A 1 15  ? 8.454   -8.922  0.856   1.00 13.97 ? 12  GLU A C   1 
ATOM   71   O O   . GLU A 1 15  ? 9.011   -7.891  1.255   1.00 12.91 ? 12  GLU A O   1 
ATOM   72   C CB  . GLU A 1 15  ? 9.690   -11.156 0.599   1.00 16.12 ? 12  GLU A CB  1 
ATOM   73   C CG  . GLU A 1 15  ? 10.385  -10.968 1.941   1.00 18.20 ? 12  GLU A CG  1 
ATOM   74   C CD  . GLU A 1 15  ? 10.809  -12.318 2.609   1.00 19.75 ? 12  GLU A CD  1 
ATOM   75   O OE1 . GLU A 1 15  ? 10.853  -13.399 1.963   1.00 17.32 ? 12  GLU A OE1 1 
ATOM   76   O OE2 . GLU A 1 15  ? 11.104  -12.253 3.802   1.00 18.40 ? 12  GLU A OE2 1 
ATOM   77   N N   . LEU A 1 16  ? 7.179   -9.202  1.118   1.00 14.66 ? 13  LEU A N   1 
ATOM   78   C CA  . LEU A 1 16  ? 6.359   -8.389  2.042   1.00 13.60 ? 13  LEU A CA  1 
ATOM   79   C C   . LEU A 1 16  ? 6.212   -9.241  3.304   1.00 13.92 ? 13  LEU A C   1 
ATOM   80   O O   . LEU A 1 16  ? 6.023   -10.460 3.206   1.00 14.64 ? 13  LEU A O   1 
ATOM   81   C CB  . LEU A 1 16  ? 4.966   -8.169  1.458   1.00 14.86 ? 13  LEU A CB  1 
ATOM   82   C CG  . LEU A 1 16  ? 4.878   -7.345  0.176   1.00 13.50 ? 13  LEU A CG  1 
ATOM   83   C CD1 . LEU A 1 16  ? 3.468   -7.425  -0.388  1.00 15.77 ? 13  LEU A CD1 1 
ATOM   84   C CD2 . LEU A 1 16  ? 5.216   -5.876  0.551   1.00 14.39 ? 13  LEU A CD2 1 
ATOM   85   N N   . ARG A 1 17  ? 6.353   -8.615  4.463   1.00 14.00 ? 14  ARG A N   1 
ATOM   86   C CA  . ARG A 1 17  ? 6.152   -9.303  5.712   1.00 15.95 ? 14  ARG A CA  1 
ATOM   87   C C   . ARG A 1 17  ? 5.058   -8.528  6.470   1.00 15.04 ? 14  ARG A C   1 
ATOM   88   O O   . ARG A 1 17  ? 5.099   -7.287  6.551   1.00 15.17 ? 14  ARG A O   1 
ATOM   89   C CB  . ARG A 1 17  ? 7.461   -9.329  6.536   1.00 15.85 ? 14  ARG A CB  1 
ATOM   90   C CG  . ARG A 1 17  ? 8.645   -9.957  5.790   1.00 20.99 ? 14  ARG A CG  1 
ATOM   91   C CD  . ARG A 1 17  ? 9.937   -9.992  6.615   1.00 23.45 ? 14  ARG A CD  1 
ATOM   92   N NE  . ARG A 1 17  ? 11.064  -10.447 5.782   1.00 24.68 ? 14  ARG A NE  1 
ATOM   93   C CZ  . ARG A 1 17  ? 12.354  -10.344 6.115   1.00 26.99 ? 14  ARG A CZ  1 
ATOM   94   N NH1 . ARG A 1 17  ? 13.308  -10.776 5.287   1.00 24.36 ? 14  ARG A NH1 1 
ATOM   95   N NH2 . ARG A 1 17  ? 12.711  -9.823  7.281   1.00 27.12 ? 14  ARG A NH2 1 
ATOM   96   N N   . ALA A 1 18  ? 4.057   -9.245  6.978   1.00 15.42 ? 15  ALA A N   1 
ATOM   97   C CA  . ALA A 1 18  ? 3.034   -8.553  7.781   1.00 17.84 ? 15  ALA A CA  1 
ATOM   98   C C   . ALA A 1 18  ? 3.728   -7.829  8.921   1.00 19.92 ? 15  ALA A C   1 
ATOM   99   O O   . ALA A 1 18  ? 4.608   -8.380  9.597   1.00 21.15 ? 15  ALA A O   1 
ATOM   100  C CB  . ALA A 1 18  ? 2.036   -9.524  8.340   1.00 17.61 ? 15  ALA A CB  1 
ATOM   101  N N   . ALA A 1 19  ? 3.375   -6.565  9.118   1.00 21.78 ? 16  ALA A N   1 
ATOM   102  C CA  . ALA A 1 19  ? 3.948   -5.765  10.208  1.00 23.55 ? 16  ALA A CA  1 
ATOM   103  C C   . ALA A 1 19  ? 3.821   -6.518  11.545  1.00 25.73 ? 16  ALA A C   1 
ATOM   104  O O   . ALA A 1 19  ? 2.748   -7.018  11.912  1.00 26.94 ? 16  ALA A O   1 
ATOM   105  C CB  . ALA A 1 19  ? 3.245   -4.426  10.309  1.00 23.57 ? 16  ALA A CB  1 
ATOM   106  N N   . ASP A 1 20  ? 4.925   -6.618  12.253  1.00 28.19 ? 17  ASP A N   1 
ATOM   107  C CA  . ASP A 1 20  ? 4.917   -7.311  13.534  1.00 31.06 ? 17  ASP A CA  1 
ATOM   108  C C   . ASP A 1 20  ? 5.511   -6.454  14.616  1.00 31.47 ? 17  ASP A C   1 
ATOM   109  O O   . ASP A 1 20  ? 6.286   -5.550  14.340  1.00 30.53 ? 17  ASP A O   1 
ATOM   110  C CB  . ASP A 1 20  ? 5.742   -8.590  13.453  1.00 32.96 ? 17  ASP A CB  1 
ATOM   111  C CG  . ASP A 1 20  ? 5.648   -9.394  14.710  1.00 35.96 ? 17  ASP A CG  1 
ATOM   112  O OD1 . ASP A 1 20  ? 4.619   -10.095 14.908  1.00 37.95 ? 17  ASP A OD1 1 
ATOM   113  O OD2 . ASP A 1 20  ? 6.588   -9.303  15.517  1.00 36.48 ? 17  ASP A OD2 1 
ATOM   114  N N   . GLU A 1 21  ? 5.161   -6.751  15.869  1.00 33.03 ? 18  GLU A N   1 
ATOM   115  C CA  . GLU A 1 21  ? 5.714   -5.983  16.966  1.00 35.03 ? 18  GLU A CA  1 
ATOM   116  C C   . GLU A 1 21  ? 7.251   -5.985  16.824  1.00 34.70 ? 18  GLU A C   1 
ATOM   117  O O   . GLU A 1 21  ? 7.904   -4.974  17.100  1.00 34.12 ? 18  GLU A O   1 
ATOM   118  C CB  . GLU A 1 21  ? 5.279   -6.592  18.311  1.00 37.52 ? 18  GLU A CB  1 
ATOM   119  C CG  . GLU A 1 21  ? 4.413   -5.661  19.142  1.00 41.70 ? 18  GLU A CG  1 
ATOM   120  C CD  . GLU A 1 21  ? 5.202   -4.479  19.703  1.00 44.17 ? 18  GLU A CD  1 
ATOM   121  O OE1 . GLU A 1 21  ? 6.140   -4.017  19.008  1.00 45.63 ? 18  GLU A OE1 1 
ATOM   122  O OE2 . GLU A 1 21  ? 4.884   -4.006  20.827  1.00 44.07 ? 18  GLU A OE2 1 
ATOM   123  N N   . SER A 1 22  ? 7.826   -7.101  16.353  1.00 32.96 ? 19  SER A N   1 
ATOM   124  C CA  . SER A 1 22  ? 9.282   -7.148  16.209  1.00 32.62 ? 19  SER A CA  1 
ATOM   125  C C   . SER A 1 22  ? 9.872   -6.119  15.252  1.00 30.95 ? 19  SER A C   1 
ATOM   126  O O   . SER A 1 22  ? 11.068  -5.837  15.310  1.00 31.35 ? 19  SER A O   1 
ATOM   127  C CB  . SER A 1 22  ? 9.746   -8.527  15.751  1.00 33.22 ? 19  SER A CB  1 
ATOM   128  O OG  . SER A 1 22  ? 9.358   -8.779  14.399  1.00 35.64 ? 19  SER A OG  1 
ATOM   129  N N   . HIS A 1 23  ? 9.055   -5.554  14.372  1.00 29.90 ? 20  HIS A N   1 
ATOM   130  C CA  . HIS A 1 23  ? 9.561   -4.583  13.387  1.00 28.70 ? 20  HIS A CA  1 
ATOM   131  C C   . HIS A 1 23  ? 9.613   -3.139  13.907  1.00 28.68 ? 20  HIS A C   1 
ATOM   132  O O   . HIS A 1 23  ? 10.278  -2.278  13.326  1.00 29.43 ? 20  HIS A O   1 
ATOM   133  C CB  . HIS A 1 23  ? 8.653   -4.560  12.117  1.00 27.52 ? 20  HIS A CB  1 
ATOM   134  C CG  . HIS A 1 23  ? 8.479   -5.889  11.437  1.00 26.57 ? 20  HIS A CG  1 
ATOM   135  N ND1 . HIS A 1 23  ? 7.284   -6.576  11.448  1.00 26.63 ? 20  HIS A ND1 1 
ATOM   136  C CD2 . HIS A 1 23  ? 9.343   -6.644  10.715  1.00 27.25 ? 20  HIS A CD2 1 
ATOM   137  C CE1 . HIS A 1 23  ? 7.418   -7.701  10.764  1.00 27.56 ? 20  HIS A CE1 1 
ATOM   138  N NE2 . HIS A 1 23  ? 8.658   -7.769  10.312  1.00 28.09 ? 20  HIS A NE2 1 
ATOM   139  N N   . VAL A 1 24  ? 8.871   -2.872  14.975  1.00 27.53 ? 21  VAL A N   1 
ATOM   140  C CA  . VAL A 1 24  ? 8.750   -1.519  15.482  1.00 26.52 ? 21  VAL A CA  1 
ATOM   141  C C   . VAL A 1 24  ? 10.072  -0.804  15.579  1.00 27.11 ? 21  VAL A C   1 
ATOM   142  O O   . VAL A 1 24  ? 10.223  0.284   15.035  1.00 25.27 ? 21  VAL A O   1 
ATOM   143  C CB  . VAL A 1 24  ? 8.008   -1.486  16.857  1.00 25.72 ? 21  VAL A CB  1 
ATOM   144  C CG1 . VAL A 1 24  ? 8.001   -0.051  17.424  1.00 25.68 ? 21  VAL A CG1 1 
ATOM   145  C CG2 . VAL A 1 24  ? 6.546   -1.966  16.673  1.00 24.18 ? 21  VAL A CG2 1 
ATOM   146  N N   . PRO A 1 25  ? 11.072  -1.429  16.237  1.00 27.46 ? 22  PRO A N   1 
ATOM   147  C CA  . PRO A 1 25  ? 12.382  -0.778  16.376  1.00 27.63 ? 22  PRO A CA  1 
ATOM   148  C C   . PRO A 1 25  ? 12.984  -0.253  15.100  1.00 26.69 ? 22  PRO A C   1 
ATOM   149  O O   . PRO A 1 25  ? 13.471  0.871   15.026  1.00 28.00 ? 22  PRO A O   1 
ATOM   150  C CB  . PRO A 1 25  ? 13.257  -1.865  16.999  1.00 28.00 ? 22  PRO A CB  1 
ATOM   151  C CG  . PRO A 1 25  ? 12.265  -2.712  17.791  1.00 29.46 ? 22  PRO A CG  1 
ATOM   152  C CD  . PRO A 1 25  ? 11.055  -2.770  16.862  1.00 28.33 ? 22  PRO A CD  1 
ATOM   153  N N   . ALA A 1 26  ? 12.986  -1.096  14.080  1.00 27.61 ? 23  ALA A N   1 
ATOM   154  C CA  . ALA A 1 26  ? 13.577  -0.735  12.792  1.00 26.38 ? 23  ALA A CA  1 
ATOM   155  C C   . ALA A 1 26  ? 12.752  0.253   11.938  1.00 26.53 ? 23  ALA A C   1 
ATOM   156  O O   . ALA A 1 26  ? 13.269  1.169   11.269  1.00 25.10 ? 23  ALA A O   1 
ATOM   157  C CB  . ALA A 1 26  ? 13.808  -2.013  12.024  1.00 28.38 ? 23  ALA A CB  1 
ATOM   158  N N   . LEU A 1 27  ? 11.451  0.037   11.928  1.00 26.80 ? 24  LEU A N   1 
ATOM   159  C CA  . LEU A 1 27  ? 10.605  0.936   11.139  1.00 26.52 ? 24  LEU A CA  1 
ATOM   160  C C   . LEU A 1 27  ? 10.679  2.340   11.713  1.00 27.46 ? 24  LEU A C   1 
ATOM   161  O O   . LEU A 1 27  ? 10.793  3.317   10.964  1.00 24.93 ? 24  LEU A O   1 
ATOM   162  C CB  . LEU A 1 27  ? 9.171   0.448   11.175  1.00 25.73 ? 24  LEU A CB  1 
ATOM   163  C CG  . LEU A 1 27  ? 8.110   1.334   10.514  1.00 24.29 ? 24  LEU A CG  1 
ATOM   164  C CD1 . LEU A 1 27  ? 8.290   1.503   8.975   1.00 24.23 ? 24  LEU A CD1 1 
ATOM   165  C CD2 . LEU A 1 27  ? 6.802   0.664   10.872  1.00 24.59 ? 24  LEU A CD2 1 
ATOM   166  N N   . HIS A 1 28  ? 10.641  2.421   13.048  1.00 29.04 ? 25  HIS A N   1 
ATOM   167  C CA  . HIS A 1 28  ? 10.690  3.715   13.724  1.00 31.10 ? 25  HIS A CA  1 
ATOM   168  C C   . HIS A 1 28  ? 11.920  4.423   13.234  1.00 31.38 ? 25  HIS A C   1 
ATOM   169  O O   . HIS A 1 28  ? 11.892  5.607   12.996  1.00 30.76 ? 25  HIS A O   1 
ATOM   170  C CB  . HIS A 1 28  ? 10.764  3.571   15.253  1.00 32.54 ? 25  HIS A CB  1 
ATOM   171  C CG  . HIS A 1 28  ? 10.614  4.875   15.997  1.00 34.03 ? 25  HIS A CG  1 
ATOM   172  N ND1 . HIS A 1 28  ? 9.686   5.836   15.637  1.00 34.58 ? 25  HIS A ND1 1 
ATOM   173  C CD2 . HIS A 1 28  ? 11.229  5.348   17.113  1.00 35.25 ? 25  HIS A CD2 1 
ATOM   174  C CE1 . HIS A 1 28  ? 9.737   6.839   16.499  1.00 35.71 ? 25  HIS A CE1 1 
ATOM   175  N NE2 . HIS A 1 28  ? 10.663  6.570   17.407  1.00 35.17 ? 25  HIS A NE2 1 
ATOM   176  N N   . GLN A 1 29  ? 13.014  3.682   13.091  1.00 32.45 ? 26  GLN A N   1 
ATOM   177  C CA  . GLN A 1 29  ? 14.255  4.274   12.612  1.00 32.90 ? 26  GLN A CA  1 
ATOM   178  C C   . GLN A 1 29  ? 14.067  4.890   11.226  1.00 32.31 ? 26  GLN A C   1 
ATOM   179  O O   . GLN A 1 29  ? 14.561  5.977   10.953  1.00 30.30 ? 26  GLN A O   1 
ATOM   180  C CB  . GLN A 1 29  ? 15.341  3.208   12.539  1.00 35.37 ? 26  GLN A CB  1 
ATOM   181  C CG  . GLN A 1 29  ? 15.972  2.865   13.873  1.00 38.97 ? 26  GLN A CG  1 
ATOM   182  C CD  . GLN A 1 29  ? 16.948  3.947   14.309  1.00 41.33 ? 26  GLN A CD  1 
ATOM   183  O OE1 . GLN A 1 29  ? 16.578  4.870   15.042  1.00 40.90 ? 26  GLN A OE1 1 
ATOM   184  N NE2 . GLN A 1 29  ? 18.201  3.858   13.816  1.00 43.60 ? 26  GLN A NE2 1 
ATOM   185  N N   . LEU A 1 30  ? 13.382  4.163   10.341  1.00 32.44 ? 27  LEU A N   1 
ATOM   186  C CA  . LEU A 1 30  ? 13.134  4.638   8.982   1.00 32.01 ? 27  LEU A CA  1 
ATOM   187  C C   . LEU A 1 30  ? 12.120  5.787   9.015   1.00 32.89 ? 27  LEU A C   1 
ATOM   188  O O   . LEU A 1 30  ? 12.272  6.772   8.282   1.00 31.27 ? 27  LEU A O   1 
ATOM   189  C CB  . LEU A 1 30  ? 12.603  3.480   8.117   1.00 32.81 ? 27  LEU A CB  1 
ATOM   190  C CG  . LEU A 1 30  ? 13.084  3.402   6.657   1.00 33.06 ? 27  LEU A CG  1 
ATOM   191  C CD1 . LEU A 1 30  ? 14.602  3.476   6.627   1.00 31.34 ? 27  LEU A CD1 1 
ATOM   192  C CD2 . LEU A 1 30  ? 12.596  2.115   6.011   1.00 32.39 ? 27  LEU A CD2 1 
ATOM   193  N N   . VAL A 1 31  ? 11.080  5.658   9.854   1.00 32.99 ? 28  VAL A N   1 
ATOM   194  C CA  . VAL A 1 31  ? 10.070  6.736   9.979   1.00 33.80 ? 28  VAL A CA  1 
ATOM   195  C C   . VAL A 1 31  ? 10.823  8.032   10.242  1.00 34.98 ? 28  VAL A C   1 
ATOM   196  O O   . VAL A 1 31  ? 10.732  9.022   9.491   1.00 34.44 ? 28  VAL A O   1 
ATOM   197  C CB  . VAL A 1 31  ? 9.142   6.545   11.187  1.00 33.64 ? 28  VAL A CB  1 
ATOM   198  C CG1 . VAL A 1 31  ? 8.488   7.868   11.541  1.00 33.74 ? 28  VAL A CG1 1 
ATOM   199  C CG2 . VAL A 1 31  ? 8.104   5.492   10.897  1.00 32.98 ? 28  VAL A CG2 1 
ATOM   200  N N   . LEU A 1 32  ? 11.588  7.980   11.327  1.00 35.57 ? 29  LEU A N   1 
ATOM   201  C CA  . LEU A 1 32  ? 12.394  9.097   11.764  1.00 36.57 ? 29  LEU A CA  1 
ATOM   202  C C   . LEU A 1 32  ? 13.300  9.573   10.654  1.00 35.73 ? 29  LEU A C   1 
ATOM   203  O O   . LEU A 1 32  ? 13.391  10.757  10.388  1.00 35.51 ? 29  LEU A O   1 
ATOM   204  C CB  . LEU A 1 32  ? 13.242  8.673   12.953  1.00 37.58 ? 29  LEU A CB  1 
ATOM   205  C CG  . LEU A 1 32  ? 13.883  9.831   13.674  1.00 40.37 ? 29  LEU A CG  1 
ATOM   206  C CD1 . LEU A 1 32  ? 12.895  11.036  13.710  1.00 41.04 ? 29  LEU A CD1 1 
ATOM   207  C CD2 . LEU A 1 32  ? 14.269  9.345   15.059  1.00 40.64 ? 29  LEU A CD2 1 
ATOM   208  N N   . LYS A 1 33  ? 13.977  8.627   10.007  1.00 35.41 ? 30  LYS A N   1 
ATOM   209  C CA  . LYS A 1 33  ? 14.901  8.963   8.941   1.00 33.39 ? 30  LYS A CA  1 
ATOM   210  C C   . LYS A 1 33  ? 14.249  9.660   7.736   1.00 32.70 ? 30  LYS A C   1 
ATOM   211  O O   . LYS A 1 33  ? 14.882  10.493  7.070   1.00 33.51 ? 30  LYS A O   1 
ATOM   212  C CB  . LYS A 1 33  ? 15.618  7.694   8.473   1.00 32.42 ? 30  LYS A CB  1 
ATOM   213  C CG  . LYS A 1 33  ? 16.605  7.971   7.343   1.00 32.25 ? 30  LYS A CG  1 
ATOM   214  C CD  . LYS A 1 33  ? 16.890  6.741   6.495   1.00 30.91 ? 30  LYS A CD  1 
ATOM   215  C CE  . LYS A 1 33  ? 17.754  7.141   5.343   1.00 28.40 ? 30  LYS A CE  1 
ATOM   216  N NZ  . LYS A 1 33  ? 17.616  6.213   4.214   1.00 27.15 ? 30  LYS A NZ  1 
ATOM   217  N N   . ASN A 1 34  ? 13.012  9.278   7.425   1.00 31.06 ? 31  ASN A N   1 
ATOM   218  C CA  . ASN A 1 34  ? 12.266  9.829   6.264   1.00 29.55 ? 31  ASN A CA  1 
ATOM   219  C C   . ASN A 1 34  ? 11.157  10.803  6.737   1.00 29.82 ? 31  ASN A C   1 
ATOM   220  O O   . ASN A 1 34  ? 10.247  11.187  5.966   1.00 28.54 ? 31  ASN A O   1 
ATOM   221  C CB  . ASN A 1 34  ? 11.619  8.660   5.463   1.00 27.00 ? 31  ASN A CB  1 
ATOM   222  C CG  . ASN A 1 34  ? 12.658  7.792   4.719   1.00 22.74 ? 31  ASN A CG  1 
ATOM   223  O OD1 . ASN A 1 34  ? 13.022  8.081   3.609   1.00 22.73 ? 31  ASN A OD1 1 
ATOM   224  N ND2 . ASN A 1 34  ? 13.130  6.754   5.365   1.00 23.09 ? 31  ASN A ND2 1 
ATOM   225  N N   . THR A 1 54  ? 5.293   5.235   17.348  1.00 24.16 ? 51  THR A N   1 
ATOM   226  C CA  . THR A 1 54  ? 5.421   4.248   16.259  1.00 25.47 ? 51  THR A CA  1 
ATOM   227  C C   . THR A 1 54  ? 4.897   2.891   16.661  1.00 25.98 ? 51  THR A C   1 
ATOM   228  O O   . THR A 1 54  ? 4.188   2.243   15.888  1.00 23.44 ? 51  THR A O   1 
ATOM   229  C CB  . THR A 1 54  ? 6.880   4.064   15.775  1.00 25.37 ? 51  THR A CB  1 
ATOM   230  O OG1 . THR A 1 54  ? 7.312   5.234   15.082  1.00 24.12 ? 51  THR A OG1 1 
ATOM   231  C CG2 . THR A 1 54  ? 6.982   2.846   14.828  1.00 26.59 ? 51  THR A CG2 1 
ATOM   232  N N   . ARG A 1 55  ? 5.245   2.475   17.884  1.00 26.64 ? 52  ARG A N   1 
ATOM   233  C CA  . ARG A 1 55  ? 4.807   1.212   18.430  1.00 27.27 ? 52  ARG A CA  1 
ATOM   234  C C   . ARG A 1 55  ? 3.300   1.208   18.507  1.00 27.70 ? 52  ARG A C   1 
ATOM   235  O O   . ARG A 1 55  ? 2.661   0.266   18.112  1.00 26.59 ? 52  ARG A O   1 
ATOM   236  C CB  . ARG A 1 55  ? 5.377   1.023   19.841  1.00 29.40 ? 52  ARG A CB  1 
ATOM   237  C CG  . ARG A 1 55  ? 5.167   -0.360  20.439  1.00 31.19 ? 52  ARG A CG  1 
ATOM   238  C CD  . ARG A 1 55  ? 5.952   -0.456  21.769  1.00 33.35 ? 52  ARG A CD  1 
ATOM   239  N NE  . ARG A 1 55  ? 7.375   -0.120  21.635  1.00 35.62 ? 52  ARG A NE  1 
ATOM   240  C CZ  . ARG A 1 55  ? 8.321   -0.961  21.211  1.00 36.94 ? 52  ARG A CZ  1 
ATOM   241  N NH1 . ARG A 1 55  ? 8.013   -2.212  20.870  1.00 36.70 ? 52  ARG A NH1 1 
ATOM   242  N NH2 . ARG A 1 55  ? 9.584   -0.543  21.127  1.00 37.90 ? 52  ARG A NH2 1 
ATOM   243  N N   . LYS A 1 56  ? 2.749   2.282   19.056  1.00 27.06 ? 53  LYS A N   1 
ATOM   244  C CA  . LYS A 1 56  ? 1.333   2.418   19.173  1.00 27.32 ? 53  LYS A CA  1 
ATOM   245  C C   . LYS A 1 56  ? 0.757   2.331   17.762  1.00 26.40 ? 53  LYS A C   1 
ATOM   246  O O   . LYS A 1 56  ? -0.231  1.634   17.532  1.00 25.60 ? 53  LYS A O   1 
ATOM   247  C CB  . LYS A 1 56  ? 0.985   3.780   19.794  1.00 29.96 ? 53  LYS A CB  1 
ATOM   248  C CG  . LYS A 1 56  ? -0.510  4.078   19.739  1.00 34.34 ? 53  LYS A CG  1 
ATOM   249  C CD  . LYS A 1 56  ? -0.908  5.320   20.528  1.00 36.42 ? 53  LYS A CD  1 
ATOM   250  C CE  . LYS A 1 56  ? -2.391  5.688   20.325  1.00 39.28 ? 53  LYS A CE  1 
ATOM   251  N NZ  . LYS A 1 56  ? -3.396  4.975   21.200  1.00 38.78 ? 53  LYS A NZ  1 
ATOM   252  N N   . HIS A 1 57  ? 1.375   3.049   16.821  1.00 24.46 ? 54  HIS A N   1 
ATOM   253  C CA  . HIS A 1 57  ? 0.868   3.050   15.446  1.00 25.48 ? 54  HIS A CA  1 
ATOM   254  C C   . HIS A 1 57  ? 0.890   1.617   14.931  1.00 23.25 ? 54  HIS A C   1 
ATOM   255  O O   . HIS A 1 57  ? -0.105  1.112   14.425  1.00 23.26 ? 54  HIS A O   1 
ATOM   256  C CB  . HIS A 1 57  ? 1.724   3.954   14.542  1.00 26.45 ? 54  HIS A CB  1 
ATOM   257  C CG  . HIS A 1 57  ? 1.205   4.081   13.131  1.00 29.21 ? 54  HIS A CG  1 
ATOM   258  N ND1 . HIS A 1 57  ? 0.110   4.853   12.799  1.00 30.29 ? 54  HIS A ND1 1 
ATOM   259  C CD2 . HIS A 1 57  ? 1.618   3.512   11.973  1.00 29.72 ? 54  HIS A CD2 1 
ATOM   260  C CE1 . HIS A 1 57  ? -0.135  4.744   11.504  1.00 30.46 ? 54  HIS A CE1 1 
ATOM   261  N NE2 . HIS A 1 57  ? 0.764   3.934   10.981  1.00 31.47 ? 54  HIS A NE2 1 
ATOM   262  N N   . VAL A 1 58  ? 2.036   0.951   15.075  1.00 23.35 ? 55  VAL A N   1 
ATOM   263  C CA  . VAL A 1 58  ? 2.138   -0.408  14.620  1.00 22.61 ? 55  VAL A CA  1 
ATOM   264  C C   . VAL A 1 58  ? 1.197   -1.377  15.351  1.00 24.85 ? 55  VAL A C   1 
ATOM   265  O O   . VAL A 1 58  ? 0.494   -2.158  14.702  1.00 23.56 ? 55  VAL A O   1 
ATOM   266  C CB  . VAL A 1 58  ? 3.589   -0.887  14.689  1.00 22.64 ? 55  VAL A CB  1 
ATOM   267  C CG1 . VAL A 1 58  ? 3.656   -2.388  14.417  1.00 18.65 ? 55  VAL A CG1 1 
ATOM   268  C CG2 . VAL A 1 58  ? 4.448   -0.055  13.713  1.00 23.18 ? 55  VAL A CG2 1 
ATOM   269  N N   . GLN A 1 59  ? 1.174   -1.333  16.694  1.00 24.61 ? 56  GLN A N   1 
ATOM   270  C CA  . GLN A 1 59  ? 0.288   -2.216  17.414  1.00 25.86 ? 56  GLN A CA  1 
ATOM   271  C C   . GLN A 1 59  ? -1.136  -1.994  16.932  1.00 23.79 ? 56  GLN A C   1 
ATOM   272  O O   . GLN A 1 59  ? -1.853  -2.945  16.715  1.00 24.47 ? 56  GLN A O   1 
ATOM   273  C CB  . GLN A 1 59  ? 0.427   -1.995  18.934  1.00 28.84 ? 56  GLN A CB  1 
ATOM   274  C CG  . GLN A 1 59  ? 1.874   -2.309  19.405  1.00 32.94 ? 56  GLN A CG  1 
ATOM   275  C CD  . GLN A 1 59  ? 2.248   -1.808  20.826  1.00 35.62 ? 56  GLN A CD  1 
ATOM   276  O OE1 . GLN A 1 59  ? 2.170   -0.609  21.142  1.00 36.80 ? 56  GLN A OE1 1 
ATOM   277  N NE2 . GLN A 1 59  ? 2.689   -2.739  21.666  1.00 37.18 ? 56  GLN A NE2 1 
ATOM   278  N N   . GLY A 1 60  ? -1.524  -0.738  16.729  1.00 23.95 ? 57  GLY A N   1 
ATOM   279  C CA  . GLY A 1 60  ? -2.870  -0.440  16.244  1.00 21.28 ? 57  GLY A CA  1 
ATOM   280  C C   . GLY A 1 60  ? -3.106  -1.020  14.859  1.00 20.41 ? 57  GLY A C   1 
ATOM   281  O O   . GLY A 1 60  ? -4.168  -1.612  14.574  1.00 18.19 ? 57  GLY A O   1 
ATOM   282  N N   . ASN A 1 61  ? -2.094  -0.943  13.988  1.00 19.86 ? 58  ASN A N   1 
ATOM   283  C CA  . ASN A 1 61  ? -2.350  -1.484  12.633  1.00 19.77 ? 58  ASN A CA  1 
ATOM   284  C C   . ASN A 1 61  ? -2.414  -3.033  12.588  1.00 19.69 ? 58  ASN A C   1 
ATOM   285  O O   . ASN A 1 61  ? -3.150  -3.617  11.777  1.00 19.26 ? 58  ASN A O   1 
ATOM   286  C CB  . ASN A 1 61  ? -1.321  -0.894  11.676  1.00 20.48 ? 58  ASN A CB  1 
ATOM   287  C CG  . ASN A 1 61  ? -1.645  0.569   11.331  1.00 20.91 ? 58  ASN A CG  1 
ATOM   288  O OD1 . ASN A 1 61  ? -0.805  1.330   10.843  1.00 22.00 ? 58  ASN A OD1 1 
ATOM   289  N ND2 . ASN A 1 61  ? -2.889  0.950   11.576  1.00 21.22 ? 58  ASN A ND2 1 
ATOM   290  N N   . ILE A 1 62  ? -1.677  -3.679  13.494  1.00 20.67 ? 59  ILE A N   1 
ATOM   291  C CA  . ILE A 1 62  ? -1.631  -5.143  13.641  1.00 20.42 ? 59  ILE A CA  1 
ATOM   292  C C   . ILE A 1 62  ? -3.032  -5.634  14.000  1.00 20.01 ? 59  ILE A C   1 
ATOM   293  O O   . ILE A 1 62  ? -3.497  -6.617  13.434  1.00 20.44 ? 59  ILE A O   1 
ATOM   294  C CB  . ILE A 1 62  ? -0.556  -5.559  14.732  1.00 19.38 ? 59  ILE A CB  1 
ATOM   295  C CG1 . ILE A 1 62  ? 0.851   -5.201  14.219  1.00 20.88 ? 59  ILE A CG1 1 
ATOM   296  C CG2 . ILE A 1 62  ? -0.653  -7.034  15.055  1.00 22.39 ? 59  ILE A CG2 1 
ATOM   297  C CD1 . ILE A 1 62  ? 1.983   -5.515  15.134  1.00 21.30 ? 59  ILE A CD1 1 
ATOM   298  N N   . LEU A 1 63  ? -3.723  -4.940  14.910  1.00 20.66 ? 60  LEU A N   1 
ATOM   299  C CA  . LEU A 1 63  ? -5.086  -5.332  15.296  1.00 21.48 ? 60  LEU A CA  1 
ATOM   300  C C   . LEU A 1 63  ? -6.018  -5.279  14.096  1.00 21.38 ? 60  LEU A C   1 
ATOM   301  O O   . LEU A 1 63  ? -6.766  -6.218  13.863  1.00 21.26 ? 60  LEU A O   1 
ATOM   302  C CB  . LEU A 1 63  ? -5.637  -4.426  16.406  1.00 23.12 ? 60  LEU A CB  1 
ATOM   303  C CG  . LEU A 1 63  ? -4.718  -4.500  17.622  1.00 24.68 ? 60  LEU A CG  1 
ATOM   304  C CD1 . LEU A 1 63  ? -5.226  -3.536  18.681  1.00 26.61 ? 60  LEU A CD1 1 
ATOM   305  C CD2 . LEU A 1 63  ? -4.670  -5.942  18.156  1.00 24.90 ? 60  LEU A CD2 1 
ATOM   306  N N   . LEU A 1 64  ? -5.986  -4.187  13.315  1.00 19.93 ? 61  LEU A N   1 
ATOM   307  C CA  . LEU A 1 64  ? -6.833  -4.111  12.124  1.00 19.30 ? 61  LEU A CA  1 
ATOM   308  C C   . LEU A 1 64  ? -6.455  -5.238  11.132  1.00 19.04 ? 61  LEU A C   1 
ATOM   309  O O   . LEU A 1 64  ? -7.317  -5.830  10.458  1.00 21.93 ? 61  LEU A O   1 
ATOM   310  C CB  . LEU A 1 64  ? -6.637  -2.743  11.419  1.00 18.89 ? 61  LEU A CB  1 
ATOM   311  C CG  . LEU A 1 64  ? -7.032  -1.520  12.270  1.00 19.83 ? 61  LEU A CG  1 
ATOM   312  C CD1 . LEU A 1 64  ? -6.769  -0.192  11.543  1.00 20.16 ? 61  LEU A CD1 1 
ATOM   313  C CD2 . LEU A 1 64  ? -8.509  -1.697  12.675  1.00 19.36 ? 61  LEU A CD2 1 
ATOM   314  N N   . HIS A 1 65  ? -5.168  -5.514  11.039  1.00 19.05 ? 62  HIS A N   1 
ATOM   315  C CA  . HIS A 1 65  ? -4.663  -6.516  10.103  1.00 19.85 ? 62  HIS A CA  1 
ATOM   316  C C   . HIS A 1 65  ? -5.239  -7.897  10.444  1.00 21.32 ? 62  HIS A C   1 
ATOM   317  O O   . HIS A 1 65  ? -5.690  -8.619  9.565   1.00 21.41 ? 62  HIS A O   1 
ATOM   318  C CB  . HIS A 1 65  ? -3.118  -6.467  10.105  1.00 18.49 ? 62  HIS A CB  1 
ATOM   319  C CG  . HIS A 1 65  ? -2.468  -7.269  9.007   1.00 19.05 ? 62  HIS A CG  1 
ATOM   320  N ND1 . HIS A 1 65  ? -1.500  -6.741  8.174   1.00 17.09 ? 62  HIS A ND1 1 
ATOM   321  C CD2 . HIS A 1 65  ? -2.521  -8.594  8.719   1.00 19.55 ? 62  HIS A CD2 1 
ATOM   322  C CE1 . HIS A 1 65  ? -0.971  -7.710  7.443   1.00 19.18 ? 62  HIS A CE1 1 
ATOM   323  N NE2 . HIS A 1 65  ? -1.574  -8.846  7.756   1.00 18.53 ? 62  HIS A NE2 1 
ATOM   324  N N   . GLN A 1 66  ? -5.302  -8.226  11.728  1.00 23.30 ? 63  GLN A N   1 
ATOM   325  C CA  . GLN A 1 66  ? -5.825  -9.527  12.153  1.00 24.71 ? 63  GLN A CA  1 
ATOM   326  C C   . GLN A 1 66  ? -7.335  -9.610  11.952  1.00 24.47 ? 63  GLN A C   1 
ATOM   327  O O   . GLN A 1 66  ? -7.906  -10.699 11.840  1.00 23.57 ? 63  GLN A O   1 
ATOM   328  C CB  . GLN A 1 66  ? -5.505  -9.780  13.639  1.00 27.40 ? 63  GLN A CB  1 
ATOM   329  C CG  . GLN A 1 66  ? -4.015  -9.764  14.035  1.00 32.06 ? 63  GLN A CG  1 
ATOM   330  C CD  . GLN A 1 66  ? -3.784  -9.812  15.566  1.00 35.24 ? 63  GLN A CD  1 
ATOM   331  O OE1 . GLN A 1 66  ? -4.564  -9.239  16.354  1.00 36.13 ? 63  GLN A OE1 1 
ATOM   332  N NE2 . GLN A 1 66  ? -2.703  -10.486 15.987  1.00 37.99 ? 63  GLN A NE2 1 
ATOM   333  N N   . ARG A 1 67  ? -7.996  -8.466  11.899  1.00 22.94 ? 64  ARG A N   1 
ATOM   334  C CA  . ARG A 1 67  ? -9.432  -8.477  11.736  1.00 24.49 ? 64  ARG A CA  1 
ATOM   335  C C   . ARG A 1 67  ? -9.876  -8.309  10.295  1.00 23.43 ? 64  ARG A C   1 
ATOM   336  O O   . ARG A 1 67  ? -11.047 -8.514  9.951   1.00 23.79 ? 64  ARG A O   1 
ATOM   337  C CB  . ARG A 1 67  ? -10.013 -7.415  12.663  1.00 27.18 ? 64  ARG A CB  1 
ATOM   338  C CG  . ARG A 1 67  ? -9.464  -7.593  14.101  1.00 27.62 ? 64  ARG A CG  1 
ATOM   339  C CD  . ARG A 1 67  ? -9.992  -6.580  15.093  1.00 29.26 ? 64  ARG A CD  1 
ATOM   340  N NE  . ARG A 1 67  ? -9.797  -6.983  16.500  1.00 29.22 ? 64  ARG A NE  1 
ATOM   341  C CZ  . ARG A 1 67  ? -8.653  -7.430  17.020  1.00 29.08 ? 64  ARG A CZ  1 
ATOM   342  N NH1 . ARG A 1 67  ? -8.600  -7.766  18.302  1.00 27.82 ? 64  ARG A NH1 1 
ATOM   343  N NH2 . ARG A 1 67  ? -7.561  -7.558  16.256  1.00 30.36 ? 64  ARG A NH2 1 
ATOM   344  N N   . GLY A 1 68  ? -8.910  -8.001  9.430   1.00 23.16 ? 65  GLY A N   1 
ATOM   345  C CA  . GLY A 1 68  ? -9.221  -7.797  8.025   1.00 21.63 ? 65  GLY A CA  1 
ATOM   346  C C   . GLY A 1 68  ? -9.852  -6.434  7.792   1.00 20.37 ? 65  GLY A C   1 
ATOM   347  O O   . GLY A 1 68  ? -10.622 -6.270  6.823   1.00 20.88 ? 65  GLY A O   1 
ATOM   348  N N   . TYR A 1 69  ? -9.538  -5.469  8.663   1.00 19.88 ? 66  TYR A N   1 
ATOM   349  C CA  . TYR A 1 69  ? -10.087 -4.119  8.543   1.00 17.97 ? 66  TYR A CA  1 
ATOM   350  C C   . TYR A 1 69  ? -9.143  -3.191  7.821   1.00 17.04 ? 66  TYR A C   1 
ATOM   351  O O   . TYR A 1 69  ? -9.544  -2.083  7.414   1.00 15.97 ? 66  TYR A O   1 
ATOM   352  C CB  . TYR A 1 69  ? -10.385 -3.506  9.903   1.00 18.99 ? 66  TYR A CB  1 
ATOM   353  C CG  . TYR A 1 69  ? -11.574 -4.153  10.581  1.00 22.79 ? 66  TYR A CG  1 
ATOM   354  C CD1 . TYR A 1 69  ? -11.745 -4.041  11.949  1.00 24.74 ? 66  TYR A CD1 1 
ATOM   355  C CD2 . TYR A 1 69  ? -12.465 -4.965  9.852   1.00 23.88 ? 66  TYR A CD2 1 
ATOM   356  C CE1 . TYR A 1 69  ? -12.781 -4.744  12.605  1.00 28.01 ? 66  TYR A CE1 1 
ATOM   357  C CE2 . TYR A 1 69  ? -13.497 -5.674  10.492  1.00 26.22 ? 66  TYR A CE2 1 
ATOM   358  C CZ  . TYR A 1 69  ? -13.642 -5.559  11.874  1.00 28.22 ? 66  TYR A CZ  1 
ATOM   359  O OH  . TYR A 1 69  ? -14.639 -6.283  12.561  1.00 30.26 ? 66  TYR A OH  1 
ATOM   360  N N   . ALA A 1 70  ? -7.918  -3.667  7.652   1.00 15.18 ? 67  ALA A N   1 
ATOM   361  C CA  . ALA A 1 70  ? -6.811  -2.934  6.991   1.00 14.90 ? 67  ALA A CA  1 
ATOM   362  C C   . ALA A 1 70  ? -5.663  -3.940  6.921   1.00 14.47 ? 67  ALA A C   1 
ATOM   363  O O   . ALA A 1 70  ? -5.776  -5.023  7.476   1.00 15.95 ? 67  ALA A O   1 
ATOM   364  C CB  . ALA A 1 70  ? -6.354  -1.714  7.891   1.00 13.94 ? 67  ALA A CB  1 
ATOM   365  N N   . LYS A 1 71  ? -4.569  -3.606  6.230   1.00 13.63 ? 68  LYS A N   1 
ATOM   366  C CA  . LYS A 1 71  ? -3.405  -4.488  6.230   1.00 14.42 ? 68  LYS A CA  1 
ATOM   367  C C   . LYS A 1 71  ? -2.201  -3.626  6.293   1.00 13.37 ? 68  LYS A C   1 
ATOM   368  O O   . LYS A 1 71  ? -2.181  -2.519  5.711   1.00 15.10 ? 68  LYS A O   1 
ATOM   369  C CB  . LYS A 1 71  ? -3.308  -5.349  4.966   1.00 11.69 ? 68  LYS A CB  1 
ATOM   370  C CG  . LYS A 1 71  ? -4.464  -6.390  4.808   1.00 11.43 ? 68  LYS A CG  1 
ATOM   371  C CD  . LYS A 1 71  ? -4.351  -7.531  5.922   1.00 10.19 ? 68  LYS A CD  1 
ATOM   372  C CE  . LYS A 1 71  ? -5.614  -8.447  5.935   1.00 13.41 ? 68  LYS A CE  1 
ATOM   373  N NZ  . LYS A 1 71  ? -5.360  -9.436  7.060   1.00 14.70 ? 68  LYS A NZ  1 
ATOM   374  N N   . MET A 1 72  ? -1.193  -4.064  7.037   1.00 13.51 ? 69  MET A N   1 
ATOM   375  C CA  . MET A 1 72  ? 0.017   -3.292  7.020   1.00 14.46 ? 69  MET A CA  1 
ATOM   376  C C   . MET A 1 72  ? 1.187   -4.261  6.763   1.00 16.64 ? 69  MET A C   1 
ATOM   377  O O   . MET A 1 72  ? 1.445   -5.132  7.599   1.00 17.02 ? 69  MET A O   1 
ATOM   378  C CB  . MET A 1 72  ? 0.252   -2.538  8.331   1.00 15.80 ? 69  MET A CB  1 
ATOM   379  C CG  . MET A 1 72  ? 1.586   -1.807  8.299   1.00 15.93 ? 69  MET A CG  1 
ATOM   380  S SD  . MET A 1 72  ? 1.880   -1.081  9.913   1.00 20.12 ? 69  MET A SD  1 
ATOM   381  C CE  . MET A 1 72  ? 3.184   -0.207  9.591   1.00 18.02 ? 69  MET A CE  1 
ATOM   382  N N   . TYR A 1 73  ? 1.848   -4.122  5.596   1.00 13.36 ? 70  TYR A N   1 
ATOM   383  C CA  . TYR A 1 73  ? 2.982   -4.956  5.291   1.00 14.11 ? 70  TYR A CA  1 
ATOM   384  C C   . TYR A 1 73  ? 4.255   -4.119  5.184   1.00 13.08 ? 70  TYR A C   1 
ATOM   385  O O   . TYR A 1 73  ? 4.258   -2.960  4.764   1.00 15.14 ? 70  TYR A O   1 
ATOM   386  C CB  . TYR A 1 73  ? 2.735   -5.716  3.949   1.00 11.43 ? 70  TYR A CB  1 
ATOM   387  C CG  . TYR A 1 73  ? 1.624   -6.735  3.987   1.00 14.69 ? 70  TYR A CG  1 
ATOM   388  C CD1 . TYR A 1 73  ? 1.860   -8.043  4.455   1.00 14.69 ? 70  TYR A CD1 1 
ATOM   389  C CD2 . TYR A 1 73  ? 0.340   -6.416  3.550   1.00 13.66 ? 70  TYR A CD2 1 
ATOM   390  C CE1 . TYR A 1 73  ? 0.802   -9.016  4.484   1.00 14.54 ? 70  TYR A CE1 1 
ATOM   391  C CE2 . TYR A 1 73  ? -0.707  -7.355  3.592   1.00 16.77 ? 70  TYR A CE2 1 
ATOM   392  C CZ  . TYR A 1 73  ? -0.467  -8.652  4.055   1.00 14.77 ? 70  TYR A CZ  1 
ATOM   393  O OH  . TYR A 1 73  ? -1.495  -9.586  4.054   1.00 14.88 ? 70  TYR A OH  1 
ATOM   394  N N   . LEU A 1 74  ? 5.365   -4.736  5.557   1.00 15.06 ? 71  LEU A N   1 
ATOM   395  C CA  . LEU A 1 74  ? 6.681   -4.147  5.452   1.00 13.62 ? 71  LEU A CA  1 
ATOM   396  C C   . LEU A 1 74  ? 7.363   -4.758  4.196   1.00 14.18 ? 71  LEU A C   1 
ATOM   397  O O   . LEU A 1 74  ? 7.322   -5.987  3.991   1.00 14.28 ? 71  LEU A O   1 
ATOM   398  C CB  . LEU A 1 74  ? 7.503   -4.495  6.707   1.00 15.18 ? 71  LEU A CB  1 
ATOM   399  C CG  . LEU A 1 74  ? 7.056   -3.709  7.924   1.00 18.98 ? 71  LEU A CG  1 
ATOM   400  C CD1 . LEU A 1 74  ? 8.030   -3.936  9.091   1.00 20.25 ? 71  LEU A CD1 1 
ATOM   401  C CD2 . LEU A 1 74  ? 7.130   -2.223  7.562   1.00 19.50 ? 71  LEU A CD2 1 
ATOM   402  N N   . ILE A 1 75  ? 7.945   -3.900  3.373   1.00 12.83 ? 72  ILE A N   1 
ATOM   403  C CA  . ILE A 1 75  ? 8.650   -4.272  2.134   1.00 14.67 ? 72  ILE A CA  1 
ATOM   404  C C   . ILE A 1 75  ? 10.127  -4.444  2.484   1.00 16.22 ? 72  ILE A C   1 
ATOM   405  O O   . ILE A 1 75  ? 10.736  -3.495  2.986   1.00 14.21 ? 72  ILE A O   1 
ATOM   406  C CB  . ILE A 1 75  ? 8.568   -3.128  1.077   1.00 13.52 ? 72  ILE A CB  1 
ATOM   407  C CG1 . ILE A 1 75  ? 7.127   -2.897  0.568   1.00 13.17 ? 72  ILE A CG1 1 
ATOM   408  C CG2 . ILE A 1 75  ? 9.428   -3.478  -0.185  1.00 14.29 ? 72  ILE A CG2 1 
ATOM   409  C CD1 . ILE A 1 75  ? 7.054   -1.458  -0.109  1.00 17.73 ? 72  ILE A CD1 1 
ATOM   410  N N   . PHE A 1 76  ? 10.683  -5.624  2.187   1.00 14.79 ? 73  PHE A N   1 
ATOM   411  C CA  . PHE A 1 76  ? 12.091  -5.943  2.426   1.00 18.00 ? 73  PHE A CA  1 
ATOM   412  C C   . PHE A 1 76  ? 12.753  -6.223  1.104   1.00 16.78 ? 73  PHE A C   1 
ATOM   413  O O   . PHE A 1 76  ? 12.226  -6.954  0.276   1.00 16.02 ? 73  PHE A O   1 
ATOM   414  C CB  . PHE A 1 76  ? 12.258  -7.161  3.318   1.00 18.95 ? 73  PHE A CB  1 
ATOM   415  C CG  . PHE A 1 76  ? 11.975  -6.880  4.737   1.00 22.72 ? 73  PHE A CG  1 
ATOM   416  C CD1 . PHE A 1 76  ? 10.678  -7.017  5.257   1.00 22.20 ? 73  PHE A CD1 1 
ATOM   417  C CD2 . PHE A 1 76  ? 12.998  -6.444  5.566   1.00 23.97 ? 73  PHE A CD2 1 
ATOM   418  C CE1 . PHE A 1 76  ? 10.420  -6.713  6.583   1.00 22.83 ? 73  PHE A CE1 1 
ATOM   419  C CE2 . PHE A 1 76  ? 12.753  -6.139  6.892   1.00 22.85 ? 73  PHE A CE2 1 
ATOM   420  C CZ  . PHE A 1 76  ? 11.453  -6.278  7.402   1.00 24.33 ? 73  PHE A CZ  1 
ATOM   421  N N   . CYS A 1 77  ? 13.908  -5.613  0.916   1.00 17.32 ? 74  CYS A N   1 
ATOM   422  C CA  . CYS A 1 77  ? 14.640  -5.780  -0.333  1.00 18.14 ? 74  CYS A CA  1 
ATOM   423  C C   . CYS A 1 77  ? 15.990  -6.354  0.092   1.00 19.22 ? 74  CYS A C   1 
ATOM   424  O O   . CYS A 1 77  ? 16.708  -5.685  0.820   1.00 19.91 ? 74  CYS A O   1 
ATOM   425  C CB  . CYS A 1 77  ? 14.786  -4.398  -0.985  1.00 16.28 ? 74  CYS A CB  1 
ATOM   426  S SG  . CYS A 1 77  ? 15.973  -4.302  -2.407  1.00 20.79 ? 74  CYS A SG  1 
ATOM   427  N N   . GLN A 1 78  ? 16.329  -7.562  -0.377  1.00 20.83 ? 75  GLN A N   1 
ATOM   428  C CA  . GLN A 1 78  ? 17.575  -8.235  0.019   1.00 22.95 ? 75  GLN A CA  1 
ATOM   429  C C   . GLN A 1 78  ? 17.720  -8.221  1.558   1.00 24.49 ? 75  GLN A C   1 
ATOM   430  O O   . GLN A 1 78  ? 18.820  -7.983  2.088   1.00 25.88 ? 75  GLN A O   1 
ATOM   431  C CB  . GLN A 1 78  ? 18.792  -7.558  -0.598  1.00 23.99 ? 75  GLN A CB  1 
ATOM   432  C CG  . GLN A 1 78  ? 18.740  -7.451  -2.137  1.00 28.93 ? 75  GLN A CG  1 
ATOM   433  C CD  . GLN A 1 78  ? 20.125  -7.292  -2.756  1.00 30.95 ? 75  GLN A CD  1 
ATOM   434  O OE1 . GLN A 1 78  ? 20.270  -7.085  -3.957  1.00 30.77 ? 75  GLN A OE1 1 
ATOM   435  N NE2 . GLN A 1 78  ? 21.160  -7.412  -1.917  1.00 33.02 ? 75  GLN A NE2 1 
ATOM   436  N N   . ASN A 1 79  ? 16.602  -8.450  2.249   1.00 24.35 ? 76  ASN A N   1 
ATOM   437  C CA  . ASN A 1 79  ? 16.519  -8.499  3.720   1.00 25.32 ? 76  ASN A CA  1 
ATOM   438  C C   . ASN A 1 79  ? 16.630  -7.199  4.523   1.00 24.89 ? 76  ASN A C   1 
ATOM   439  O O   . ASN A 1 79  ? 16.655  -7.227  5.751   1.00 26.25 ? 76  ASN A O   1 
ATOM   440  C CB  . ASN A 1 79  ? 17.535  -9.517  4.274   1.00 26.05 ? 76  ASN A CB  1 
ATOM   441  C CG  . ASN A 1 79  ? 17.158  -10.934 3.914   1.00 27.51 ? 76  ASN A CG  1 
ATOM   442  O OD1 . ASN A 1 79  ? 16.021  -11.324 4.108   1.00 26.10 ? 76  ASN A OD1 1 
ATOM   443  N ND2 . ASN A 1 79  ? 18.110  -11.700 3.357   1.00 27.20 ? 76  ASN A ND2 1 
ATOM   444  N N   . GLU A 1 80  ? 16.652  -6.069  3.840   1.00 24.74 ? 77  GLU A N   1 
ATOM   445  C CA  . GLU A 1 80  ? 16.728  -4.769  4.492   1.00 24.71 ? 77  GLU A CA  1 
ATOM   446  C C   . GLU A 1 80  ? 15.334  -4.144  4.444   1.00 24.45 ? 77  GLU A C   1 
ATOM   447  O O   . GLU A 1 80  ? 14.678  -4.203  3.423   1.00 21.62 ? 77  GLU A O   1 
ATOM   448  C CB  . GLU A 1 80  ? 17.681  -3.874  3.727   1.00 26.87 ? 77  GLU A CB  1 
ATOM   449  C CG  . GLU A 1 80  ? 18.098  -2.685  4.518   1.00 30.84 ? 77  GLU A CG  1 
ATOM   450  C CD  . GLU A 1 80  ? 18.984  -1.762  3.750   1.00 32.44 ? 77  GLU A CD  1 
ATOM   451  O OE1 . GLU A 1 80  ? 19.701  -2.212  2.816   1.00 34.11 ? 77  GLU A OE1 1 
ATOM   452  O OE2 . GLU A 1 80  ? 18.976  -0.565  4.104   1.00 33.43 ? 77  GLU A OE2 1 
ATOM   453  N N   . MET A 1 81  ? 14.878  -3.543  5.529   1.00 21.14 ? 78  MET A N   1 
ATOM   454  C CA  . MET A 1 81  ? 13.539  -2.939  5.450   1.00 21.50 ? 78  MET A CA  1 
ATOM   455  C C   . MET A 1 81  ? 13.585  -1.726  4.500   1.00 19.70 ? 78  MET A C   1 
ATOM   456  O O   . MET A 1 81  ? 14.459  -0.860  4.602   1.00 22.89 ? 78  MET A O   1 
ATOM   457  C CB  . MET A 1 81  ? 13.092  -2.562  6.863   1.00 22.64 ? 78  MET A CB  1 
ATOM   458  C CG  . MET A 1 81  ? 11.583  -2.561  7.083   1.00 23.23 ? 78  MET A CG  1 
ATOM   459  S SD  . MET A 1 81  ? 11.242  -1.630  8.634   1.00 22.56 ? 78  MET A SD  1 
ATOM   460  C CE  . MET A 1 81  ? 11.793  -0.249  8.078   1.00 16.35 ? 78  MET A CE  1 
ATOM   461  N N   . ALA A 1 82  ? 12.656  -1.639  3.540   1.00 18.67 ? 79  ALA A N   1 
ATOM   462  C CA  . ALA A 1 82  ? 12.699  -0.542  2.581   1.00 17.14 ? 79  ALA A CA  1 
ATOM   463  C C   . ALA A 1 82  ? 11.489  0.381   2.546   1.00 16.77 ? 79  ALA A C   1 
ATOM   464  O O   . ALA A 1 82  ? 11.559  1.436   1.952   1.00 15.34 ? 79  ALA A O   1 
ATOM   465  C CB  . ALA A 1 82  ? 12.938  -1.086  1.149   1.00 18.44 ? 79  ALA A CB  1 
ATOM   466  N N   . GLY A 1 83  ? 10.377  -0.050  3.126   1.00 16.81 ? 80  GLY A N   1 
ATOM   467  C CA  . GLY A 1 83  ? 9.210   0.829   3.155   1.00 16.74 ? 80  GLY A CA  1 
ATOM   468  C C   . GLY A 1 83  ? 7.995   0.091   3.626   1.00 16.42 ? 80  GLY A C   1 
ATOM   469  O O   . GLY A 1 83  ? 8.110   -1.000  4.141   1.00 15.49 ? 80  GLY A O   1 
ATOM   470  N N   . VAL A 1 84  ? 6.818   0.698   3.463   1.00 14.23 ? 81  VAL A N   1 
ATOM   471  C CA  . VAL A 1 84  ? 5.561   0.114   3.917   1.00 13.30 ? 81  VAL A CA  1 
ATOM   472  C C   . VAL A 1 84  ? 4.548   0.030   2.747   1.00 10.75 ? 81  VAL A C   1 
ATOM   473  O O   . VAL A 1 84  ? 4.517   0.917   1.924   1.00 9.31  ? 81  VAL A O   1 
ATOM   474  C CB  . VAL A 1 84  ? 4.889   0.994   4.994   1.00 13.23 ? 81  VAL A CB  1 
ATOM   475  C CG1 . VAL A 1 84  ? 3.479   0.486   5.237   1.00 13.85 ? 81  VAL A CG1 1 
ATOM   476  C CG2 . VAL A 1 84  ? 5.690   0.931   6.354   1.00 15.86 ? 81  VAL A CG2 1 
ATOM   477  N N   . LEU A 1 85  ? 3.807   -1.068  2.652   1.00 9.67  ? 82  LEU A N   1 
ATOM   478  C CA  . LEU A 1 85  ? 2.748   -1.222  1.645   1.00 10.69 ? 82  LEU A CA  1 
ATOM   479  C C   . LEU A 1 85  ? 1.486   -1.588  2.464   1.00 11.80 ? 82  LEU A C   1 
ATOM   480  O O   . LEU A 1 85  ? 1.453   -2.643  3.179   1.00 11.38 ? 82  LEU A O   1 
ATOM   481  C CB  . LEU A 1 85  ? 3.084   -2.335  0.661   1.00 9.85  ? 82  LEU A CB  1 
ATOM   482  C CG  . LEU A 1 85  ? 2.036   -2.589  -0.414  1.00 13.66 ? 82  LEU A CG  1 
ATOM   483  C CD1 . LEU A 1 85  ? 1.621   -1.292  -1.041  1.00 17.33 ? 82  LEU A CD1 1 
ATOM   484  C CD2 . LEU A 1 85  ? 2.592   -3.544  -1.484  1.00 11.30 ? 82  LEU A CD2 1 
ATOM   485  N N   . SER A 1 86  ? 0.474   -0.708  2.400   1.00 10.37 ? 83  SER A N   1 
ATOM   486  C CA  . SER A 1 86  ? -0.750  -0.878  3.201   1.00 12.36 ? 83  SER A CA  1 
ATOM   487  C C   . SER A 1 86  ? -2.052  -0.895  2.451   1.00 12.10 ? 83  SER A C   1 
ATOM   488  O O   . SER A 1 86  ? -2.122  -0.392  1.335   1.00 13.10 ? 83  SER A O   1 
ATOM   489  C CB  . SER A 1 86  ? -0.878  0.266   4.224   1.00 13.42 ? 83  SER A CB  1 
ATOM   490  O OG  . SER A 1 86  ? 0.241   0.321   5.107   1.00 18.22 ? 83  SER A OG  1 
ATOM   491  N N   . PHE A 1 87  ? -3.075  -1.486  3.064   1.00 11.30 ? 84  PHE A N   1 
ATOM   492  C CA  . PHE A 1 87  ? -4.422  -1.404  2.563   1.00 11.68 ? 84  PHE A CA  1 
ATOM   493  C C   . PHE A 1 87  ? -4.900  -0.478  3.728   1.00 14.67 ? 84  PHE A C   1 
ATOM   494  O O   . PHE A 1 87  ? -5.094  -0.941  4.871   1.00 14.00 ? 84  PHE A O   1 
ATOM   495  C CB  . PHE A 1 87  ? -5.138  -2.763  2.599   1.00 11.55 ? 84  PHE A CB  1 
ATOM   496  C CG  . PHE A 1 87  ? -4.814  -3.665  1.452   1.00 10.44 ? 84  PHE A CG  1 
ATOM   497  C CD1 . PHE A 1 87  ? -4.962  -5.056  1.572   1.00 11.39 ? 84  PHE A CD1 1 
ATOM   498  C CD2 . PHE A 1 87  ? -4.385  -3.153  0.245   1.00 11.85 ? 84  PHE A CD2 1 
ATOM   499  C CE1 . PHE A 1 87  ? -4.667  -5.913  0.500   1.00 10.50 ? 84  PHE A CE1 1 
ATOM   500  C CE2 . PHE A 1 87  ? -4.095  -4.000  -0.835  1.00 13.82 ? 84  PHE A CE2 1 
ATOM   501  C CZ  . PHE A 1 87  ? -4.228  -5.391  -0.706  1.00 10.53 ? 84  PHE A CZ  1 
ATOM   502  N N   . ASN A 1 88  ? -4.983  0.828   3.449   1.00 15.44 ? 85  ASN A N   1 
ATOM   503  C CA  . ASN A 1 88  ? -5.349  1.775   4.489   1.00 16.73 ? 85  ASN A CA  1 
ATOM   504  C C   . ASN A 1 88  ? -6.656  1.396   5.147   1.00 17.65 ? 85  ASN A C   1 
ATOM   505  O O   . ASN A 1 88  ? -6.826  1.622   6.359   1.00 21.41 ? 85  ASN A O   1 
ATOM   506  C CB  . ASN A 1 88  ? -5.458  3.177   3.952   1.00 20.00 ? 85  ASN A CB  1 
ATOM   507  C CG  . ASN A 1 88  ? -4.131  3.703   3.460   1.00 20.86 ? 85  ASN A CG  1 
ATOM   508  O OD1 . ASN A 1 88  ? -3.088  3.397   4.032   1.00 22.41 ? 85  ASN A OD1 1 
ATOM   509  N ND2 . ASN A 1 88  ? -4.166  4.520   2.400   1.00 25.46 ? 85  ASN A ND2 1 
ATOM   510  N N   . ALA A 1 89  ? -7.601  0.882   4.370   1.00 17.54 ? 86  ALA A N   1 
ATOM   511  C CA  . ALA A 1 89  ? -8.885  0.444   4.929   1.00 16.69 ? 86  ALA A CA  1 
ATOM   512  C C   . ALA A 1 89  ? -9.415  -0.636  3.998   1.00 16.83 ? 86  ALA A C   1 
ATOM   513  O O   . ALA A 1 89  ? -9.040  -0.689  2.810   1.00 16.46 ? 86  ALA A O   1 
ATOM   514  C CB  . ALA A 1 89  ? -9.883  1.579   4.964   1.00 15.67 ? 86  ALA A CB  1 
ATOM   515  N N   . ILE A 1 90  ? -10.327 -1.458  4.503   1.00 16.66 ? 87  ILE A N   1 
ATOM   516  C CA  . ILE A 1 90  ? -10.952 -2.513  3.701   1.00 16.47 ? 87  ILE A CA  1 
ATOM   517  C C   . ILE A 1 90  ? -12.428 -2.436  4.008   1.00 17.55 ? 87  ILE A C   1 
ATOM   518  O O   . ILE A 1 90  ? -12.795 -2.067  5.140   1.00 17.75 ? 87  ILE A O   1 
ATOM   519  C CB  . ILE A 1 90  ? -10.424 -3.911  4.094   1.00 16.54 ? 87  ILE A CB  1 
ATOM   520  C CG1 . ILE A 1 90  ? -8.955  -4.044  3.634   1.00 16.85 ? 87  ILE A CG1 1 
ATOM   521  C CG2 . ILE A 1 90  ? -11.284 -5.015  3.476   1.00 16.97 ? 87  ILE A CG2 1 
ATOM   522  C CD1 . ILE A 1 90  ? -8.225  -5.260  4.201   1.00 17.68 ? 87  ILE A CD1 1 
ATOM   523  N N   . GLU A 1 91  ? -13.245 -2.741  3.000   1.00 14.40 ? 88  GLU A N   1 
ATOM   524  C CA  . GLU A 1 91  ? -14.683 -2.773  3.078   1.00 16.20 ? 88  GLU A CA  1 
ATOM   525  C C   . GLU A 1 91  ? -14.932 -4.286  2.878   1.00 17.48 ? 88  GLU A C   1 
ATOM   526  O O   . GLU A 1 91  ? -15.071 -4.745  1.758   1.00 14.30 ? 88  GLU A O   1 
ATOM   527  C CB  . GLU A 1 91  ? -15.264 -1.944  1.938   1.00 15.36 ? 88  GLU A CB  1 
ATOM   528  C CG  . GLU A 1 91  ? -14.978 -0.443  2.102   1.00 15.42 ? 88  GLU A CG  1 
ATOM   529  C CD  . GLU A 1 91  ? -15.503 0.359   0.944   1.00 16.94 ? 88  GLU A CD  1 
ATOM   530  O OE1 . GLU A 1 91  ? -16.134 -0.250  0.041   1.00 17.64 ? 88  GLU A OE1 1 
ATOM   531  O OE2 . GLU A 1 91  ? -15.272 1.590   0.950   1.00 15.23 ? 88  GLU A OE2 1 
ATOM   532  N N   . PRO A 1 92  ? -14.939 -5.080  3.982   1.00 18.16 ? 89  PRO A N   1 
ATOM   533  C CA  . PRO A 1 92  ? -15.133 -6.520  3.823   1.00 18.88 ? 89  PRO A CA  1 
ATOM   534  C C   . PRO A 1 92  ? -16.269 -6.948  2.932   1.00 18.70 ? 89  PRO A C   1 
ATOM   535  O O   . PRO A 1 92  ? -16.092 -7.814  2.090   1.00 20.15 ? 89  PRO A O   1 
ATOM   536  C CB  . PRO A 1 92  ? -15.295 -7.032  5.289   1.00 19.28 ? 89  PRO A CB  1 
ATOM   537  C CG  . PRO A 1 92  ? -14.492 -5.997  6.090   1.00 20.14 ? 89  PRO A CG  1 
ATOM   538  C CD  . PRO A 1 92  ? -14.991 -4.707  5.410   1.00 17.17 ? 89  PRO A CD  1 
ATOM   539  N N   . ILE A 1 93  ? -17.427 -6.319  3.074   1.00 18.20 ? 90  ILE A N   1 
ATOM   540  C CA  . ILE A 1 93  ? -18.566 -6.767  2.286   1.00 19.82 ? 90  ILE A CA  1 
ATOM   541  C C   . ILE A 1 93  ? -18.397 -6.526  0.806   1.00 18.84 ? 90  ILE A C   1 
ATOM   542  O O   . ILE A 1 93  ? -18.775 -7.349  0.006   1.00 19.36 ? 90  ILE A O   1 
ATOM   543  C CB  . ILE A 1 93  ? -19.880 -6.103  2.799   1.00 20.33 ? 90  ILE A CB  1 
ATOM   544  C CG1 . ILE A 1 93  ? -19.969 -6.344  4.335   1.00 24.10 ? 90  ILE A CG1 1 
ATOM   545  C CG2 . ILE A 1 93  ? -21.091 -6.752  2.052   1.00 22.09 ? 90  ILE A CG2 1 
ATOM   546  C CD1 . ILE A 1 93  ? -20.959 -5.366  5.135   1.00 27.96 ? 90  ILE A CD1 1 
ATOM   547  N N   . ASN A 1 94  ? -17.817 -5.379  0.453   1.00 17.62 ? 91  ASN A N   1 
ATOM   548  C CA  . ASN A 1 94  ? -17.565 -5.035  -0.957  1.00 15.11 ? 91  ASN A CA  1 
ATOM   549  C C   . ASN A 1 94  ? -16.235 -5.657  -1.475  1.00 15.14 ? 91  ASN A C   1 
ATOM   550  O O   . ASN A 1 94  ? -15.924 -5.566  -2.704  1.00 14.48 ? 91  ASN A O   1 
ATOM   551  C CB  . ASN A 1 94  ? -17.506 -3.488  -1.102  1.00 13.05 ? 91  ASN A CB  1 
ATOM   552  C CG  . ASN A 1 94  ? -18.816 -2.799  -0.685  1.00 14.47 ? 91  ASN A CG  1 
ATOM   553  O OD1 . ASN A 1 94  ? -19.886 -3.337  -0.898  1.00 14.12 ? 91  ASN A OD1 1 
ATOM   554  N ND2 . ASN A 1 94  ? -18.723 -1.574  -0.105  1.00 13.84 ? 91  ASN A ND2 1 
ATOM   555  N N   . LYS A 1 95  ? -15.494 -6.303  -0.575  1.00 15.29 ? 92  LYS A N   1 
ATOM   556  C CA  . LYS A 1 95  ? -14.197 -6.917  -0.908  1.00 14.88 ? 92  LYS A CA  1 
ATOM   557  C C   . LYS A 1 95  ? -13.363 -5.850  -1.638  1.00 15.56 ? 92  LYS A C   1 
ATOM   558  O O   . LYS A 1 95  ? -12.844 -6.119  -2.729  1.00 15.91 ? 92  LYS A O   1 
ATOM   559  C CB  . LYS A 1 95  ? -14.360 -8.117  -1.828  1.00 14.77 ? 92  LYS A CB  1 
ATOM   560  C CG  . LYS A 1 95  ? -15.114 -9.309  -1.179  1.00 15.20 ? 92  LYS A CG  1 
ATOM   561  C CD  . LYS A 1 95  ? -14.966 -10.562 -2.064  1.00 16.88 ? 92  LYS A CD  1 
ATOM   562  C CE  . LYS A 1 95  ? -15.846 -11.678 -1.522  1.00 18.88 ? 92  LYS A CE  1 
ATOM   563  N NZ  . LYS A 1 95  ? -15.579 -12.942 -2.189  1.00 22.92 ? 92  LYS A NZ  1 
ATOM   564  N N   . ALA A 1 96  ? -13.309 -4.652  -1.052  1.00 14.78 ? 93  ALA A N   1 
ATOM   565  C CA  . ALA A 1 96  ? -12.551 -3.507  -1.596  1.00 12.26 ? 93  ALA A CA  1 
ATOM   566  C C   . ALA A 1 96  ? -11.475 -3.005  -0.608  1.00 13.02 ? 93  ALA A C   1 
ATOM   567  O O   . ALA A 1 96  ? -11.713 -2.892  0.621   1.00 14.10 ? 93  ALA A O   1 
ATOM   568  C CB  . ALA A 1 96  ? -13.528 -2.355  -1.934  1.00 12.80 ? 93  ALA A CB  1 
ATOM   569  N N   . ALA A 1 97  ? -10.310 -2.646  -1.146  1.00 9.93  ? 94  ALA A N   1 
ATOM   570  C CA  . ALA A 1 97  ? -9.213  -2.138  -0.333  1.00 9.32  ? 94  ALA A CA  1 
ATOM   571  C C   . ALA A 1 97  ? -8.641  -0.876  -0.933  1.00 9.84  ? 94  ALA A C   1 
ATOM   572  O O   . ALA A 1 97  ? -8.524  -0.792  -2.169  1.00 10.34 ? 94  ALA A O   1 
ATOM   573  C CB  . ALA A 1 97  ? -8.136  -3.164  -0.222  1.00 12.17 ? 94  ALA A CB  1 
ATOM   574  N N   . TYR A 1 98  ? -8.283  0.089   -0.087  1.00 8.98  ? 95  TYR A N   1 
ATOM   575  C CA  . TYR A 1 98  ? -7.649  1.321   -0.573  1.00 10.04 ? 95  TYR A CA  1 
ATOM   576  C C   . TYR A 1 98  ? -6.148  1.170   -0.250  1.00 11.44 ? 95  TYR A C   1 
ATOM   577  O O   . TYR A 1 98  ? -5.749  0.827   0.863   1.00 13.25 ? 95  TYR A O   1 
ATOM   578  C CB  . TYR A 1 98  ? -8.238  2.540   0.134   1.00 9.42  ? 95  TYR A CB  1 
ATOM   579  C CG  . TYR A 1 98  ? -9.723  2.643   -0.147  1.00 12.08 ? 95  TYR A CG  1 
ATOM   580  C CD1 . TYR A 1 98  ? -10.657 1.978   0.631   1.00 12.40 ? 95  TYR A CD1 1 
ATOM   581  C CD2 . TYR A 1 98  ? -10.168 3.341   -1.251  1.00 11.03 ? 95  TYR A CD2 1 
ATOM   582  C CE1 . TYR A 1 98  ? -12.048 2.016   0.286   1.00 12.67 ? 95  TYR A CE1 1 
ATOM   583  C CE2 . TYR A 1 98  ? -11.511 3.380   -1.606  1.00 11.90 ? 95  TYR A CE2 1 
ATOM   584  C CZ  . TYR A 1 98  ? -12.439 2.733   -0.849  1.00 14.11 ? 95  TYR A CZ  1 
ATOM   585  O OH  . TYR A 1 98  ? -13.761 2.841   -1.213  1.00 18.13 ? 95  TYR A OH  1 
ATOM   586  N N   . ILE A 1 99  ? -5.328  1.383   -1.244  1.00 8.88  ? 96  ILE A N   1 
ATOM   587  C CA  . ILE A 1 99  ? -3.886  1.191   -1.090  1.00 8.23  ? 96  ILE A CA  1 
ATOM   588  C C   . ILE A 1 99  ? -3.082  2.428   -0.611  1.00 9.20  ? 96  ILE A C   1 
ATOM   589  O O   . ILE A 1 99  ? -3.278  3.542   -1.099  1.00 9.59  ? 96  ILE A O   1 
ATOM   590  C CB  . ILE A 1 99  ? -3.286  0.734   -2.472  1.00 7.92  ? 96  ILE A CB  1 
ATOM   591  C CG1 . ILE A 1 99  ? -3.768  -0.679  -2.839  1.00 9.40  ? 96  ILE A CG1 1 
ATOM   592  C CG2 . ILE A 1 99  ? -1.754  0.820   -2.415  1.00 8.19  ? 96  ILE A CG2 1 
ATOM   593  C CD1 . ILE A 1 99  ? -3.838  -0.997  -4.353  1.00 12.86 ? 96  ILE A CD1 1 
ATOM   594  N N   . GLY A 1 100 ? -2.117  2.228   0.272   1.00 8.87  ? 97  GLY A N   1 
ATOM   595  C CA  . GLY A 1 100 ? -1.276  3.375   0.689   1.00 10.55 ? 97  GLY A CA  1 
ATOM   596  C C   . GLY A 1 100 ? 0.153   2.829   0.715   1.00 12.33 ? 97  GLY A C   1 
ATOM   597  O O   . GLY A 1 100 ? 0.288   1.653   0.857   1.00 12.98 ? 97  GLY A O   1 
ATOM   598  N N   . TYR A 1 101 ? 1.190   3.631   0.473   1.00 12.39 ? 98  TYR A N   1 
ATOM   599  C CA  . TYR A 1 101 ? 2.558   3.083   0.530   1.00 12.79 ? 98  TYR A CA  1 
ATOM   600  C C   . TYR A 1 101 ? 3.547   4.209   0.706   1.00 14.34 ? 98  TYR A C   1 
ATOM   601  O O   . TYR A 1 101 ? 3.222   5.385   0.465   1.00 12.55 ? 98  TYR A O   1 
ATOM   602  C CB  . TYR A 1 101 ? 2.954   2.364   -0.788  1.00 14.13 ? 98  TYR A CB  1 
ATOM   603  C CG  . TYR A 1 101 ? 3.488   3.322   -1.886  1.00 13.21 ? 98  TYR A CG  1 
ATOM   604  C CD1 . TYR A 1 101 ? 4.861   3.437   -2.162  1.00 13.66 ? 98  TYR A CD1 1 
ATOM   605  C CD2 . TYR A 1 101 ? 2.621   4.089   -2.635  1.00 17.03 ? 98  TYR A CD2 1 
ATOM   606  C CE1 . TYR A 1 101 ? 5.350   4.317   -3.192  1.00 16.50 ? 98  TYR A CE1 1 
ATOM   607  C CE2 . TYR A 1 101 ? 3.090   4.969   -3.665  1.00 16.04 ? 98  TYR A CE2 1 
ATOM   608  C CZ  . TYR A 1 101 ? 4.458   5.087   -3.934  1.00 15.26 ? 98  TYR A CZ  1 
ATOM   609  O OH  . TYR A 1 101 ? 4.867   6.012   -4.919  1.00 14.63 ? 98  TYR A OH  1 
ATOM   610  N N   . TRP A 1 102 ? 4.742   3.838   1.166   1.00 12.26 ? 99  TRP A N   1 
ATOM   611  C CA  . TRP A 1 102 ? 5.839   4.782   1.233   1.00 14.61 ? 99  TRP A CA  1 
ATOM   612  C C   . TRP A 1 102 ? 7.137   4.013   1.276   1.00 15.11 ? 99  TRP A C   1 
ATOM   613  O O   . TRP A 1 102 ? 7.236   2.960   1.914   1.00 14.43 ? 99  TRP A O   1 
ATOM   614  C CB  . TRP A 1 102 ? 5.687   5.787   2.379   1.00 18.51 ? 99  TRP A CB  1 
ATOM   615  C CG  . TRP A 1 102 ? 5.776   5.304   3.706   1.00 20.57 ? 99  TRP A CG  1 
ATOM   616  C CD1 . TRP A 1 102 ? 4.751   4.882   4.507   1.00 23.14 ? 99  TRP A CD1 1 
ATOM   617  C CD2 . TRP A 1 102 ? 6.985   5.188   4.476   1.00 21.89 ? 99  TRP A CD2 1 
ATOM   618  N NE1 . TRP A 1 102 ? 5.266   4.491   5.764   1.00 22.39 ? 99  TRP A NE1 1 
ATOM   619  C CE2 . TRP A 1 102 ? 6.630   4.674   5.753   1.00 22.55 ? 99  TRP A CE2 1 
ATOM   620  C CE3 . TRP A 1 102 ? 8.338   5.464   4.207   1.00 23.63 ? 99  TRP A CE3 1 
ATOM   621  C CZ2 . TRP A 1 102 ? 7.595   4.431   6.770   1.00 23.33 ? 99  TRP A CZ2 1 
ATOM   622  C CZ3 . TRP A 1 102 ? 9.298   5.219   5.227   1.00 23.09 ? 99  TRP A CZ3 1 
ATOM   623  C CH2 . TRP A 1 102 ? 8.917   4.713   6.474   1.00 23.28 ? 99  TRP A CH2 1 
ATOM   624  N N   . LEU A 1 103 ? 8.127   4.571   0.590   1.00 14.96 ? 100 LEU A N   1 
ATOM   625  C CA  . LEU A 1 103 ? 9.439   3.960   0.448   1.00 16.49 ? 100 LEU A CA  1 
ATOM   626  C C   . LEU A 1 103 ? 10.544  4.850   0.983   1.00 17.29 ? 100 LEU A C   1 
ATOM   627  O O   . LEU A 1 103 ? 10.501  6.084   0.797   1.00 17.25 ? 100 LEU A O   1 
ATOM   628  C CB  . LEU A 1 103 ? 9.747   3.741   -1.048  1.00 16.54 ? 100 LEU A CB  1 
ATOM   629  C CG  . LEU A 1 103 ? 8.982   2.622   -1.721  1.00 17.49 ? 100 LEU A CG  1 
ATOM   630  C CD1 . LEU A 1 103 ? 9.176   2.611   -3.233  1.00 15.44 ? 100 LEU A CD1 1 
ATOM   631  C CD2 . LEU A 1 103 ? 9.463   1.322   -1.115  1.00 14.46 ? 100 LEU A CD2 1 
ATOM   632  N N   . ASP A 1 104 ? 11.529  4.219   1.617   1.00 18.68 ? 101 ASP A N   1 
ATOM   633  C CA  . ASP A 1 104 ? 12.708  4.937   2.093   1.00 19.22 ? 101 ASP A CA  1 
ATOM   634  C C   . ASP A 1 104 ? 13.351  5.585   0.885   1.00 20.56 ? 101 ASP A C   1 
ATOM   635  O O   . ASP A 1 104 ? 13.272  5.072   -0.235  1.00 18.71 ? 101 ASP A O   1 
ATOM   636  C CB  . ASP A 1 104 ? 13.738  4.007   2.686   1.00 19.93 ? 101 ASP A CB  1 
ATOM   637  C CG  . ASP A 1 104 ? 15.087  4.693   2.805   1.00 22.29 ? 101 ASP A CG  1 
ATOM   638  O OD1 . ASP A 1 104 ? 15.187  5.561   3.703   1.00 23.16 ? 101 ASP A OD1 1 
ATOM   639  O OD2 . ASP A 1 104 ? 16.004  4.377   1.993   1.00 19.25 ? 101 ASP A OD2 1 
ATOM   640  N N   . GLU A 1 105 ? 14.033  6.701   1.125   1.00 22.22 ? 102 GLU A N   1 
ATOM   641  C CA  . GLU A 1 105 ? 14.650  7.460   0.043   1.00 23.65 ? 102 GLU A CA  1 
ATOM   642  C C   . GLU A 1 105 ? 15.573  6.708   -0.906  1.00 22.17 ? 102 GLU A C   1 
ATOM   643  O O   . GLU A 1 105 ? 15.642  7.019   -2.088  1.00 24.45 ? 102 GLU A O   1 
ATOM   644  C CB  . GLU A 1 105 ? 15.406  8.682   0.619   1.00 27.87 ? 102 GLU A CB  1 
ATOM   645  C CG  . GLU A 1 105 ? 16.634  8.363   1.467   1.00 32.58 ? 102 GLU A CG  1 
ATOM   646  C CD  . GLU A 1 105 ? 17.044  9.553   2.351   1.00 35.63 ? 102 GLU A CD  1 
ATOM   647  O OE1 . GLU A 1 105 ? 18.100  9.521   3.017   1.00 39.11 ? 102 GLU A OE1 1 
ATOM   648  O OE2 . GLU A 1 105 ? 16.290  10.531  2.387   1.00 37.83 ? 102 GLU A OE2 1 
ATOM   649  N N   . SER A 1 106 ? 16.296  5.718   -0.415  1.00 21.95 ? 103 SER A N   1 
ATOM   650  C CA  . SER A 1 106 ? 17.243  4.986   -1.290  1.00 20.73 ? 103 SER A CA  1 
ATOM   651  C C   . SER A 1 106 ? 16.575  3.844   -2.079  1.00 20.90 ? 103 SER A C   1 
ATOM   652  O O   . SER A 1 106 ? 17.256  3.101   -2.836  1.00 19.14 ? 103 SER A O   1 
ATOM   653  C CB  . SER A 1 106 ? 18.388  4.396   -0.443  1.00 22.08 ? 103 SER A CB  1 
ATOM   654  O OG  . SER A 1 106 ? 17.860  3.529   0.539   1.00 24.14 ? 103 SER A OG  1 
ATOM   655  N N   . PHE A 1 107 ? 15.264  3.702   -1.910  1.00 19.07 ? 104 PHE A N   1 
ATOM   656  C CA  . PHE A 1 107 ? 14.523  2.630   -2.620  1.00 19.26 ? 104 PHE A CA  1 
ATOM   657  C C   . PHE A 1 107 ? 13.379  3.119   -3.508  1.00 19.65 ? 104 PHE A C   1 
ATOM   658  O O   . PHE A 1 107 ? 12.434  2.350   -3.823  1.00 18.32 ? 104 PHE A O   1 
ATOM   659  C CB  . PHE A 1 107 ? 13.937  1.632   -1.638  1.00 22.22 ? 104 PHE A CB  1 
ATOM   660  C CG  . PHE A 1 107 ? 14.977  0.908   -0.811  1.00 24.26 ? 104 PHE A CG  1 
ATOM   661  C CD1 . PHE A 1 107 ? 15.377  1.407   0.408   1.00 22.73 ? 104 PHE A CD1 1 
ATOM   662  C CD2 . PHE A 1 107 ? 15.515  -0.290  -1.258  1.00 24.17 ? 104 PHE A CD2 1 
ATOM   663  C CE1 . PHE A 1 107 ? 16.311  0.710   1.203   1.00 25.28 ? 104 PHE A CE1 1 
ATOM   664  C CE2 . PHE A 1 107 ? 16.450  -0.987  -0.477  1.00 26.27 ? 104 PHE A CE2 1 
ATOM   665  C CZ  . PHE A 1 107 ? 16.842  -0.488  0.748   1.00 24.61 ? 104 PHE A CZ  1 
ATOM   666  N N   . GLN A 1 108 ? 13.468  4.371   -3.920  1.00 16.79 ? 105 GLN A N   1 
ATOM   667  C CA  . GLN A 1 108 ? 12.470  4.953   -4.792  1.00 17.74 ? 105 GLN A CA  1 
ATOM   668  C C   . GLN A 1 108 ? 12.866  4.862   -6.265  1.00 17.46 ? 105 GLN A C   1 
ATOM   669  O O   . GLN A 1 108 ? 14.070  4.740   -6.614  1.00 15.79 ? 105 GLN A O   1 
ATOM   670  C CB  . GLN A 1 108 ? 12.267  6.423   -4.414  1.00 18.72 ? 105 GLN A CB  1 
ATOM   671  C CG  . GLN A 1 108 ? 11.755  6.602   -2.979  1.00 18.98 ? 105 GLN A CG  1 
ATOM   672  C CD  . GLN A 1 108 ? 11.621  8.080   -2.614  1.00 22.62 ? 105 GLN A CD  1 
ATOM   673  O OE1 . GLN A 1 108 ? 11.879  8.936   -3.442  1.00 24.55 ? 105 GLN A OE1 1 
ATOM   674  N NE2 . GLN A 1 108 ? 11.213  8.375   -1.399  1.00 21.61 ? 105 GLN A NE2 1 
ATOM   675  N N   . GLY A 1 109 ? 11.851  4.948   -7.125  1.00 15.43 ? 106 GLY A N   1 
ATOM   676  C CA  . GLY A 1 109 ? 12.012  4.903   -8.571  1.00 14.76 ? 106 GLY A CA  1 
ATOM   677  C C   . GLY A 1 109 ? 12.557  3.599   -9.136  1.00 12.12 ? 106 GLY A C   1 
ATOM   678  O O   . GLY A 1 109 ? 13.020  3.586   -10.265 1.00 13.74 ? 106 GLY A O   1 
ATOM   679  N N   . GLN A 1 110 ? 12.550  2.516   -8.355  1.00 11.17 ? 107 GLN A N   1 
ATOM   680  C CA  . GLN A 1 110 ? 13.076  1.240   -8.810  1.00 11.06 ? 107 GLN A CA  1 
ATOM   681  C C   . GLN A 1 110 ? 12.030  0.134   -9.031  1.00 12.52 ? 107 GLN A C   1 
ATOM   682  O O   . GLN A 1 110 ? 12.400  -1.050  -9.095  1.00 12.52 ? 107 GLN A O   1 
ATOM   683  C CB  . GLN A 1 110 ? 14.121  0.749   -7.815  1.00 15.65 ? 107 GLN A CB  1 
ATOM   684  C CG  . GLN A 1 110 ? 15.267  1.768   -7.706  1.00 15.93 ? 107 GLN A CG  1 
ATOM   685  C CD  . GLN A 1 110 ? 15.993  1.641   -6.353  1.00 16.82 ? 107 GLN A CD  1 
ATOM   686  O OE1 . GLN A 1 110 ? 16.490  0.582   -6.002  1.00 20.27 ? 107 GLN A OE1 1 
ATOM   687  N NE2 . GLN A 1 110 ? 16.008  2.698   -5.606  1.00 14.02 ? 107 GLN A NE2 1 
ATOM   688  N N   . GLY A 1 111 ? 10.740  0.502   -9.115  1.00 13.06 ? 108 GLY A N   1 
ATOM   689  C CA  . GLY A 1 111 ? 9.694   -0.515  -9.329  1.00 11.82 ? 108 GLY A CA  1 
ATOM   690  C C   . GLY A 1 111 ? 9.443   -1.489  -8.179  1.00 12.60 ? 108 GLY A C   1 
ATOM   691  O O   . GLY A 1 111 ? 8.720   -2.523  -8.346  1.00 10.91 ? 108 GLY A O   1 
ATOM   692  N N   . ILE A 1 112 ? 10.018  -1.202  -7.015  1.00 9.70  ? 109 ILE A N   1 
ATOM   693  C CA  . ILE A 1 112 ? 9.862   -2.082  -5.843  1.00 10.66 ? 109 ILE A CA  1 
ATOM   694  C C   . ILE A 1 112 ? 8.380   -2.055  -5.423  1.00 11.60 ? 109 ILE A C   1 
ATOM   695  O O   . ILE A 1 112 ? 7.806   -3.097  -5.059  1.00 8.69  ? 109 ILE A O   1 
ATOM   696  C CB  . ILE A 1 112 ? 10.726  -1.583  -4.656  1.00 11.93 ? 109 ILE A CB  1 
ATOM   697  C CG1 . ILE A 1 112 ? 12.220  -1.763  -5.016  1.00 12.65 ? 109 ILE A CG1 1 
ATOM   698  C CG2 . ILE A 1 112 ? 10.365  -2.346  -3.394  1.00 13.27 ? 109 ILE A CG2 1 
ATOM   699  C CD1 . ILE A 1 112 ? 13.277  -1.156  -3.925  1.00 11.18 ? 109 ILE A CD1 1 
ATOM   700  N N   . MET A 1 113 ? 7.775   -0.854  -5.438  1.00 12.01 ? 110 MET A N   1 
ATOM   701  C CA  . MET A 1 113 ? 6.337   -0.754  -5.075  1.00 12.42 ? 110 MET A CA  1 
ATOM   702  C C   . MET A 1 113 ? 5.535   -1.420  -6.176  1.00 13.06 ? 110 MET A C   1 
ATOM   703  O O   . MET A 1 113 ? 4.635   -2.200  -5.891  1.00 9.85  ? 110 MET A O   1 
ATOM   704  C CB  . MET A 1 113 ? 5.939   0.712   -4.878  1.00 12.45 ? 110 MET A CB  1 
ATOM   705  C CG  . MET A 1 113 ? 4.469   0.986   -4.650  1.00 13.55 ? 110 MET A CG  1 
ATOM   706  S SD  . MET A 1 113 ? 3.705   -0.037  -3.421  1.00 15.92 ? 110 MET A SD  1 
ATOM   707  C CE  . MET A 1 113 ? 4.599   0.108   -2.218  1.00 14.47 ? 110 MET A CE  1 
ATOM   708  N N   . SER A 1 114 ? 5.881   -1.177  -7.427  1.00 10.44 ? 111 SER A N   1 
ATOM   709  C CA  . SER A 1 114 ? 5.095   -1.813  -8.536  1.00 12.61 ? 111 SER A CA  1 
ATOM   710  C C   . SER A 1 114 ? 5.122   -3.358  -8.473  1.00 9.79  ? 111 SER A C   1 
ATOM   711  O O   . SER A 1 114 ? 4.077   -4.000  -8.630  1.00 10.92 ? 111 SER A O   1 
ATOM   712  C CB  . SER A 1 114 ? 5.632   -1.353  -9.882  1.00 12.96 ? 111 SER A CB  1 
ATOM   713  O OG  . SER A 1 114 ? 5.326   0.030   -10.100 1.00 15.41 ? 111 SER A OG  1 
ATOM   714  N N   . GLN A 1 115 ? 6.285   -3.936  -8.219  1.00 6.50  ? 112 GLN A N   1 
ATOM   715  C CA  . GLN A 1 115 ? 6.368   -5.383  -8.178  1.00 8.20  ? 112 GLN A CA  1 
ATOM   716  C C   . GLN A 1 115 ? 5.726   -5.861  -6.916  1.00 7.55  ? 112 GLN A C   1 
ATOM   717  O O   . GLN A 1 115 ? 4.968   -6.844  -6.945  1.00 8.21  ? 112 GLN A O   1 
ATOM   718  C CB  . GLN A 1 115 ? 7.838   -5.885  -8.253  1.00 10.66 ? 112 GLN A CB  1 
ATOM   719  C CG  . GLN A 1 115 ? 8.486   -5.624  -9.590  1.00 7.60  ? 112 GLN A CG  1 
ATOM   720  C CD  . GLN A 1 115 ? 9.828   -6.265  -9.706  1.00 12.46 ? 112 GLN A CD  1 
ATOM   721  O OE1 . GLN A 1 115 ? 10.075  -7.114  -10.620 1.00 14.16 ? 112 GLN A OE1 1 
ATOM   722  N NE2 . GLN A 1 115 ? 10.714  -5.902  -8.806  1.00 7.24  ? 112 GLN A NE2 1 
ATOM   723  N N   . SER A 1 116 ? 5.940   -5.141  -5.812  1.00 8.19  ? 113 SER A N   1 
ATOM   724  C CA  . SER A 1 116 ? 5.331   -5.591  -4.548  1.00 11.10 ? 113 SER A CA  1 
ATOM   725  C C   . SER A 1 116 ? 3.804   -5.535  -4.618  1.00 9.69  ? 113 SER A C   1 
ATOM   726  O O   . SER A 1 116 ? 3.088   -6.442  -4.161  1.00 11.22 ? 113 SER A O   1 
ATOM   727  C CB  . SER A 1 116 ? 5.796   -4.716  -3.375  1.00 11.20 ? 113 SER A CB  1 
ATOM   728  O OG  . SER A 1 116 ? 7.163   -5.020  -3.124  1.00 12.65 ? 113 SER A OG  1 
ATOM   729  N N   . LEU A 1 117 ? 3.303   -4.471  -5.224  1.00 11.49 ? 114 LEU A N   1 
ATOM   730  C CA  . LEU A 1 117 ? 1.832   -4.326  -5.298  1.00 10.11 ? 114 LEU A CA  1 
ATOM   731  C C   . LEU A 1 117 ? 1.206   -5.362  -6.221  1.00 10.47 ? 114 LEU A C   1 
ATOM   732  O O   . LEU A 1 117 ? 0.189   -5.948  -5.852  1.00 9.85  ? 114 LEU A O   1 
ATOM   733  C CB  . LEU A 1 117 ? 1.474   -2.910  -5.722  1.00 11.25 ? 114 LEU A CB  1 
ATOM   734  C CG  . LEU A 1 117 ? -0.024  -2.643  -5.935  1.00 10.87 ? 114 LEU A CG  1 
ATOM   735  C CD1 . LEU A 1 117 ? -0.838  -2.927  -4.639  1.00 10.52 ? 114 LEU A CD1 1 
ATOM   736  C CD2 . LEU A 1 117 ? -0.177  -1.188  -6.403  1.00 9.68  ? 114 LEU A CD2 1 
ATOM   737  N N   . GLN A 1 118 ? 1.835   -5.683  -7.357  1.00 9.54  ? 115 GLN A N   1 
ATOM   738  C CA  . GLN A 1 118 ? 1.214   -6.677  -8.229  1.00 11.72 ? 115 GLN A CA  1 
ATOM   739  C C   . GLN A 1 118 ? 1.176   -8.013  -7.519  1.00 12.10 ? 115 GLN A C   1 
ATOM   740  O O   . GLN A 1 118 ? 0.182   -8.758  -7.632  1.00 11.58 ? 115 GLN A O   1 
ATOM   741  C CB  . GLN A 1 118 ? 1.981   -6.818  -9.546  1.00 14.14 ? 115 GLN A CB  1 
ATOM   742  C CG  . GLN A 1 118 ? 2.105   -5.463  -10.231 1.00 17.68 ? 115 GLN A CG  1 
ATOM   743  C CD  . GLN A 1 118 ? 2.270   -5.636  -11.714 1.00 23.28 ? 115 GLN A CD  1 
ATOM   744  O OE1 . GLN A 1 118 ? 2.847   -6.659  -12.159 1.00 26.44 ? 115 GLN A OE1 1 
ATOM   745  N NE2 . GLN A 1 118 ? 1.767   -4.683  -12.500 1.00 22.92 ? 115 GLN A NE2 1 
ATOM   746  N N   . ALA A 1 119 ? 2.217   -8.287  -6.728  1.00 11.06 ? 116 ALA A N   1 
ATOM   747  C CA  . ALA A 1 119 ? 2.281   -9.563  -6.019  1.00 12.51 ? 116 ALA A CA  1 
ATOM   748  C C   . ALA A 1 119 ? 1.220   -9.628  -4.947  1.00 11.32 ? 116 ALA A C   1 
ATOM   749  O O   . ALA A 1 119 ? 0.550   -10.658 -4.799  1.00 11.20 ? 116 ALA A O   1 
ATOM   750  C CB  . ALA A 1 119 ? 3.667   -9.759  -5.374  1.00 12.94 ? 116 ALA A CB  1 
ATOM   751  N N   . LEU A 1 120 ? 1.061   -8.511  -4.228  1.00 11.12 ? 117 LEU A N   1 
ATOM   752  C CA  . LEU A 1 120 ? 0.104   -8.435  -3.130  1.00 11.76 ? 117 LEU A CA  1 
ATOM   753  C C   . LEU A 1 120 ? -1.309  -8.608  -3.643  1.00 12.67 ? 117 LEU A C   1 
ATOM   754  O O   . LEU A 1 120 ? -2.083  -9.348  -3.028  1.00 12.44 ? 117 LEU A O   1 
ATOM   755  C CB  . LEU A 1 120 ? 0.243   -7.112  -2.359  1.00 11.99 ? 117 LEU A CB  1 
ATOM   756  C CG  . LEU A 1 120 ? -0.778  -6.821  -1.268  1.00 15.39 ? 117 LEU A CG  1 
ATOM   757  C CD1 . LEU A 1 120 ? -0.728  -7.971  -0.234  1.00 15.20 ? 117 LEU A CD1 1 
ATOM   758  C CD2 . LEU A 1 120 ? -0.515  -5.406  -0.628  1.00 16.06 ? 117 LEU A CD2 1 
ATOM   759  N N   . MET A 1 121 ? -1.643  -7.930  -4.751  1.00 12.01 ? 118 MET A N   1 
ATOM   760  C CA  . MET A 1 121 ? -2.986  -8.010  -5.344  1.00 13.38 ? 118 MET A CA  1 
ATOM   761  C C   . MET A 1 121 ? -3.299  -9.430  -5.851  1.00 13.95 ? 118 MET A C   1 
ATOM   762  O O   . MET A 1 121 ? -4.369  -9.977  -5.622  1.00 11.12 ? 118 MET A O   1 
ATOM   763  C CB  . MET A 1 121 ? -3.116  -6.988  -6.480  1.00 14.77 ? 118 MET A CB  1 
ATOM   764  C CG  . MET A 1 121 ? -3.035  -5.530  -5.944  1.00 11.21 ? 118 MET A CG  1 
ATOM   765  S SD  . MET A 1 121 ? -3.421  -4.348  -7.334  1.00 14.71 ? 118 MET A SD  1 
ATOM   766  C CE  . MET A 1 121 ? -2.155  -4.814  -8.531  1.00 12.00 ? 118 MET A CE  1 
ATOM   767  N N   . THR A 1 122 ? -2.322  -10.058 -6.465  1.00 13.55 ? 119 THR A N   1 
ATOM   768  C CA  . THR A 1 122 ? -2.488  -11.413 -6.995  1.00 13.66 ? 119 THR A CA  1 
ATOM   769  C C   . THR A 1 122 ? -2.763  -12.373 -5.838  1.00 14.59 ? 119 THR A C   1 
ATOM   770  O O   . THR A 1 122 ? -3.637  -13.236 -5.914  1.00 13.07 ? 119 THR A O   1 
ATOM   771  C CB  . THR A 1 122 ? -1.171  -11.849 -7.690  1.00 15.13 ? 119 THR A CB  1 
ATOM   772  O OG1 . THR A 1 122 ? -1.120  -11.242 -8.987  1.00 18.44 ? 119 THR A OG1 1 
ATOM   773  C CG2 . THR A 1 122 ? -1.071  -13.394 -7.735  1.00 17.85 ? 119 THR A CG2 1 
ATOM   774  N N   . HIS A 1 123 ? -1.984  -12.180 -4.787  1.00 12.28 ? 120 HIS A N   1 
ATOM   775  C CA  . HIS A 1 123 ? -2.094  -12.987 -3.571  1.00 13.22 ? 120 HIS A CA  1 
ATOM   776  C C   . HIS A 1 123 ? -3.505  -12.829 -2.941  1.00 14.24 ? 120 HIS A C   1 
ATOM   777  O O   . HIS A 1 123 ? -4.115  -13.830 -2.511  1.00 15.71 ? 120 HIS A O   1 
ATOM   778  C CB  . HIS A 1 123 ? -1.028  -12.544 -2.599  1.00 12.72 ? 120 HIS A CB  1 
ATOM   779  C CG  . HIS A 1 123 ? -1.143  -13.187 -1.244  1.00 13.06 ? 120 HIS A CG  1 
ATOM   780  N ND1 . HIS A 1 123 ? -0.519  -14.386 -0.950  1.00 13.52 ? 120 HIS A ND1 1 
ATOM   781  C CD2 . HIS A 1 123 ? -1.778  -12.797 -0.111  1.00 13.25 ? 120 HIS A CD2 1 
ATOM   782  C CE1 . HIS A 1 123 ? -0.763  -14.702 0.316   1.00 14.46 ? 120 HIS A CE1 1 
ATOM   783  N NE2 . HIS A 1 123 ? -1.521  -13.758 0.846   1.00 15.99 ? 120 HIS A NE2 1 
ATOM   784  N N   . TYR A 1 124 ? -4.033  -11.609 -2.902  1.00 12.99 ? 121 TYR A N   1 
ATOM   785  C CA  . TYR A 1 124 ? -5.373  -11.436 -2.328  1.00 12.17 ? 121 TYR A CA  1 
ATOM   786  C C   . TYR A 1 124 ? -6.467  -11.933 -3.246  1.00 13.67 ? 121 TYR A C   1 
ATOM   787  O O   . TYR A 1 124 ? -7.502  -12.415 -2.766  1.00 13.22 ? 121 TYR A O   1 
ATOM   788  C CB  . TYR A 1 124 ? -5.599  -9.983  -1.948  1.00 13.30 ? 121 TYR A CB  1 
ATOM   789  C CG  . TYR A 1 124 ? -5.193  -9.863  -0.540  1.00 12.99 ? 121 TYR A CG  1 
ATOM   790  C CD1 . TYR A 1 124 ? -6.123  -10.092 0.461   1.00 12.08 ? 121 TYR A CD1 1 
ATOM   791  C CD2 . TYR A 1 124 ? -3.879  -9.607  -0.192  1.00 12.02 ? 121 TYR A CD2 1 
ATOM   792  C CE1 . TYR A 1 124 ? -5.761  -10.067 1.780   1.00 17.12 ? 121 TYR A CE1 1 
ATOM   793  C CE2 . TYR A 1 124 ? -3.500  -9.568  1.144   1.00 14.15 ? 121 TYR A CE2 1 
ATOM   794  C CZ  . TYR A 1 124 ? -4.482  -9.804  2.122   1.00 15.92 ? 121 TYR A CZ  1 
ATOM   795  O OH  . TYR A 1 124 ? -4.218  -9.679  3.434   1.00 16.25 ? 121 TYR A OH  1 
ATOM   796  N N   . ALA A 1 125 ? -6.251  -11.821 -4.558  1.00 12.13 ? 122 ALA A N   1 
ATOM   797  C CA  . ALA A 1 125 ? -7.253  -12.356 -5.506  1.00 15.88 ? 122 ALA A CA  1 
ATOM   798  C C   . ALA A 1 125 ? -7.299  -13.873 -5.260  1.00 15.97 ? 122 ALA A C   1 
ATOM   799  O O   . ALA A 1 125 ? -8.402  -14.517 -5.291  1.00 18.59 ? 122 ALA A O   1 
ATOM   800  C CB  . ALA A 1 125 ? -6.811  -12.094 -6.972  1.00 15.37 ? 122 ALA A CB  1 
ATOM   801  N N   . ARG A 1 126 ? -6.129  -14.468 -5.044  1.00 16.58 ? 123 ARG A N   1 
ATOM   802  C CA  . ARG A 1 126 ? -6.101  -15.922 -4.785  1.00 17.54 ? 123 ARG A CA  1 
ATOM   803  C C   . ARG A 1 126 ? -6.773  -16.279 -3.459  1.00 16.27 ? 123 ARG A C   1 
ATOM   804  O O   . ARG A 1 126 ? -7.564  -17.232 -3.423  1.00 16.83 ? 123 ARG A O   1 
ATOM   805  C CB  . ARG A 1 126 ? -4.687  -16.469 -4.904  1.00 20.58 ? 123 ARG A CB  1 
ATOM   806  C CG  . ARG A 1 126 ? -4.080  -16.030 -6.235  1.00 27.59 ? 123 ARG A CG  1 
ATOM   807  C CD  . ARG A 1 126 ? -3.481  -17.128 -7.121  1.00 32.64 ? 123 ARG A CD  1 
ATOM   808  N NE  . ARG A 1 126 ? -3.699  -16.691 -8.504  1.00 38.10 ? 123 ARG A NE  1 
ATOM   809  C CZ  . ARG A 1 126 ? -2.862  -16.841 -9.527  1.00 39.39 ? 123 ARG A CZ  1 
ATOM   810  N NH1 . ARG A 1 126 ? -1.687  -17.445 -9.386  1.00 41.20 ? 123 ARG A NH1 1 
ATOM   811  N NH2 . ARG A 1 126 ? -3.204  -16.335 -10.704 1.00 40.27 ? 123 ARG A NH2 1 
ATOM   812  N N   . ARG A 1 127 ? -6.544  -15.460 -2.415  1.00 13.73 ? 124 ARG A N   1 
ATOM   813  C CA  . ARG A 1 127 ? -7.221  -15.639 -1.097  1.00 15.45 ? 124 ARG A CA  1 
ATOM   814  C C   . ARG A 1 127 ? -8.720  -15.479 -1.372  1.00 16.06 ? 124 ARG A C   1 
ATOM   815  O O   . ARG A 1 127 ? -9.560  -16.289 -0.924  1.00 15.04 ? 124 ARG A O   1 
ATOM   816  C CB  . ARG A 1 127 ? -6.798  -14.568 -0.098  1.00 15.18 ? 124 ARG A CB  1 
ATOM   817  C CG  . ARG A 1 127 ? -5.459  -14.834 0.552   1.00 15.98 ? 124 ARG A CG  1 
ATOM   818  C CD  . ARG A 1 127 ? -5.029  -13.669 1.417   1.00 17.24 ? 124 ARG A CD  1 
ATOM   819  N NE  . ARG A 1 127 ? -6.093  -13.066 2.246   1.00 18.90 ? 124 ARG A NE  1 
ATOM   820  C CZ  . ARG A 1 127 ? -6.015  -12.962 3.573   1.00 21.47 ? 124 ARG A CZ  1 
ATOM   821  N NH1 . ARG A 1 127 ? -6.990  -12.385 4.288   1.00 22.25 ? 124 ARG A NH1 1 
ATOM   822  N NH2 . ARG A 1 127 ? -4.968  -13.461 4.189   1.00 22.03 ? 124 ARG A NH2 1 
ATOM   823  N N   . GLY A 1 128 ? -9.040  -14.433 -2.123  1.00 14.78 ? 125 GLY A N   1 
ATOM   824  C CA  . GLY A 1 128 ? -10.404 -14.189 -2.534  1.00 15.02 ? 125 GLY A CA  1 
ATOM   825  C C   . GLY A 1 128 ? -11.181 -13.193 -1.726  1.00 17.12 ? 125 GLY A C   1 
ATOM   826  O O   . GLY A 1 128 ? -12.348 -12.902 -2.070  1.00 16.17 ? 125 GLY A O   1 
ATOM   827  N N   . ASP A 1 129 ? -10.603 -12.730 -0.617  1.00 16.64 ? 126 ASP A N   1 
ATOM   828  C CA  . ASP A 1 129 ? -11.328 -11.795 0.199   1.00 15.98 ? 126 ASP A CA  1 
ATOM   829  C C   . ASP A 1 129 ? -11.244 -10.363 -0.271  1.00 15.50 ? 126 ASP A C   1 
ATOM   830  O O   . ASP A 1 129 ? -11.931 -9.502  0.272   1.00 13.81 ? 126 ASP A O   1 
ATOM   831  C CB  . ASP A 1 129 ? -10.987 -11.905 1.697   1.00 16.82 ? 126 ASP A CB  1 
ATOM   832  C CG  . ASP A 1 129 ? -9.477  -11.945 2.011   1.00 18.41 ? 126 ASP A CG  1 
ATOM   833  O OD1 . ASP A 1 129 ? -9.145  -11.740 3.226   1.00 16.97 ? 126 ASP A OD1 1 
ATOM   834  O OD2 . ASP A 1 129 ? -8.653  -12.206 1.098   1.00 18.72 ? 126 ASP A OD2 1 
ATOM   835  N N   . ILE A 1 130 ? -10.413 -10.090 -1.292  1.00 14.44 ? 127 ILE A N   1 
ATOM   836  C CA  . ILE A 1 130 ? -10.378 -8.717  -1.852  1.00 14.26 ? 127 ILE A CA  1 
ATOM   837  C C   . ILE A 1 130 ? -10.312 -8.901  -3.382  1.00 13.58 ? 127 ILE A C   1 
ATOM   838  O O   . ILE A 1 130 ? -9.466  -9.663  -3.874  1.00 12.60 ? 127 ILE A O   1 
ATOM   839  C CB  . ILE A 1 130 ? -9.162  -7.913  -1.374  1.00 17.03 ? 127 ILE A CB  1 
ATOM   840  C CG1 . ILE A 1 130 ? -9.084  -7.955  0.160   1.00 18.50 ? 127 ILE A CG1 1 
ATOM   841  C CG2 . ILE A 1 130 ? -9.256  -6.436  -1.866  1.00 15.77 ? 127 ILE A CG2 1 
ATOM   842  C CD1 . ILE A 1 130 ? -8.157  -6.917  0.742   1.00 22.99 ? 127 ILE A CD1 1 
ATOM   843  N N   . ARG A 1 131 ? -11.172 -8.163  -4.110  1.00 13.56 ? 128 ARG A N   1 
ATOM   844  C CA  . ARG A 1 131 ? -11.279 -8.195  -5.566  1.00 12.71 ? 128 ARG A CA  1 
ATOM   845  C C   . ARG A 1 131 ? -11.157 -6.779  -6.210  1.00 12.65 ? 128 ARG A C   1 
ATOM   846  O O   . ARG A 1 131 ? -10.819 -6.668  -7.357  1.00 12.47 ? 128 ARG A O   1 
ATOM   847  C CB  . ARG A 1 131 ? -12.639 -8.760  -6.009  1.00 14.07 ? 128 ARG A CB  1 
ATOM   848  C CG  . ARG A 1 131 ? -13.842 -7.841  -5.612  1.00 14.67 ? 128 ARG A CG  1 
ATOM   849  C CD  . ARG A 1 131 ? -15.137 -8.634  -5.739  1.00 14.69 ? 128 ARG A CD  1 
ATOM   850  N NE  . ARG A 1 131 ? -15.311 -9.086  -7.122  1.00 16.42 ? 128 ARG A NE  1 
ATOM   851  C CZ  . ARG A 1 131 ? -15.663 -8.281  -8.142  1.00 15.13 ? 128 ARG A CZ  1 
ATOM   852  N NH1 . ARG A 1 131 ? -15.883 -6.983  -7.967  1.00 11.52 ? 128 ARG A NH1 1 
ATOM   853  N NH2 . ARG A 1 131 ? -15.803 -8.798  -9.346  1.00 18.81 ? 128 ARG A NH2 1 
ATOM   854  N N   . ARG A 1 132 ? -11.389 -5.726  -5.438  1.00 10.92 ? 129 ARG A N   1 
ATOM   855  C CA  . ARG A 1 132 ? -11.348 -4.357  -5.951  1.00 9.29  ? 129 ARG A CA  1 
ATOM   856  C C   . ARG A 1 132 ? -10.223 -3.608  -5.194  1.00 9.23  ? 129 ARG A C   1 
ATOM   857  O O   . ARG A 1 132 ? -10.275 -3.425  -3.965  1.00 9.25  ? 129 ARG A O   1 
ATOM   858  C CB  . ARG A 1 132 ? -12.711 -3.648  -5.731  1.00 8.98  ? 129 ARG A CB  1 
ATOM   859  C CG  . ARG A 1 132 ? -12.724 -2.155  -6.331  1.00 7.67  ? 129 ARG A CG  1 
ATOM   860  C CD  . ARG A 1 132 ? -14.131 -1.468  -6.092  1.00 9.97  ? 129 ARG A CD  1 
ATOM   861  N NE  . ARG A 1 132 ? -13.977 -0.022  -6.042  1.00 8.13  ? 129 ARG A NE  1 
ATOM   862  C CZ  . ARG A 1 132 ? -13.738 0.750   -7.105  1.00 12.23 ? 129 ARG A CZ  1 
ATOM   863  N NH1 . ARG A 1 132 ? -13.527 2.050   -6.940  1.00 11.29 ? 129 ARG A NH1 1 
ATOM   864  N NH2 . ARG A 1 132 ? -13.825 0.259   -8.341  1.00 11.06 ? 129 ARG A NH2 1 
ATOM   865  N N   . PHE A 1 133 ? -9.187  -3.206  -5.926  1.00 8.11  ? 130 PHE A N   1 
ATOM   866  C CA  . PHE A 1 133 ? -8.062  -2.548  -5.288  1.00 9.33  ? 130 PHE A CA  1 
ATOM   867  C C   . PHE A 1 133 ? -8.080  -1.121  -5.713  1.00 8.45  ? 130 PHE A C   1 
ATOM   868  O O   . PHE A 1 133 ? -8.139  -0.847  -6.918  1.00 10.03 ? 130 PHE A O   1 
ATOM   869  C CB  . PHE A 1 133 ? -6.740  -3.213  -5.726  1.00 9.85  ? 130 PHE A CB  1 
ATOM   870  C CG  . PHE A 1 133 ? -6.679  -4.668  -5.394  1.00 9.68  ? 130 PHE A CG  1 
ATOM   871  C CD1 . PHE A 1 133 ? -7.148  -5.613  -6.303  1.00 9.98  ? 130 PHE A CD1 1 
ATOM   872  C CD2 . PHE A 1 133 ? -6.232  -5.082  -4.142  1.00 10.15 ? 130 PHE A CD2 1 
ATOM   873  C CE1 . PHE A 1 133 ? -7.175  -6.948  -5.972  1.00 10.79 ? 130 PHE A CE1 1 
ATOM   874  C CE2 . PHE A 1 133 ? -6.258  -6.448  -3.800  1.00 15.22 ? 130 PHE A CE2 1 
ATOM   875  C CZ  . PHE A 1 133 ? -6.735  -7.382  -4.737  1.00 8.08  ? 130 PHE A CZ  1 
ATOM   876  N N   . VAL A 1 134 ? -8.056  -0.213  -4.754  1.00 7.53  ? 131 VAL A N   1 
ATOM   877  C CA  . VAL A 1 134 ? -8.184  1.196   -5.082  1.00 8.14  ? 131 VAL A CA  1 
ATOM   878  C C   . VAL A 1 134 ? -7.048  2.059   -4.678  1.00 8.19  ? 131 VAL A C   1 
ATOM   879  O O   . VAL A 1 134 ? -6.509  1.850   -3.613  1.00 8.04  ? 131 VAL A O   1 
ATOM   880  C CB  . VAL A 1 134 ? -9.447  1.767   -4.384  1.00 6.38  ? 131 VAL A CB  1 
ATOM   881  C CG1 . VAL A 1 134 ? -9.661  3.255   -4.739  1.00 8.40  ? 131 VAL A CG1 1 
ATOM   882  C CG2 . VAL A 1 134 ? -10.692 0.902   -4.863  1.00 10.89 ? 131 VAL A CG2 1 
ATOM   883  N N   . ILE A 1 135 ? -6.627  2.972   -5.568  1.00 7.34  ? 132 ILE A N   1 
ATOM   884  C CA  . ILE A 1 135 ? -5.563  3.952   -5.215  1.00 7.79  ? 132 ILE A CA  1 
ATOM   885  C C   . ILE A 1 135 ? -6.158  5.333   -5.330  1.00 9.89  ? 132 ILE A C   1 
ATOM   886  O O   . ILE A 1 135 ? -6.598  5.731   -6.442  1.00 7.83  ? 132 ILE A O   1 
ATOM   887  C CB  . ILE A 1 135 ? -4.350  3.912   -6.176  1.00 6.83  ? 132 ILE A CB  1 
ATOM   888  C CG1 . ILE A 1 135 ? -3.539  2.646   -5.884  1.00 10.17 ? 132 ILE A CG1 1 
ATOM   889  C CG2 . ILE A 1 135 ? -3.466  5.235   -5.986  1.00 11.55 ? 132 ILE A CG2 1 
ATOM   890  C CD1 . ILE A 1 135 ? -2.443  2.242   -6.926  1.00 10.89 ? 132 ILE A CD1 1 
ATOM   891  N N   . LYS A 1 136 ? -6.206  6.064   -4.212  1.00 8.01  ? 133 LYS A N   1 
ATOM   892  C CA  . LYS A 1 136 ? -6.663  7.458   -4.257  1.00 9.55  ? 133 LYS A CA  1 
ATOM   893  C C   . LYS A 1 136 ? -5.380  8.232   -4.029  1.00 11.80 ? 133 LYS A C   1 
ATOM   894  O O   . LYS A 1 136 ? -4.646  7.919   -3.049  1.00 11.32 ? 133 LYS A O   1 
ATOM   895  C CB  . LYS A 1 136 ? -7.645  7.746   -3.101  1.00 12.38 ? 133 LYS A CB  1 
ATOM   896  C CG  . LYS A 1 136 ? -9.005  7.107   -3.254  1.00 15.23 ? 133 LYS A CG  1 
ATOM   897  C CD  . LYS A 1 136 ? -9.784  7.100   -1.932  1.00 17.78 ? 133 LYS A CD  1 
ATOM   898  C CE  . LYS A 1 136 ? -10.248 8.445   -1.560  1.00 21.28 ? 133 LYS A CE  1 
ATOM   899  N NZ  . LYS A 1 136 ? -10.806 8.376   -0.145  1.00 22.02 ? 133 LYS A NZ  1 
ATOM   900  N N   . CYS A 1 137 ? -5.043  9.134   -4.955  1.00 8.17  ? 134 CYS A N   1 
ATOM   901  C CA  . CYS A 1 137 ? -3.838  9.949   -4.701  1.00 10.95 ? 134 CYS A CA  1 
ATOM   902  C C   . CYS A 1 137 ? -4.027  11.337  -5.299  1.00 10.09 ? 134 CYS A C   1 
ATOM   903  O O   . CYS A 1 137 ? -4.766  11.507  -6.307  1.00 9.76  ? 134 CYS A O   1 
ATOM   904  C CB  . CYS A 1 137 ? -2.648  9.266   -5.321  1.00 11.51 ? 134 CYS A CB  1 
ATOM   905  S SG  . CYS A 1 137 ? -2.717  9.059   -7.159  1.00 13.19 ? 134 CYS A SG  1 
ATOM   906  N N   . ARG A 1 138 ? -3.360  12.336  -4.724  1.00 9.94  ? 135 ARG A N   1 
ATOM   907  C CA  . ARG A 1 138 ? -3.502  13.709  -5.215  1.00 10.97 ? 135 ARG A CA  1 
ATOM   908  C C   . ARG A 1 138 ? -3.149  13.766  -6.698  1.00 9.84  ? 135 ARG A C   1 
ATOM   909  O O   . ARG A 1 138 ? -2.253  13.055  -7.159  1.00 11.43 ? 135 ARG A O   1 
ATOM   910  C CB  . ARG A 1 138 ? -2.576  14.654  -4.450  1.00 13.19 ? 135 ARG A CB  1 
ATOM   911  C CG  . ARG A 1 138 ? -3.072  14.952  -3.036  1.00 17.86 ? 135 ARG A CG  1 
ATOM   912  C CD  . ARG A 1 138 ? -2.118  15.983  -2.299  1.00 21.98 ? 135 ARG A CD  1 
ATOM   913  N NE  . ARG A 1 138 ? -0.829  16.134  -2.977  1.00 27.71 ? 135 ARG A NE  1 
ATOM   914  C CZ  . ARG A 1 138 ? 0.255   15.383  -2.798  1.00 28.73 ? 135 ARG A CZ  1 
ATOM   915  N NH1 . ARG A 1 138 ? 1.327   15.648  -3.522  1.00 28.45 ? 135 ARG A NH1 1 
ATOM   916  N NH2 . ARG A 1 138 ? 0.297   14.377  -1.899  1.00 31.99 ? 135 ARG A NH2 1 
ATOM   917  N N   . VAL A 1 139 ? -3.848  14.625  -7.430  1.00 8.92  ? 136 VAL A N   1 
ATOM   918  C CA  . VAL A 1 139 ? -3.586  14.763  -8.837  1.00 7.83  ? 136 VAL A CA  1 
ATOM   919  C C   . VAL A 1 139 ? -2.096  15.182  -9.015  1.00 9.97  ? 136 VAL A C   1 
ATOM   920  O O   . VAL A 1 139 ? -1.419  14.707  -9.929  1.00 10.82 ? 136 VAL A O   1 
ATOM   921  C CB  . VAL A 1 139 ? -4.523  15.808  -9.461  1.00 9.69  ? 136 VAL A CB  1 
ATOM   922  C CG1 . VAL A 1 139 ? -4.091  16.138  -10.892 1.00 9.28  ? 136 VAL A CG1 1 
ATOM   923  C CG2 . VAL A 1 139 ? -5.947  15.256  -9.451  1.00 7.54  ? 136 VAL A CG2 1 
ATOM   924  N N   . ASP A 1 140 ? -1.602  16.007  -8.102  1.00 12.14 ? 137 ASP A N   1 
ATOM   925  C CA  . ASP A 1 140 ? -0.235  16.504  -8.210  1.00 14.85 ? 137 ASP A CA  1 
ATOM   926  C C   . ASP A 1 140 ? 0.808   15.587  -7.600  1.00 14.92 ? 137 ASP A C   1 
ATOM   927  O O   . ASP A 1 140 ? 1.990   15.957  -7.500  1.00 16.84 ? 137 ASP A O   1 
ATOM   928  C CB  . ASP A 1 140 ? -0.131  17.953  -7.634  1.00 19.55 ? 137 ASP A CB  1 
ATOM   929  C CG  . ASP A 1 140 ? -0.305  18.025  -6.125  1.00 23.84 ? 137 ASP A CG  1 
ATOM   930  O OD1 . ASP A 1 140 ? -0.355  16.986  -5.447  1.00 27.24 ? 137 ASP A OD1 1 
ATOM   931  O OD2 . ASP A 1 140 ? -0.371  19.157  -5.559  1.00 28.59 ? 137 ASP A OD2 1 
ATOM   932  N N   . ASN A 1 141 ? 0.405   14.370  -7.207  1.00 14.66 ? 138 ASN A N   1 
ATOM   933  C CA  . ASN A 1 141 ? 1.388   13.448  -6.590  1.00 14.44 ? 138 ASN A CA  1 
ATOM   934  C C   . ASN A 1 141 ? 1.951   12.664  -7.782  1.00 16.29 ? 138 ASN A C   1 
ATOM   935  O O   . ASN A 1 141 ? 1.401   11.647  -8.195  1.00 14.05 ? 138 ASN A O   1 
ATOM   936  C CB  . ASN A 1 141 ? 0.712   12.538  -5.547  1.00 15.13 ? 138 ASN A CB  1 
ATOM   937  C CG  . ASN A 1 141 ? 1.712   11.638  -4.800  1.00 16.71 ? 138 ASN A CG  1 
ATOM   938  O OD1 . ASN A 1 141 ? 2.713   11.256  -5.359  1.00 17.51 ? 138 ASN A OD1 1 
ATOM   939  N ND2 . ASN A 1 141 ? 1.386   11.256  -3.566  1.00 20.18 ? 138 ASN A ND2 1 
ATOM   940  N N   . GLN A 1 142 ? 3.073   13.145  -8.328  1.00 15.91 ? 139 GLN A N   1 
ATOM   941  C CA  . GLN A 1 142 ? 3.633   12.508  -9.528  1.00 17.79 ? 139 GLN A CA  1 
ATOM   942  C C   . GLN A 1 142 ? 3.977   11.024  -9.293  1.00 15.56 ? 139 GLN A C   1 
ATOM   943  O O   . GLN A 1 142 ? 3.732   10.187  -10.149 1.00 14.15 ? 139 GLN A O   1 
ATOM   944  C CB  . GLN A 1 142 ? 4.906   13.243  -9.921  1.00 20.19 ? 139 GLN A CB  1 
ATOM   945  C CG  . GLN A 1 142 ? 5.372   13.029  -11.352 1.00 29.32 ? 139 GLN A CG  1 
ATOM   946  C CD  . GLN A 1 142 ? 6.474   14.035  -11.732 1.00 34.34 ? 139 GLN A CD  1 
ATOM   947  O OE1 . GLN A 1 142 ? 6.699   15.031  -11.004 1.00 36.74 ? 139 GLN A OE1 1 
ATOM   948  N NE2 . GLN A 1 142 ? 7.158   13.795  -12.869 1.00 35.77 ? 139 GLN A NE2 1 
ATOM   949  N N   . ALA A 1 143 ? 4.551   10.715  -8.132  1.00 15.06 ? 140 ALA A N   1 
ATOM   950  C CA  . ALA A 1 143 ? 4.967   9.317   -7.883  1.00 13.84 ? 140 ALA A CA  1 
ATOM   951  C C   . ALA A 1 143 ? 3.777   8.358   -7.793  1.00 11.97 ? 140 ALA A C   1 
ATOM   952  O O   . ALA A 1 143 ? 3.762   7.314   -8.451  1.00 12.95 ? 140 ALA A O   1 
ATOM   953  C CB  . ALA A 1 143 ? 5.821   9.218   -6.596  1.00 12.10 ? 140 ALA A CB  1 
ATOM   954  N N   . SER A 1 144 ? 2.785   8.687   -6.986  1.00 9.53  ? 141 SER A N   1 
ATOM   955  C CA  . SER A 1 144 ? 1.614   7.773   -6.868  1.00 9.98  ? 141 SER A CA  1 
ATOM   956  C C   . SER A 1 144 ? 0.835   7.597   -8.171  1.00 11.13 ? 141 SER A C   1 
ATOM   957  O O   . SER A 1 144 ? 0.364   6.479   -8.493  1.00 9.95  ? 141 SER A O   1 
ATOM   958  C CB  . SER A 1 144 ? 0.678   8.251   -5.748  1.00 13.46 ? 141 SER A CB  1 
ATOM   959  O OG  . SER A 1 144 ? 1.260   8.035   -4.449  1.00 17.71 ? 141 SER A OG  1 
ATOM   960  N N   . ASN A 1 145 ? 0.689   8.663   -8.949  1.00 9.71  ? 142 ASN A N   1 
ATOM   961  C CA  . ASN A 1 145 ? -0.009  8.509   -10.229 1.00 9.68  ? 142 ASN A CA  1 
ATOM   962  C C   . ASN A 1 145 ? 0.732   7.560   -11.158 1.00 10.32 ? 142 ASN A C   1 
ATOM   963  O O   . ASN A 1 145 ? 0.111   6.740   -11.826 1.00 12.03 ? 142 ASN A O   1 
ATOM   964  C CB  . ASN A 1 145 ? -0.237  9.861   -10.888 1.00 9.80  ? 142 ASN A CB  1 
ATOM   965  C CG  . ASN A 1 145 ? -1.379  10.625  -10.237 1.00 8.63  ? 142 ASN A CG  1 
ATOM   966  O OD1 . ASN A 1 145 ? -2.594  10.320  -10.517 1.00 8.03  ? 142 ASN A OD1 1 
ATOM   967  N ND2 . ASN A 1 145 ? -1.039  11.598  -9.363  1.00 8.71  ? 142 ASN A ND2 1 
ATOM   968  N N   . ALA A 1 146 ? 2.057   7.626   -11.169 1.00 10.48 ? 143 ALA A N   1 
ATOM   969  C CA  . ALA A 1 146 ? 2.812   6.735   -12.016 1.00 10.96 ? 143 ALA A CA  1 
ATOM   970  C C   . ALA A 1 146 ? 2.678   5.260   -11.564 1.00 8.27  ? 143 ALA A C   1 
ATOM   971  O O   . ALA A 1 146 ? 2.585   4.346   -12.411 1.00 8.37  ? 143 ALA A O   1 
ATOM   972  C CB  . ALA A 1 146 ? 4.287   7.217   -12.082 1.00 10.25 ? 143 ALA A CB  1 
ATOM   973  N N   . VAL A 1 147 ? 2.637   5.014   -10.245 1.00 11.41 ? 144 VAL A N   1 
ATOM   974  C CA  . VAL A 1 147 ? 2.455   3.634   -9.757  1.00 10.24 ? 144 VAL A CA  1 
ATOM   975  C C   . VAL A 1 147 ? 1.097   3.158   -10.268 1.00 12.31 ? 144 VAL A C   1 
ATOM   976  O O   . VAL A 1 147 ? 0.977   2.077   -10.815 1.00 12.45 ? 144 VAL A O   1 
ATOM   977  C CB  . VAL A 1 147 ? 2.494   3.581   -8.179  1.00 9.39  ? 144 VAL A CB  1 
ATOM   978  C CG1 . VAL A 1 147 ? 2.079   2.227   -7.691  1.00 11.55 ? 144 VAL A CG1 1 
ATOM   979  C CG2 . VAL A 1 147 ? 3.961   3.843   -7.686  1.00 8.77  ? 144 VAL A CG2 1 
ATOM   980  N N   . ALA A 1 148 ? 0.076   3.991   -10.106 1.00 9.65  ? 145 ALA A N   1 
ATOM   981  C CA  . ALA A 1 148 ? -1.238  3.571   -10.558 1.00 9.57  ? 145 ALA A CA  1 
ATOM   982  C C   . ALA A 1 148 ? -1.229  3.192   -12.038 1.00 11.64 ? 145 ALA A C   1 
ATOM   983  O O   . ALA A 1 148 ? -1.707  2.102   -12.431 1.00 11.33 ? 145 ALA A O   1 
ATOM   984  C CB  . ALA A 1 148 ? -2.262  4.619   -10.250 1.00 9.26  ? 145 ALA A CB  1 
ATOM   985  N N   . ARG A 1 149 ? -0.631  4.029   -12.866 1.00 12.35 ? 146 ARG A N   1 
ATOM   986  C CA  . ARG A 1 149 ? -0.604  3.717   -14.303 1.00 17.52 ? 146 ARG A CA  1 
ATOM   987  C C   . ARG A 1 149 ? 0.263   2.536   -14.689 1.00 16.29 ? 146 ARG A C   1 
ATOM   988  O O   . ARG A 1 149 ? -0.138  1.762   -15.523 1.00 19.59 ? 146 ARG A O   1 
ATOM   989  C CB  . ARG A 1 149 ? -0.191  4.965   -15.114 1.00 16.59 ? 146 ARG A CB  1 
ATOM   990  C CG  . ARG A 1 149 ? -1.238  6.114   -15.055 1.00 20.78 ? 146 ARG A CG  1 
ATOM   991  C CD  . ARG A 1 149 ? -0.748  7.238   -16.019 1.00 22.08 ? 146 ARG A CD  1 
ATOM   992  N NE  . ARG A 1 149 ? 0.590   7.660   -15.640 1.00 24.72 ? 146 ARG A NE  1 
ATOM   993  C CZ  . ARG A 1 149 ? 0.865   8.815   -15.035 1.00 25.57 ? 146 ARG A CZ  1 
ATOM   994  N NH1 . ARG A 1 149 ? -0.116  9.678   -14.758 1.00 27.35 ? 146 ARG A NH1 1 
ATOM   995  N NH2 . ARG A 1 149 ? 2.110   9.086   -14.677 1.00 28.61 ? 146 ARG A NH2 1 
ATOM   996  N N   . ARG A 1 150 ? 1.447   2.385   -14.105 1.00 17.51 ? 147 ARG A N   1 
ATOM   997  C CA  . ARG A 1 150 ? 2.346   1.268   -14.401 1.00 17.96 ? 147 ARG A CA  1 
ATOM   998  C C   . ARG A 1 150 ? 1.751   -0.083  -13.972 1.00 17.58 ? 147 ARG A C   1 
ATOM   999  O O   . ARG A 1 150 ? 2.177   -1.119  -14.466 1.00 16.22 ? 147 ARG A O   1 
ATOM   1000 C CB  . ARG A 1 150 ? 3.671   1.393   -13.638 1.00 21.15 ? 147 ARG A CB  1 
ATOM   1001 C CG  . ARG A 1 150 ? 4.532   2.564   -13.994 1.00 29.02 ? 147 ARG A CG  1 
ATOM   1002 C CD  . ARG A 1 150 ? 5.512   2.277   -15.131 1.00 33.43 ? 147 ARG A CD  1 
ATOM   1003 N NE  . ARG A 1 150 ? 6.058   3.567   -15.540 1.00 37.38 ? 147 ARG A NE  1 
ATOM   1004 C CZ  . ARG A 1 150 ? 6.947   3.744   -16.495 1.00 39.13 ? 147 ARG A CZ  1 
ATOM   1005 N NH1 . ARG A 1 150 ? 7.425   2.700   -17.167 1.00 42.72 ? 147 ARG A NH1 1 
ATOM   1006 N NH2 . ARG A 1 150 ? 7.351   4.979   -16.779 1.00 42.28 ? 147 ARG A NH2 1 
ATOM   1007 N N   . ASN A 1 151 ? 0.798   -0.067  -13.028 1.00 15.45 ? 148 ASN A N   1 
ATOM   1008 C CA  . ASN A 1 151 ? 0.236   -1.288  -12.547 1.00 12.77 ? 148 ASN A CA  1 
ATOM   1009 C C   . ASN A 1 151 ? -1.176  -1.551  -13.052 1.00 13.49 ? 148 ASN A C   1 
ATOM   1010 O O   . ASN A 1 151 ? -1.942  -2.265  -12.445 1.00 14.80 ? 148 ASN A O   1 
ATOM   1011 C CB  . ASN A 1 151 ? 0.394   -1.283  -11.042 1.00 14.50 ? 148 ASN A CB  1 
ATOM   1012 C CG  . ASN A 1 151 ? 1.888   -1.327  -10.669 1.00 19.09 ? 148 ASN A CG  1 
ATOM   1013 O OD1 . ASN A 1 151 ? 2.460   -2.420  -10.611 1.00 22.37 ? 148 ASN A OD1 1 
ATOM   1014 N ND2 . ASN A 1 151 ? 2.543   -0.135  -10.505 1.00 15.97 ? 148 ASN A ND2 1 
ATOM   1015 N N   . HIS A 1 152 ? -1.450  -0.908  -14.167 1.00 12.98 ? 149 HIS A N   1 
ATOM   1016 C CA  . HIS A 1 152 ? -2.676  -1.065  -14.962 1.00 15.51 ? 149 HIS A CA  1 
ATOM   1017 C C   . HIS A 1 152 ? -3.963  -0.743  -14.256 1.00 14.62 ? 149 HIS A C   1 
ATOM   1018 O O   . HIS A 1 152 ? -4.973  -1.468  -14.430 1.00 17.86 ? 149 HIS A O   1 
ATOM   1019 C CB  . HIS A 1 152 ? -2.715  -2.502  -15.485 1.00 15.53 ? 149 HIS A CB  1 
ATOM   1020 C CG  . HIS A 1 152 ? -1.365  -3.018  -15.881 1.00 18.33 ? 149 HIS A CG  1 
ATOM   1021 N ND1 . HIS A 1 152 ? -0.670  -2.528  -16.967 1.00 19.17 ? 149 HIS A ND1 1 
ATOM   1022 C CD2 . HIS A 1 152 ? -0.535  -3.902  -15.269 1.00 18.97 ? 149 HIS A CD2 1 
ATOM   1023 C CE1 . HIS A 1 152 ? 0.535   -3.081  -17.011 1.00 18.37 ? 149 HIS A CE1 1 
ATOM   1024 N NE2 . HIS A 1 152 ? 0.640   -3.915  -15.993 1.00 17.54 ? 149 HIS A NE2 1 
ATOM   1025 N N   . PHE A 1 153 ? -3.937  0.298   -13.412 1.00 13.04 ? 150 PHE A N   1 
ATOM   1026 C CA  . PHE A 1 153 ? -5.164  0.716   -12.745 1.00 12.02 ? 150 PHE A CA  1 
ATOM   1027 C C   . PHE A 1 153 ? -5.929  1.609   -13.733 1.00 11.91 ? 150 PHE A C   1 
ATOM   1028 O O   . PHE A 1 153 ? -5.322  2.314   -14.552 1.00 12.36 ? 150 PHE A O   1 
ATOM   1029 C CB  . PHE A 1 153 ? -4.875  1.540   -11.475 1.00 11.03 ? 150 PHE A CB  1 
ATOM   1030 C CG  . PHE A 1 153 ? -4.474  0.720   -10.259 1.00 8.92  ? 150 PHE A CG  1 
ATOM   1031 C CD1 . PHE A 1 153 ? -3.284  0.002   -10.229 1.00 10.72 ? 150 PHE A CD1 1 
ATOM   1032 C CD2 . PHE A 1 153 ? -5.327  0.637   -9.151  1.00 9.70  ? 150 PHE A CD2 1 
ATOM   1033 C CE1 . PHE A 1 153 ? -2.950  -0.782  -9.120  1.00 11.34 ? 150 PHE A CE1 1 
ATOM   1034 C CE2 . PHE A 1 153 ? -5.021  -0.135  -8.036  1.00 8.76  ? 150 PHE A CE2 1 
ATOM   1035 C CZ  . PHE A 1 153 ? -3.828  -0.860  -8.012  1.00 11.43 ? 150 PHE A CZ  1 
ATOM   1036 N N   . THR A 1 154 ? -7.252  1.624   -13.640 1.00 11.23 ? 151 THR A N   1 
ATOM   1037 C CA  . THR A 1 154 ? -8.044  2.468   -14.528 1.00 11.23 ? 151 THR A CA  1 
ATOM   1038 C C   . THR A 1 154 ? -8.432  3.692   -13.734 1.00 10.51 ? 151 THR A C   1 
ATOM   1039 O O   . THR A 1 154 ? -8.821  3.540   -12.580 1.00 9.75  ? 151 THR A O   1 
ATOM   1040 C CB  . THR A 1 154 ? -9.332  1.719   -14.949 1.00 10.18 ? 151 THR A CB  1 
ATOM   1041 O OG1 . THR A 1 154 ? -8.956  0.596   -15.760 1.00 13.37 ? 151 THR A OG1 1 
ATOM   1042 C CG2 . THR A 1 154 ? -10.245 2.687   -15.762 1.00 11.61 ? 151 THR A CG2 1 
ATOM   1043 N N   . LEU A 1 155 ? -8.249  4.896   -14.302 1.00 8.26  ? 152 LEU A N   1 
ATOM   1044 C CA  . LEU A 1 155 ? -8.666  6.123   -13.602 1.00 8.49  ? 152 LEU A CA  1 
ATOM   1045 C C   . LEU A 1 155 ? -10.203 6.184   -13.712 1.00 9.23  ? 152 LEU A C   1 
ATOM   1046 O O   . LEU A 1 155 ? -10.756 6.274   -14.817 1.00 9.48  ? 152 LEU A O   1 
ATOM   1047 C CB  . LEU A 1 155 ? -8.051  7.368   -14.270 1.00 10.40 ? 152 LEU A CB  1 
ATOM   1048 C CG  . LEU A 1 155 ? -8.440  8.760   -13.676 1.00 11.46 ? 152 LEU A CG  1 
ATOM   1049 C CD1 . LEU A 1 155 ? -7.974  8.887   -12.259 1.00 9.98  ? 152 LEU A CD1 1 
ATOM   1050 C CD2 . LEU A 1 155 ? -7.801  9.852   -14.489 1.00 10.64 ? 152 LEU A CD2 1 
ATOM   1051 N N   . GLU A 1 156 ? -10.860 6.081   -12.564 1.00 6.65  ? 153 GLU A N   1 
ATOM   1052 C CA  . GLU A 1 156 ? -12.323 6.127   -12.466 1.00 8.91  ? 153 GLU A CA  1 
ATOM   1053 C C   . GLU A 1 156 ? -12.886 7.518   -12.285 1.00 10.13 ? 153 GLU A C   1 
ATOM   1054 O O   . GLU A 1 156 ? -14.081 7.747   -12.586 1.00 10.67 ? 153 GLU A O   1 
ATOM   1055 C CB  . GLU A 1 156 ? -12.782 5.276   -11.293 1.00 5.83  ? 153 GLU A CB  1 
ATOM   1056 C CG  . GLU A 1 156 ? -12.462 3.804   -11.512 1.00 7.32  ? 153 GLU A CG  1 
ATOM   1057 C CD  . GLU A 1 156 ? -13.024 2.947   -10.371 1.00 7.62  ? 153 GLU A CD  1 
ATOM   1058 O OE1 . GLU A 1 156 ? -13.323 1.779   -10.597 1.00 10.44 ? 153 GLU A OE1 1 
ATOM   1059 O OE2 . GLU A 1 156 ? -13.145 3.446   -9.248  1.00 9.91  ? 153 GLU A OE2 1 
ATOM   1060 N N   . GLY A 1 157 ? -12.063 8.440   -11.770 1.00 10.58 ? 154 GLY A N   1 
ATOM   1061 C CA  . GLY A 1 157 ? -12.558 9.809   -11.586 1.00 11.53 ? 154 GLY A CA  1 
ATOM   1062 C C   . GLY A 1 157 ? -11.582 10.671  -10.823 1.00 10.02 ? 154 GLY A C   1 
ATOM   1063 O O   . GLY A 1 157 ? -10.567 10.179  -10.294 1.00 10.44 ? 154 GLY A O   1 
ATOM   1064 N N   . CYS A 1 158 ? -11.965 11.939  -10.693 1.00 10.39 ? 155 CYS A N   1 
ATOM   1065 C CA  . CYS A 1 158 ? -11.168 12.957  -9.992  1.00 9.27  ? 155 CYS A CA  1 
ATOM   1066 C C   . CYS A 1 158 ? -12.069 13.601  -8.934  1.00 10.04 ? 155 CYS A C   1 
ATOM   1067 O O   . CYS A 1 158 ? -13.093 14.203  -9.288  1.00 11.92 ? 155 CYS A O   1 
ATOM   1068 C CB  . CYS A 1 158 ? -10.749 14.001  -11.013 1.00 10.55 ? 155 CYS A CB  1 
ATOM   1069 S SG  . CYS A 1 158 ? -9.619  15.168  -10.261 1.00 15.37 ? 155 CYS A SG  1 
ATOM   1070 N N   . MET A 1 159 ? -11.737 13.432  -7.633  1.00 6.79  ? 156 MET A N   1 
ATOM   1071 C CA  . MET A 1 159 ? -12.549 13.989  -6.564  1.00 8.54  ? 156 MET A CA  1 
ATOM   1072 C C   . MET A 1 159 ? -12.027 15.399  -6.284  1.00 8.53  ? 156 MET A C   1 
ATOM   1073 O O   . MET A 1 159 ? -10.904 15.542  -5.873  1.00 8.91  ? 156 MET A O   1 
ATOM   1074 C CB  . MET A 1 159 ? -12.355 13.107  -5.354  1.00 8.27  ? 156 MET A CB  1 
ATOM   1075 C CG  . MET A 1 159 ? -12.824 11.626  -5.675  1.00 10.77 ? 156 MET A CG  1 
ATOM   1076 S SD  . MET A 1 159 ? -12.254 10.452  -4.429  1.00 18.23 ? 156 MET A SD  1 
ATOM   1077 C CE  . MET A 1 159 ? -13.073 10.969  -3.012  1.00 15.42 ? 156 MET A CE  1 
ATOM   1078 N N   . LYS A 1 160 ? -12.879 16.393  -6.487  1.00 9.29  ? 157 LYS A N   1 
ATOM   1079 C CA  . LYS A 1 160 ? -12.472 17.793  -6.343  1.00 10.60 ? 157 LYS A CA  1 
ATOM   1080 C C   . LYS A 1 160 ? -12.116 18.215  -4.939  1.00 10.83 ? 157 LYS A C   1 
ATOM   1081 O O   . LYS A 1 160 ? -12.899 17.990  -4.048  1.00 8.29  ? 157 LYS A O   1 
ATOM   1082 C CB  . LYS A 1 160 ? -13.598 18.669  -6.881  1.00 15.31 ? 157 LYS A CB  1 
ATOM   1083 C CG  . LYS A 1 160 ? -13.293 20.137  -6.945  1.00 17.26 ? 157 LYS A CG  1 
ATOM   1084 C CD  . LYS A 1 160 ? -14.532 20.942  -7.369  1.00 20.33 ? 157 LYS A CD  1 
ATOM   1085 C CE  . LYS A 1 160 ? -14.318 21.665  -8.688  1.00 20.22 ? 157 LYS A CE  1 
ATOM   1086 N NZ  . LYS A 1 160 ? -15.213 22.907  -8.616  1.00 20.27 ? 157 LYS A NZ  1 
ATOM   1087 N N   . GLN A 1 161 ? -10.930 18.801  -4.725  1.00 9.84  ? 158 GLN A N   1 
ATOM   1088 C CA  . GLN A 1 161 ? -10.603 19.290  -3.366  1.00 10.54 ? 158 GLN A CA  1 
ATOM   1089 C C   . GLN A 1 161 ? -10.856 18.305  -2.240  1.00 11.52 ? 158 GLN A C   1 
ATOM   1090 O O   . GLN A 1 161 ? -11.279 18.659  -1.153  1.00 11.61 ? 158 GLN A O   1 
ATOM   1091 C CB  . GLN A 1 161 ? -11.422 20.583  -3.111  1.00 10.18 ? 158 GLN A CB  1 
ATOM   1092 C CG  . GLN A 1 161 ? -11.060 21.659  -4.122  1.00 9.28  ? 158 GLN A CG  1 
ATOM   1093 C CD  . GLN A 1 161 ? -12.140 22.783  -4.225  1.00 13.04 ? 158 GLN A CD  1 
ATOM   1094 O OE1 . GLN A 1 161 ? -12.379 23.350  -5.308  1.00 13.99 ? 158 GLN A OE1 1 
ATOM   1095 N NE2 . GLN A 1 161 ? -12.759 23.088  -3.119  1.00 10.27 ? 158 GLN A NE2 1 
ATOM   1096 N N   . ALA A 1 162 ? -10.508 17.057  -2.482  1.00 10.94 ? 159 ALA A N   1 
ATOM   1097 C CA  . ALA A 1 162 ? -10.786 16.034  -1.536  1.00 12.16 ? 159 ALA A CA  1 
ATOM   1098 C C   . ALA A 1 162 ? -9.750  15.767  -0.440  1.00 13.88 ? 159 ALA A C   1 
ATOM   1099 O O   . ALA A 1 162 ? -10.076 15.139  0.604   1.00 14.82 ? 159 ALA A O   1 
ATOM   1100 C CB  . ALA A 1 162 ? -11.067 14.765  -2.328  1.00 11.98 ? 159 ALA A CB  1 
ATOM   1101 N N   . GLU A 1 163 ? -8.528  16.248  -0.638  1.00 14.62 ? 160 GLU A N   1 
ATOM   1102 C CA  . GLU A 1 163 ? -7.467  15.972  0.336   1.00 15.36 ? 160 GLU A CA  1 
ATOM   1103 C C   . GLU A 1 163 ? -6.819  17.232  0.825   1.00 15.84 ? 160 GLU A C   1 
ATOM   1104 O O   . GLU A 1 163 ? -6.268  17.994  0.042   1.00 15.97 ? 160 GLU A O   1 
ATOM   1105 C CB  . GLU A 1 163 ? -6.405  15.081  -0.295  1.00 15.51 ? 160 GLU A CB  1 
ATOM   1106 C CG  . GLU A 1 163 ? -5.223  14.780  0.677   1.00 19.92 ? 160 GLU A CG  1 
ATOM   1107 C CD  . GLU A 1 163 ? -4.281  13.702  0.156   1.00 25.57 ? 160 GLU A CD  1 
ATOM   1108 O OE1 . GLU A 1 163 ? -3.069  13.775  0.480   1.00 28.76 ? 160 GLU A OE1 1 
ATOM   1109 O OE2 . GLU A 1 163 ? -4.754  12.769  -0.549  1.00 24.43 ? 160 GLU A OE2 1 
ATOM   1110 N N   . TYR A 1 164 ? -6.908  17.463  2.119   1.00 16.86 ? 161 TYR A N   1 
ATOM   1111 C CA  . TYR A 1 164 ? -6.290  18.672  2.701   1.00 19.74 ? 161 TYR A CA  1 
ATOM   1112 C C   . TYR A 1 164 ? -4.795  18.402  2.913   1.00 20.79 ? 161 TYR A C   1 
ATOM   1113 O O   . TYR A 1 164 ? -4.410  17.346  3.425   1.00 23.31 ? 161 TYR A O   1 
ATOM   1114 C CB  . TYR A 1 164 ? -6.937  18.980  4.053   1.00 21.41 ? 161 TYR A CB  1 
ATOM   1115 C CG  . TYR A 1 164 ? -6.429  20.247  4.721   1.00 25.03 ? 161 TYR A CG  1 
ATOM   1116 C CD1 . TYR A 1 164 ? -6.902  21.479  4.337   1.00 26.82 ? 161 TYR A CD1 1 
ATOM   1117 C CD2 . TYR A 1 164 ? -5.503  20.189  5.748   1.00 27.67 ? 161 TYR A CD2 1 
ATOM   1118 C CE1 . TYR A 1 164 ? -6.480  22.650  4.968   1.00 30.88 ? 161 TYR A CE1 1 
ATOM   1119 C CE2 . TYR A 1 164 ? -5.055  21.342  6.383   1.00 28.55 ? 161 TYR A CE2 1 
ATOM   1120 C CZ  . TYR A 1 164 ? -5.562  22.571  5.990   1.00 31.06 ? 161 TYR A CZ  1 
ATOM   1121 O OH  . TYR A 1 164 ? -5.223  23.749  6.650   1.00 34.11 ? 161 TYR A OH  1 
ATOM   1122 N N   . LEU A 1 165 ? -3.956  19.348  2.535   1.00 21.00 ? 162 LEU A N   1 
ATOM   1123 C CA  . LEU A 1 165 ? -2.532  19.195  2.746   1.00 22.97 ? 162 LEU A CA  1 
ATOM   1124 C C   . LEU A 1 165 ? -1.914  20.570  2.629   1.00 24.02 ? 162 LEU A C   1 
ATOM   1125 O O   . LEU A 1 165 ? -2.156  21.288  1.670   1.00 23.63 ? 162 LEU A O   1 
ATOM   1126 C CB  . LEU A 1 165 ? -1.912  18.253  1.699   1.00 25.13 ? 162 LEU A CB  1 
ATOM   1127 C CG  . LEU A 1 165 ? -0.505  17.713  1.970   1.00 26.78 ? 162 LEU A CG  1 
ATOM   1128 C CD1 . LEU A 1 165 ? 0.502   18.691  1.458   1.00 27.00 ? 162 LEU A CD1 1 
ATOM   1129 C CD2 . LEU A 1 165 ? -0.304  17.469  3.484   1.00 27.01 ? 162 LEU A CD2 1 
ATOM   1130 N N   . ASN A 1 166 ? -1.115  20.921  3.625   1.00 24.97 ? 163 ASN A N   1 
ATOM   1131 C CA  . ASN A 1 166 ? -0.427  22.211  3.635   1.00 27.48 ? 163 ASN A CA  1 
ATOM   1132 C C   . ASN A 1 166 ? -1.346  23.402  3.388   1.00 25.83 ? 163 ASN A C   1 
ATOM   1133 O O   . ASN A 1 166 ? -1.071  24.203  2.527   1.00 26.79 ? 163 ASN A O   1 
ATOM   1134 C CB  . ASN A 1 166 ? 0.719   22.204  2.606   1.00 29.26 ? 163 ASN A CB  1 
ATOM   1135 C CG  . ASN A 1 166 ? 1.844   21.217  2.977   1.00 33.32 ? 163 ASN A CG  1 
ATOM   1136 O OD1 . ASN A 1 166 ? 2.457   20.562  2.103   1.00 36.49 ? 163 ASN A OD1 1 
ATOM   1137 N ND2 . ASN A 1 166 ? 2.126   21.103  4.272   1.00 34.58 ? 163 ASN A ND2 1 
ATOM   1138 N N   . GLY A 1 167 ? -2.434  23.494  4.147   1.00 25.31 ? 164 GLY A N   1 
ATOM   1139 C CA  . GLY A 1 167 ? -3.337  24.636  4.027   1.00 23.86 ? 164 GLY A CA  1 
ATOM   1140 C C   . GLY A 1 167 ? -4.318  24.691  2.866   1.00 21.47 ? 164 GLY A C   1 
ATOM   1141 O O   . GLY A 1 167 ? -5.178  25.566  2.844   1.00 20.25 ? 164 GLY A O   1 
ATOM   1142 N N   . ASP A 1 168 ? -4.230  23.737  1.936   1.00 20.03 ? 165 ASP A N   1 
ATOM   1143 C CA  . ASP A 1 168 ? -5.116  23.719  0.769   1.00 17.67 ? 165 ASP A CA  1 
ATOM   1144 C C   . ASP A 1 168 ? -5.873  22.369  0.633   1.00 15.97 ? 165 ASP A C   1 
ATOM   1145 O O   . ASP A 1 168 ? -5.433  21.376  1.196   1.00 14.32 ? 165 ASP A O   1 
ATOM   1146 C CB  . ASP A 1 168 ? -4.309  23.943  -0.522  1.00 20.12 ? 165 ASP A CB  1 
ATOM   1147 C CG  . ASP A 1 168 ? -3.684  25.357  -0.615  1.00 22.66 ? 165 ASP A CG  1 
ATOM   1148 O OD1 . ASP A 1 168 ? -4.348  26.339  -0.283  1.00 22.27 ? 165 ASP A OD1 1 
ATOM   1149 O OD2 . ASP A 1 168 ? -2.533  25.478  -1.054  1.00 26.47 ? 165 ASP A OD2 1 
ATOM   1150 N N   . TYR A 1 169 ? -6.976  22.350  -0.140  1.00 15.00 ? 166 TYR A N   1 
ATOM   1151 C CA  . TYR A 1 169 ? -7.700  21.102  -0.414  1.00 13.63 ? 166 TYR A CA  1 
ATOM   1152 C C   . TYR A 1 169 ? -7.371  20.790  -1.884  1.00 13.15 ? 166 TYR A C   1 
ATOM   1153 O O   . TYR A 1 169 ? -7.627  21.598  -2.822  1.00 14.54 ? 166 TYR A O   1 
ATOM   1154 C CB  . TYR A 1 169 ? -9.212  21.266  -0.165  1.00 13.09 ? 166 TYR A CB  1 
ATOM   1155 C CG  . TYR A 1 169 ? -9.444  21.688  1.265   1.00 13.07 ? 166 TYR A CG  1 
ATOM   1156 C CD1 . TYR A 1 169 ? -9.714  20.749  2.256   1.00 14.35 ? 166 TYR A CD1 1 
ATOM   1157 C CD2 . TYR A 1 169 ? -9.386  23.040  1.618   1.00 16.12 ? 166 TYR A CD2 1 
ATOM   1158 C CE1 . TYR A 1 169 ? -9.935  21.128  3.558   1.00 15.14 ? 166 TYR A CE1 1 
ATOM   1159 C CE2 . TYR A 1 169 ? -9.606  23.433  2.936   1.00 17.95 ? 166 TYR A CE2 1 
ATOM   1160 C CZ  . TYR A 1 169 ? -9.876  22.490  3.876   1.00 17.55 ? 166 TYR A CZ  1 
ATOM   1161 O OH  . TYR A 1 169 ? -10.075 22.913  5.153   1.00 18.57 ? 166 TYR A OH  1 
ATOM   1162 N N   . HIS A 1 170 ? -6.755  19.624  -2.088  1.00 11.00 ? 167 HIS A N   1 
ATOM   1163 C CA  . HIS A 1 170 ? -6.303  19.235  -3.421  1.00 11.39 ? 167 HIS A CA  1 
ATOM   1164 C C   . HIS A 1 170 ? -7.199  18.215  -4.078  1.00 10.72 ? 167 HIS A C   1 
ATOM   1165 O O   . HIS A 1 170 ? -7.745  17.388  -3.398  1.00 10.61 ? 167 HIS A O   1 
ATOM   1166 C CB  . HIS A 1 170 ? -4.927  18.599  -3.290  1.00 12.94 ? 167 HIS A CB  1 
ATOM   1167 C CG  . HIS A 1 170 ? -3.933  19.536  -2.682  1.00 17.52 ? 167 HIS A CG  1 
ATOM   1168 N ND1 . HIS A 1 170 ? -3.232  20.446  -3.440  1.00 20.89 ? 167 HIS A ND1 1 
ATOM   1169 C CD2 . HIS A 1 170 ? -3.627  19.792  -1.390  1.00 15.69 ? 167 HIS A CD2 1 
ATOM   1170 C CE1 . HIS A 1 170 ? -2.521  21.229  -2.641  1.00 19.34 ? 167 HIS A CE1 1 
ATOM   1171 N NE2 . HIS A 1 170 ? -2.740  20.860  -1.390  1.00 20.05 ? 167 HIS A NE2 1 
ATOM   1172 N N   . ASP A 1 171 ? -7.270  18.261  -5.397  1.00 11.30 ? 168 ASP A N   1 
ATOM   1173 C CA  . ASP A 1 171 ? -8.058  17.272  -6.157  1.00 10.63 ? 168 ASP A CA  1 
ATOM   1174 C C   . ASP A 1 171 ? -7.304  15.922  -6.026  1.00 12.85 ? 168 ASP A C   1 
ATOM   1175 O O   . ASP A 1 171 ? -6.042  15.882  -5.977  1.00 10.67 ? 168 ASP A O   1 
ATOM   1176 C CB  . ASP A 1 171 ? -8.113  17.695  -7.619  1.00 9.75  ? 168 ASP A CB  1 
ATOM   1177 C CG  . ASP A 1 171 ? -9.073  18.859  -7.894  1.00 10.98 ? 168 ASP A CG  1 
ATOM   1178 O OD1 . ASP A 1 171 ? -9.537  19.550  -6.932  1.00 8.97  ? 168 ASP A OD1 1 
ATOM   1179 O OD2 . ASP A 1 171 ? -9.309  19.087  -9.122  1.00 10.81 ? 168 ASP A OD2 1 
ATOM   1180 N N   . VAL A 1 172 ? -8.070  14.827  -6.052  1.00 11.00 ? 169 VAL A N   1 
ATOM   1181 C CA  . VAL A 1 172 ? -7.543  13.478  -5.875  1.00 11.72 ? 169 VAL A CA  1 
ATOM   1182 C C   . VAL A 1 172 ? -8.047  12.535  -6.972  1.00 12.10 ? 169 VAL A C   1 
ATOM   1183 O O   . VAL A 1 172 ? -9.226  12.469  -7.191  1.00 12.45 ? 169 VAL A O   1 
ATOM   1184 C CB  . VAL A 1 172 ? -8.056  12.886  -4.528  1.00 10.76 ? 169 VAL A CB  1 
ATOM   1185 C CG1 . VAL A 1 172 ? -7.630  11.389  -4.341  1.00 11.26 ? 169 VAL A CG1 1 
ATOM   1186 C CG2 . VAL A 1 172 ? -7.465  13.685  -3.364  1.00 12.32 ? 169 VAL A CG2 1 
ATOM   1187 N N   . ASN A 1 173 ? -7.148  11.806  -7.611  1.00 10.48 ? 170 ASN A N   1 
ATOM   1188 C CA  . ASN A 1 173 ? -7.535  10.835  -8.636  1.00 10.62 ? 170 ASN A CA  1 
ATOM   1189 C C   . ASN A 1 173 ? -7.916  9.539   -7.941  1.00 10.51 ? 170 ASN A C   1 
ATOM   1190 O O   . ASN A 1 173 ? -7.261  9.100   -6.981  1.00 10.46 ? 170 ASN A O   1 
ATOM   1191 C CB  . ASN A 1 173 ? -6.374  10.570  -9.594  1.00 11.92 ? 170 ASN A CB  1 
ATOM   1192 C CG  . ASN A 1 173 ? -6.233  11.661  -10.662 1.00 12.75 ? 170 ASN A CG  1 
ATOM   1193 O OD1 . ASN A 1 173 ? -7.210  12.306  -11.041 1.00 12.30 ? 170 ASN A OD1 1 
ATOM   1194 N ND2 . ASN A 1 173 ? -5.006  11.870  -11.148 1.00 12.83 ? 170 ASN A ND2 1 
ATOM   1195 N N   . MET A 1 174 ? -8.985  8.926   -8.421  1.00 8.50  ? 171 MET A N   1 
ATOM   1196 C CA  . MET A 1 174 ? -9.368  7.653   -7.885  1.00 7.96  ? 171 MET A CA  1 
ATOM   1197 C C   . MET A 1 174 ? -9.138  6.655   -8.998  1.00 8.35  ? 171 MET A C   1 
ATOM   1198 O O   . MET A 1 174 ? -9.733  6.761   -10.079 1.00 8.60  ? 171 MET A O   1 
ATOM   1199 C CB  . MET A 1 174 ? -10.842 7.629   -7.436  1.00 8.47  ? 171 MET A CB  1 
ATOM   1200 C CG  . MET A 1 174 ? -11.182 6.143   -7.037  1.00 14.77 ? 171 MET A CG  1 
ATOM   1201 S SD  . MET A 1 174 ? -12.814 5.945   -6.296  1.00 16.72 ? 171 MET A SD  1 
ATOM   1202 C CE  . MET A 1 174 ? -12.470 6.705   -4.710  1.00 17.90 ? 171 MET A CE  1 
ATOM   1203 N N   . TYR A 1 175 ? -8.301  5.654   -8.700  1.00 4.55  ? 172 TYR A N   1 
ATOM   1204 C CA  . TYR A 1 175 ? -7.917  4.577   -9.633  1.00 6.37  ? 172 TYR A CA  1 
ATOM   1205 C C   . TYR A 1 175 ? -8.366  3.233   -9.090  1.00 8.42  ? 172 TYR A C   1 
ATOM   1206 O O   . TYR A 1 175 ? -8.382  3.022   -7.871  1.00 8.39  ? 172 TYR A O   1 
ATOM   1207 C CB  . TYR A 1 175 ? -6.393  4.484   -9.740  1.00 7.11  ? 172 TYR A CB  1 
ATOM   1208 C CG  . TYR A 1 175 ? -5.697  5.612   -10.463 1.00 10.24 ? 172 TYR A CG  1 
ATOM   1209 C CD1 . TYR A 1 175 ? -5.527  5.580   -11.854 1.00 12.02 ? 172 TYR A CD1 1 
ATOM   1210 C CD2 . TYR A 1 175 ? -5.140  6.676   -9.746  1.00 11.26 ? 172 TYR A CD2 1 
ATOM   1211 C CE1 . TYR A 1 175 ? -4.759  6.626   -12.506 1.00 10.42 ? 172 TYR A CE1 1 
ATOM   1212 C CE2 . TYR A 1 175 ? -4.415  7.682   -10.368 1.00 11.79 ? 172 TYR A CE2 1 
ATOM   1213 C CZ  . TYR A 1 175 ? -4.215  7.647   -11.762 1.00 13.38 ? 172 TYR A CZ  1 
ATOM   1214 O OH  . TYR A 1 175 ? -3.399  8.641   -12.373 1.00 13.03 ? 172 TYR A OH  1 
ATOM   1215 N N   . ALA A 1 176 ? -8.732  2.319   -9.963  1.00 8.44  ? 173 ALA A N   1 
ATOM   1216 C CA  . ALA A 1 176 ? -9.104  0.999   -9.451  1.00 10.10 ? 173 ALA A CA  1 
ATOM   1217 C C   . ALA A 1 176 ? -8.675  -0.109  -10.378 1.00 7.22  ? 173 ALA A C   1 
ATOM   1218 O O   . ALA A 1 176 ? -8.535  0.083   -11.593 1.00 8.04  ? 173 ALA A O   1 
ATOM   1219 C CB  . ALA A 1 176 ? -10.676 0.876   -9.157  1.00 10.62 ? 173 ALA A CB  1 
ATOM   1220 N N   . ARG A 1 177 ? -8.415  -1.265  -9.784  1.00 8.77  ? 174 ARG A N   1 
ATOM   1221 C CA  . ARG A 1 177 ? -8.136  -2.476  -10.542 1.00 10.98 ? 174 ARG A CA  1 
ATOM   1222 C C   . ARG A 1 177 ? -8.955  -3.580  -9.918  1.00 12.11 ? 174 ARG A C   1 
ATOM   1223 O O   . ARG A 1 177 ? -8.937  -3.719  -8.676  1.00 11.06 ? 174 ARG A O   1 
ATOM   1224 C CB  . ARG A 1 177 ? -6.655  -2.876  -10.422 1.00 11.01 ? 174 ARG A CB  1 
ATOM   1225 C CG  . ARG A 1 177 ? -6.330  -3.939  -11.492 1.00 15.22 ? 174 ARG A CG  1 
ATOM   1226 C CD  . ARG A 1 177 ? -4.821  -3.973  -11.830 1.00 17.49 ? 174 ARG A CD  1 
ATOM   1227 N NE  . ARG A 1 177 ? -4.509  -5.272  -12.392 1.00 20.36 ? 174 ARG A NE  1 
ATOM   1228 C CZ  . ARG A 1 177 ? -3.304  -5.829  -12.404 1.00 19.92 ? 174 ARG A CZ  1 
ATOM   1229 N NH1 . ARG A 1 177 ? -2.253  -5.187  -11.904 1.00 19.67 ? 174 ARG A NH1 1 
ATOM   1230 N NH2 . ARG A 1 177 ? -3.186  -7.094  -12.829 1.00 17.44 ? 174 ARG A NH2 1 
ATOM   1231 N N   . ILE A 1 178 ? -9.678  -4.347  -10.750 1.00 12.89 ? 175 ILE A N   1 
ATOM   1232 C CA  . ILE A 1 178 ? -10.465 -5.479  -10.267 1.00 10.48 ? 175 ILE A CA  1 
ATOM   1233 C C   . ILE A 1 178 ? -9.702  -6.764  -10.705 1.00 10.49 ? 175 ILE A C   1 
ATOM   1234 O O   . ILE A 1 178 ? -9.244  -6.869  -11.871 1.00 9.65  ? 175 ILE A O   1 
ATOM   1235 C CB  . ILE A 1 178 ? -11.868 -5.534  -10.916 1.00 12.77 ? 175 ILE A CB  1 
ATOM   1236 C CG1 . ILE A 1 178 ? -12.645 -4.213  -10.681 1.00 13.59 ? 175 ILE A CG1 1 
ATOM   1237 C CG2 . ILE A 1 178 ? -12.649 -6.799  -10.408 1.00 12.92 ? 175 ILE A CG2 1 
ATOM   1238 C CD1 . ILE A 1 178 ? -13.127 -3.987  -9.315  1.00 17.26 ? 175 ILE A CD1 1 
ATOM   1239 N N   . ILE A 1 179 ? -9.543  -7.707  -9.782  1.00 10.50 ? 176 ILE A N   1 
ATOM   1240 C CA  . ILE A 1 179 ? -8.902  -9.004  -10.085 1.00 10.45 ? 176 ILE A CA  1 
ATOM   1241 C C   . ILE A 1 179 ? -9.793  -10.087 -9.388  1.00 14.20 ? 176 ILE A C   1 
ATOM   1242 O O   . ILE A 1 179 ? -9.754  -10.288 -8.163  1.00 14.44 ? 176 ILE A O   1 
ATOM   1243 C CB  . ILE A 1 179 ? -7.420  -9.055  -9.522  1.00 9.88  ? 176 ILE A CB  1 
ATOM   1244 C CG1 . ILE A 1 179 ? -6.587  -7.934  -10.135 1.00 11.11 ? 176 ILE A CG1 1 
ATOM   1245 C CG2 . ILE A 1 179 ? -6.806  -10.346 -9.919  1.00 10.60 ? 176 ILE A CG2 1 
ATOM   1246 C CD1 . ILE A 1 179 ? -5.085  -7.872  -9.627  1.00 11.57 ? 176 ILE A CD1 1 
ATOM   1247 N N   . ASP A 1 180 ? -10.622 -10.746 -10.198 1.00 14.78 ? 177 ASP A N   1 
ATOM   1248 C CA  . ASP A 1 180 ? -11.594 -11.754 -9.719  1.00 17.35 ? 177 ASP A CA  1 
ATOM   1249 C C   . ASP A 1 180 ? -12.003 -12.507 -10.996 1.00 16.93 ? 177 ASP A C   1 
ATOM   1250 O O   . ASP A 1 180 ? -11.132 -12.771 -11.847 1.00 19.04 ? 177 ASP A O   1 
ATOM   1251 C CB  . ASP A 1 180 ? -12.808 -11.055 -9.123  1.00 17.52 ? 177 ASP A CB  1 
ATOM   1252 C CG  . ASP A 1 180 ? -13.709 -11.997 -8.288  1.00 21.50 ? 177 ASP A CG  1 
ATOM   1253 O OD1 . ASP A 1 180 ? -13.339 -13.175 -8.049  1.00 20.93 ? 177 ASP A OD1 1 
ATOM   1254 O OD2 . ASP A 1 180 ? -14.766 -11.512 -7.835  1.00 24.11 ? 177 ASP A OD2 1 
ATOM   1255 N N   . ALA A 1 181 ? -13.293 -12.788 -11.169 1.00 16.17 ? 178 ALA A N   1 
ATOM   1256 C CA  . ALA A 1 181 ? -13.758 -13.540 -12.363 1.00 17.10 ? 178 ALA A CA  1 
ATOM   1257 C C   . ALA A 1 181 ? -13.787 -12.682 -13.628 1.00 16.90 ? 178 ALA A C   1 
ATOM   1258 O O   . ALA A 1 181 ? -13.718 -11.428 -13.558 1.00 17.50 ? 178 ALA A O   1 
ATOM   1259 C CB  . ALA A 1 181 ? -15.150 -14.173 -12.078 1.00 18.17 ? 178 ALA A CB  1 
ATOM   1260 N N   . ASP A 1 182 ? -13.868 -13.350 -14.779 1.00 13.97 ? 179 ASP A N   1 
ATOM   1261 C CA  . ASP A 1 182 ? -13.882 -12.678 -16.062 1.00 13.96 ? 179 ASP A CA  1 
ATOM   1262 C C   . ASP A 1 182 ? -15.145 -11.850 -16.250 1.00 12.86 ? 179 ASP A C   1 
ATOM   1263 O O   . ASP A 1 182 ? -16.113 -12.093 -15.533 1.00 13.16 ? 179 ASP A O   1 
ATOM   1264 C CB  . ASP A 1 182 ? -13.793 -13.683 -17.223 1.00 13.62 ? 179 ASP A CB  1 
ATOM   1265 C CG  . ASP A 1 182 ? -12.387 -14.159 -17.496 1.00 15.72 ? 179 ASP A CG  1 
ATOM   1266 O OD1 . ASP A 1 182 ? -11.400 -13.494 -17.048 1.00 15.61 ? 179 ASP A OD1 1 
ATOM   1267 O OD2 . ASP A 1 182 ? -12.298 -15.215 -18.176 1.00 14.13 ? 179 ASP A OD2 1 
ATOM   1268 O OXT . ASP A 1 182 ? -15.101 -10.992 -17.136 1.00 16.11 ? 179 ASP A OXT 1 
HETATM 1269 O O   . HOH B 2 .   ? -5.949  4.736   -1.741  1.00 9.48  ? 180 HOH A O   1 
HETATM 1270 O O   . HOH B 2 .   ? -12.991 -9.228  -17.158 1.00 10.58 ? 181 HOH A O   1 
HETATM 1271 O O   . HOH B 2 .   ? 12.735  -7.795  -8.000  1.00 10.61 ? 182 HOH A O   1 
HETATM 1272 O O   . HOH B 2 .   ? -7.714  13.574  -13.275 1.00 11.25 ? 183 HOH A O   1 
HETATM 1273 O O   . HOH B 2 .   ? 12.804  -12.434 -9.193  1.00 11.82 ? 184 HOH A O   1 
HETATM 1274 O O   . HOH B 2 .   ? -11.145 18.446  -11.019 1.00 12.80 ? 185 HOH A O   1 
HETATM 1275 O O   . HOH B 2 .   ? -6.744  5.876   0.879   1.00 12.85 ? 186 HOH A O   1 
HETATM 1276 O O   . HOH B 2 .   ? 7.909   -7.860  -12.254 1.00 12.87 ? 187 HOH A O   1 
HETATM 1277 O O   . HOH B 2 .   ? -7.296  5.044   -17.014 1.00 13.94 ? 188 HOH A O   1 
HETATM 1278 O O   . HOH B 2 .   ? -13.213 -16.179 -14.644 1.00 14.01 ? 189 HOH A O   1 
HETATM 1279 O O   . HOH B 2 .   ? -16.628 17.946  -8.263  1.00 14.03 ? 190 HOH A O   1 
HETATM 1280 O O   . HOH B 2 .   ? 3.899   8.351   -3.610  1.00 14.22 ? 191 HOH A O   1 
HETATM 1281 O O   . HOH B 2 .   ? -3.662  17.464  -6.376  1.00 14.51 ? 192 HOH A O   1 
HETATM 1282 O O   . HOH B 2 .   ? -2.824  -0.307  7.776   1.00 15.07 ? 193 HOH A O   1 
HETATM 1283 O O   . HOH B 2 .   ? -1.676  11.700  -2.372  1.00 15.09 ? 194 HOH A O   1 
HETATM 1284 O O   . HOH B 2 .   ? -14.415 1.181   -3.498  1.00 15.28 ? 195 HOH A O   1 
HETATM 1285 O O   . HOH B 2 .   ? 5.390   -8.725  -8.907  1.00 15.58 ? 196 HOH A O   1 
HETATM 1286 O O   . HOH B 2 .   ? -7.734  25.061  -1.143  1.00 15.62 ? 197 HOH A O   1 
HETATM 1287 O O   . HOH B 2 .   ? -15.671 17.567  -10.925 1.00 15.91 ? 198 HOH A O   1 
HETATM 1288 O O   . HOH B 2 .   ? -12.853 19.505  0.915   1.00 16.21 ? 199 HOH A O   1 
HETATM 1289 O O   . HOH B 2 .   ? -7.760  -1.544  -14.635 1.00 16.74 ? 200 HOH A O   1 
HETATM 1290 O O   . HOH B 2 .   ? -5.856  20.374  -6.677  1.00 16.91 ? 201 HOH A O   1 
HETATM 1291 O O   . HOH B 2 .   ? -18.216 19.462  -7.118  1.00 16.95 ? 202 HOH A O   1 
HETATM 1292 O O   . HOH B 2 .   ? 17.892  -5.728  -5.440  1.00 17.24 ? 203 HOH A O   1 
HETATM 1293 O O   . HOH B 2 .   ? -7.755  -8.403  -13.615 1.00 17.43 ? 204 HOH A O   1 
HETATM 1294 O O   . HOH B 2 .   ? -12.966 4.942   -16.105 1.00 17.51 ? 205 HOH A O   1 
HETATM 1295 O O   . HOH B 2 .   ? 1.547   -13.077 -5.748  1.00 18.03 ? 206 HOH A O   1 
HETATM 1296 O O   . HOH B 2 .   ? -13.343 16.683  -11.006 1.00 18.04 ? 207 HOH A O   1 
HETATM 1297 O O   . HOH B 2 .   ? 3.468   -14.096 -3.825  1.00 18.39 ? 208 HOH A O   1 
HETATM 1298 O O   . HOH B 2 .   ? 12.572  -4.247  14.350  1.00 18.69 ? 209 HOH A O   1 
HETATM 1299 O O   . HOH B 2 .   ? 1.215   14.234  -10.746 1.00 19.32 ? 210 HOH A O   1 
HETATM 1300 O O   . HOH B 2 .   ? 10.383  -12.512 -10.046 1.00 19.39 ? 211 HOH A O   1 
HETATM 1301 O O   . HOH B 2 .   ? 9.878   -13.647 -2.745  1.00 19.80 ? 212 HOH A O   1 
HETATM 1302 O O   . HOH B 2 .   ? -10.994 -12.306 5.135   1.00 20.16 ? 213 HOH A O   1 
HETATM 1303 O O   . HOH B 2 .   ? -5.269  -9.237  -13.361 1.00 20.44 ? 214 HOH A O   1 
HETATM 1304 O O   . HOH B 2 .   ? -9.628  -3.584  -13.437 1.00 20.49 ? 215 HOH A O   1 
HETATM 1305 O O   . HOH B 2 .   ? -1.961  -13.734 3.552   1.00 20.77 ? 216 HOH A O   1 
HETATM 1306 O O   . HOH B 2 .   ? -6.586  -0.724  16.032  1.00 21.04 ? 217 HOH A O   1 
HETATM 1307 O O   . HOH B 2 .   ? -3.720  -11.541 6.499   1.00 21.19 ? 218 HOH A O   1 
HETATM 1308 O O   . HOH B 2 .   ? -11.045 -0.707  -16.876 1.00 21.22 ? 219 HOH A O   1 
HETATM 1309 O O   . HOH B 2 .   ? 3.199   10.675  -12.715 1.00 21.28 ? 220 HOH A O   1 
HETATM 1310 O O   . HOH B 2 .   ? -11.647 13.027  0.566   1.00 21.69 ? 221 HOH A O   1 
HETATM 1311 O O   . HOH B 2 .   ? -0.689  27.476  -1.071  1.00 21.83 ? 222 HOH A O   1 
HETATM 1312 O O   . HOH B 2 .   ? -10.381 -11.660 -5.762  1.00 22.15 ? 223 HOH A O   1 
HETATM 1313 O O   . HOH B 2 .   ? -10.481 0.212   8.580   1.00 22.32 ? 224 HOH A O   1 
HETATM 1314 O O   . HOH B 2 .   ? -2.840  6.089   -1.995  1.00 22.37 ? 225 HOH A O   1 
HETATM 1315 O O   . HOH B 2 .   ? 5.438   -7.589  -11.621 1.00 22.45 ? 226 HOH A O   1 
HETATM 1316 O O   . HOH B 2 .   ? -15.934 7.686   -14.527 1.00 22.62 ? 227 HOH A O   1 
HETATM 1317 O O   . HOH B 2 .   ? 14.275  -9.095  1.088   1.00 22.74 ? 228 HOH A O   1 
HETATM 1318 O O   . HOH B 2 .   ? -2.922  19.977  -6.215  1.00 22.83 ? 229 HOH A O   1 
HETATM 1319 O O   . HOH B 2 .   ? -6.717  -6.230  -13.866 1.00 23.28 ? 230 HOH A O   1 
HETATM 1320 O O   . HOH B 2 .   ? 15.327  -5.858  -5.342  1.00 23.55 ? 231 HOH A O   1 
HETATM 1321 O O   . HOH B 2 .   ? -13.616 15.331  -13.291 1.00 23.58 ? 232 HOH A O   1 
HETATM 1322 O O   . HOH B 2 .   ? 4.530   7.619   -1.030  1.00 23.68 ? 233 HOH A O   1 
HETATM 1323 O O   . HOH B 2 .   ? -0.036  12.231  -13.439 1.00 23.72 ? 234 HOH A O   1 
HETATM 1324 O O   . HOH B 2 .   ? 7.413   7.163   -0.592  1.00 23.87 ? 235 HOH A O   1 
HETATM 1325 O O   . HOH B 2 .   ? 10.704  -15.319 -7.373  1.00 23.95 ? 236 HOH A O   1 
HETATM 1326 O O   . HOH B 2 .   ? -11.218 -12.455 9.874   1.00 24.04 ? 237 HOH A O   1 
HETATM 1327 O O   . HOH B 2 .   ? -10.338 -15.496 -19.882 1.00 24.05 ? 238 HOH A O   1 
HETATM 1328 O O   . HOH B 2 .   ? 0.277   6.413   0.221   1.00 24.07 ? 239 HOH A O   1 
HETATM 1329 O O   . HOH B 2 .   ? 16.649  -1.859  -7.112  1.00 24.70 ? 240 HOH A O   1 
HETATM 1330 O O   . HOH B 2 .   ? -9.238  -14.873 -16.199 1.00 25.01 ? 241 HOH A O   1 
HETATM 1331 O O   . HOH B 2 .   ? -3.357  -2.749  9.252   1.00 25.09 ? 242 HOH A O   1 
HETATM 1332 O O   . HOH B 2 .   ? -9.793  -12.984 11.751  1.00 25.23 ? 243 HOH A O   1 
HETATM 1333 O O   . HOH B 2 .   ? 0.281   -6.687  10.771  1.00 25.35 ? 244 HOH A O   1 
HETATM 1334 O O   . HOH B 2 .   ? -0.677  -9.421  11.628  1.00 25.50 ? 245 HOH A O   1 
HETATM 1335 O O   . HOH B 2 .   ? 11.117  -15.743 2.899   1.00 25.64 ? 246 HOH A O   1 
HETATM 1336 O O   . HOH B 2 .   ? 7.974   -9.528  -8.875  1.00 25.84 ? 247 HOH A O   1 
HETATM 1337 O O   . HOH B 2 .   ? -1.920  13.682  -12.436 1.00 26.05 ? 248 HOH A O   1 
HETATM 1338 O O   . HOH B 2 .   ? 3.541   -8.759  -13.332 1.00 26.08 ? 249 HOH A O   1 
HETATM 1339 O O   . HOH B 2 .   ? 16.104  5.904   -4.234  1.00 26.20 ? 250 HOH A O   1 
HETATM 1340 O O   . HOH B 2 .   ? -0.131  -15.195 -5.429  1.00 26.21 ? 251 HOH A O   1 
HETATM 1341 O O   . HOH B 2 .   ? -8.477  1.872   8.342   1.00 26.26 ? 252 HOH A O   1 
HETATM 1342 O O   . HOH B 2 .   ? -2.440  1.415   19.337  1.00 26.30 ? 253 HOH A O   1 
HETATM 1343 O O   . HOH B 2 .   ? -11.050 -8.153  5.022   1.00 26.91 ? 254 HOH A O   1 
HETATM 1344 O O   . HOH B 2 .   ? 5.820   12.398  -5.879  1.00 27.15 ? 255 HOH A O   1 
HETATM 1345 O O   . HOH B 2 .   ? 2.781   -12.640 -7.797  1.00 27.31 ? 256 HOH A O   1 
HETATM 1346 O O   . HOH B 2 .   ? 16.014  -15.370 -3.153  1.00 27.63 ? 257 HOH A O   1 
HETATM 1347 O O   . HOH B 2 .   ? 16.000  -7.404  8.733   1.00 27.69 ? 258 HOH A O   1 
HETATM 1348 O O   . HOH B 2 .   ? -1.212  -8.348  -10.047 1.00 27.75 ? 259 HOH A O   1 
HETATM 1349 O O   . HOH B 2 .   ? 0.002   -6.807  -11.639 1.00 27.78 ? 260 HOH A O   1 
HETATM 1350 O O   . HOH B 2 .   ? -8.670  -9.458  4.592   1.00 28.34 ? 261 HOH A O   1 
HETATM 1351 O O   . HOH B 2 .   ? -2.327  2.926   6.469   1.00 28.43 ? 262 HOH A O   1 
HETATM 1352 O O   . HOH B 2 .   ? 13.135  -16.371 -7.281  1.00 28.58 ? 263 HOH A O   1 
HETATM 1353 O O   . HOH B 2 .   ? -13.182 24.403  -7.736  1.00 29.06 ? 264 HOH A O   1 
HETATM 1354 O O   . HOH B 2 .   ? -0.508  1.118   7.548   1.00 29.28 ? 265 HOH A O   1 
HETATM 1355 O O   . HOH B 2 .   ? -0.304  -11.638 9.821   1.00 29.32 ? 266 HOH A O   1 
HETATM 1356 O O   . HOH B 2 .   ? -19.044 -9.742  -0.655  1.00 29.47 ? 267 HOH A O   1 
HETATM 1357 O O   . HOH B 2 .   ? 1.409   -11.541 -10.065 1.00 29.74 ? 268 HOH A O   1 
HETATM 1358 O O   . HOH B 2 .   ? -13.383 7.919   -0.999  1.00 29.84 ? 269 HOH A O   1 
HETATM 1359 O O   . HOH B 2 .   ? 1.335   -15.578 -2.442  1.00 29.89 ? 270 HOH A O   1 
HETATM 1360 O O   . HOH B 2 .   ? -10.037 -11.401 8.087   1.00 29.96 ? 271 HOH A O   1 
HETATM 1361 O O   . HOH B 2 .   ? 5.559   10.622  -3.499  1.00 30.11 ? 272 HOH A O   1 
HETATM 1362 O O   . HOH B 2 .   ? -11.663 -5.019  17.976  1.00 30.49 ? 273 HOH A O   1 
HETATM 1363 O O   . HOH B 2 .   ? 6.218   -13.432 -7.219  1.00 30.54 ? 274 HOH A O   1 
HETATM 1364 O O   . HOH B 2 .   ? -16.591 -14.705 -0.711  1.00 30.84 ? 275 HOH A O   1 
HETATM 1365 O O   . HOH B 2 .   ? 3.916   -1.382  -16.524 1.00 30.88 ? 276 HOH A O   1 
HETATM 1366 O O   . HOH B 2 .   ? -3.193  8.968   -15.003 1.00 30.90 ? 277 HOH A O   1 
HETATM 1367 O O   . HOH B 2 .   ? -2.422  6.564   0.980   1.00 31.12 ? 278 HOH A O   1 
HETATM 1368 O O   . HOH B 2 .   ? -7.837  -10.449 6.875   1.00 31.14 ? 279 HOH A O   1 
HETATM 1369 O O   . HOH B 2 .   ? -3.135  2.611   14.213  1.00 31.61 ? 280 HOH A O   1 
HETATM 1370 O O   . HOH B 2 .   ? 0.974   2.873   8.321   1.00 31.95 ? 281 HOH A O   1 
HETATM 1371 O O   . HOH B 2 .   ? -10.613 -14.145 -6.615  1.00 33.07 ? 282 HOH A O   1 
HETATM 1372 O O   . HOH B 2 .   ? 9.777   -14.775 -0.203  1.00 33.10 ? 283 HOH A O   1 
HETATM 1373 O O   . HOH B 2 .   ? -10.406 -16.893 -5.645  1.00 33.31 ? 284 HOH A O   1 
HETATM 1374 O O   . HOH B 2 .   ? 15.180  -9.230  7.388   1.00 33.46 ? 285 HOH A O   1 
HETATM 1375 O O   . HOH B 2 .   ? -13.129 -10.455 4.662   1.00 33.62 ? 286 HOH A O   1 
HETATM 1376 O O   . HOH B 2 .   ? 9.235   -15.644 -4.465  1.00 33.94 ? 287 HOH A O   1 
HETATM 1377 O O   . HOH B 2 .   ? -0.905  23.519  -0.648  1.00 34.14 ? 288 HOH A O   1 
HETATM 1378 O O   . HOH B 2 .   ? 9.351   11.903  -1.698  1.00 35.11 ? 289 HOH A O   1 
HETATM 1379 O O   . HOH B 2 .   ? -1.569  -4.903  18.730  1.00 35.37 ? 290 HOH A O   1 
HETATM 1380 O O   . HOH B 2 .   ? 23.227  -8.562  -2.784  1.00 35.63 ? 291 HOH A O   1 
HETATM 1381 O O   . HOH B 2 .   ? 12.324  -14.270 5.070   1.00 36.87 ? 292 HOH A O   1 
HETATM 1382 O O   . HOH B 2 .   ? 8.576   -14.139 -9.052  1.00 38.29 ? 293 HOH A O   1 
HETATM 1383 O O   . HOH B 2 .   ? -8.649  -13.309 -11.817 1.00 38.69 ? 294 HOH A O   1 
HETATM 1384 O O   . HOH B 2 .   ? -3.009  -11.461 -10.342 1.00 38.78 ? 295 HOH A O   1 
HETATM 1385 O O   . HOH B 2 .   ? -5.791  -16.283 -12.273 1.00 38.97 ? 296 HOH A O   1 
HETATM 1386 O O   . HOH B 2 .   ? -4.683  -13.417 -10.406 1.00 40.04 ? 297 HOH A O   1 
HETATM 1387 O O   . HOH B 2 .   ? 18.679  0.614   -4.689  1.00 44.02 ? 298 HOH A O   1 
# 
loop_
_pdbx_poly_seq_scheme.asym_id 
_pdbx_poly_seq_scheme.entity_id 
_pdbx_poly_seq_scheme.seq_id 
_pdbx_poly_seq_scheme.mon_id 
_pdbx_poly_seq_scheme.ndb_seq_num 
_pdbx_poly_seq_scheme.pdb_seq_num 
_pdbx_poly_seq_scheme.auth_seq_num 
_pdbx_poly_seq_scheme.pdb_mon_id 
_pdbx_poly_seq_scheme.auth_mon_id 
_pdbx_poly_seq_scheme.pdb_strand_id 
_pdbx_poly_seq_scheme.pdb_ins_code 
_pdbx_poly_seq_scheme.hetero 
A 1 1   GLY 1   -2  ?   ?   ?   A . n 
A 1 2   SER 2   -1  ?   ?   ?   A . n 
A 1 3   HIS 3   0   ?   ?   ?   A . n 
A 1 4   MET 4   1   ?   ?   ?   A . n 
A 1 5   VAL 5   2   ?   ?   ?   A . n 
A 1 6   GLU 6   3   3   GLU GLU A . n 
A 1 7   ILE 7   4   4   ILE ILE A . n 
A 1 8   ILE 8   5   5   ILE ILE A . n 
A 1 9   PRO 9   6   6   PRO PRO A . n 
A 1 10  VAL 10  7   7   VAL VAL A . n 
A 1 11  SER 11  8   8   SER SER A . n 
A 1 12  THR 12  9   9   THR THR A . n 
A 1 13  THR 13  10  10  THR THR A . n 
A 1 14  LEU 14  11  11  LEU LEU A . n 
A 1 15  GLU 15  12  12  GLU GLU A . n 
A 1 16  LEU 16  13  13  LEU LEU A . n 
A 1 17  ARG 17  14  14  ARG ARG A . n 
A 1 18  ALA 18  15  15  ALA ALA A . n 
A 1 19  ALA 19  16  16  ALA ALA A . n 
A 1 20  ASP 20  17  17  ASP ASP A . n 
A 1 21  GLU 21  18  18  GLU GLU A . n 
A 1 22  SER 22  19  19  SER SER A . n 
A 1 23  HIS 23  20  20  HIS HIS A . n 
A 1 24  VAL 24  21  21  VAL VAL A . n 
A 1 25  PRO 25  22  22  PRO PRO A . n 
A 1 26  ALA 26  23  23  ALA ALA A . n 
A 1 27  LEU 27  24  24  LEU LEU A . n 
A 1 28  HIS 28  25  25  HIS HIS A . n 
A 1 29  GLN 29  26  26  GLN GLN A . n 
A 1 30  LEU 30  27  27  LEU LEU A . n 
A 1 31  VAL 31  28  28  VAL VAL A . n 
A 1 32  LEU 32  29  29  LEU LEU A . n 
A 1 33  LYS 33  30  30  LYS LYS A . n 
A 1 34  ASN 34  31  31  ASN ASN A . n 
A 1 35  LYS 35  32  ?   ?   ?   A . n 
A 1 36  ALA 36  33  ?   ?   ?   A . n 
A 1 37  TRP 37  34  ?   ?   ?   A . n 
A 1 38  LEU 38  35  ?   ?   ?   A . n 
A 1 39  GLN 39  36  ?   ?   ?   A . n 
A 1 40  GLN 40  37  ?   ?   ?   A . n 
A 1 41  SER 41  38  ?   ?   ?   A . n 
A 1 42  LEU 42  39  ?   ?   ?   A . n 
A 1 43  ASP 43  40  ?   ?   ?   A . n 
A 1 44  TRP 44  41  ?   ?   ?   A . n 
A 1 45  PRO 45  42  ?   ?   ?   A . n 
A 1 46  GLN 46  43  ?   ?   ?   A . n 
A 1 47  TYR 47  44  ?   ?   ?   A . n 
A 1 48  VAL 48  45  ?   ?   ?   A . n 
A 1 49  THR 49  46  ?   ?   ?   A . n 
A 1 50  SER 50  47  ?   ?   ?   A . n 
A 1 51  GLN 51  48  ?   ?   ?   A . n 
A 1 52  GLU 52  49  ?   ?   ?   A . n 
A 1 53  GLU 53  50  ?   ?   ?   A . n 
A 1 54  THR 54  51  51  THR THR A . n 
A 1 55  ARG 55  52  52  ARG ARG A . n 
A 1 56  LYS 56  53  53  LYS LYS A . n 
A 1 57  HIS 57  54  54  HIS HIS A . n 
A 1 58  VAL 58  55  55  VAL VAL A . n 
A 1 59  GLN 59  56  56  GLN GLN A . n 
A 1 60  GLY 60  57  57  GLY GLY A . n 
A 1 61  ASN 61  58  58  ASN ASN A . n 
A 1 62  ILE 62  59  59  ILE ILE A . n 
A 1 63  LEU 63  60  60  LEU LEU A . n 
A 1 64  LEU 64  61  61  LEU LEU A . n 
A 1 65  HIS 65  62  62  HIS HIS A . n 
A 1 66  GLN 66  63  63  GLN GLN A . n 
A 1 67  ARG 67  64  64  ARG ARG A . n 
A 1 68  GLY 68  65  65  GLY GLY A . n 
A 1 69  TYR 69  66  66  TYR TYR A . n 
A 1 70  ALA 70  67  67  ALA ALA A . n 
A 1 71  LYS 71  68  68  LYS LYS A . n 
A 1 72  MET 72  69  69  MET MET A . n 
A 1 73  TYR 73  70  70  TYR TYR A . n 
A 1 74  LEU 74  71  71  LEU LEU A . n 
A 1 75  ILE 75  72  72  ILE ILE A . n 
A 1 76  PHE 76  73  73  PHE PHE A . n 
A 1 77  CYS 77  74  74  CYS CYS A . n 
A 1 78  GLN 78  75  75  GLN GLN A . n 
A 1 79  ASN 79  76  76  ASN ASN A . n 
A 1 80  GLU 80  77  77  GLU GLU A . n 
A 1 81  MET 81  78  78  MET MET A . n 
A 1 82  ALA 82  79  79  ALA ALA A . n 
A 1 83  GLY 83  80  80  GLY GLY A . n 
A 1 84  VAL 84  81  81  VAL VAL A . n 
A 1 85  LEU 85  82  82  LEU LEU A . n 
A 1 86  SER 86  83  83  SER SER A . n 
A 1 87  PHE 87  84  84  PHE PHE A . n 
A 1 88  ASN 88  85  85  ASN ASN A . n 
A 1 89  ALA 89  86  86  ALA ALA A . n 
A 1 90  ILE 90  87  87  ILE ILE A . n 
A 1 91  GLU 91  88  88  GLU GLU A . n 
A 1 92  PRO 92  89  89  PRO PRO A . n 
A 1 93  ILE 93  90  90  ILE ILE A . n 
A 1 94  ASN 94  91  91  ASN ASN A . n 
A 1 95  LYS 95  92  92  LYS LYS A . n 
A 1 96  ALA 96  93  93  ALA ALA A . n 
A 1 97  ALA 97  94  94  ALA ALA A . n 
A 1 98  TYR 98  95  95  TYR TYR A . n 
A 1 99  ILE 99  96  96  ILE ILE A . n 
A 1 100 GLY 100 97  97  GLY GLY A . n 
A 1 101 TYR 101 98  98  TYR TYR A . n 
A 1 102 TRP 102 99  99  TRP TRP A . n 
A 1 103 LEU 103 100 100 LEU LEU A . n 
A 1 104 ASP 104 101 101 ASP ASP A . n 
A 1 105 GLU 105 102 102 GLU GLU A . n 
A 1 106 SER 106 103 103 SER SER A . n 
A 1 107 PHE 107 104 104 PHE PHE A . n 
A 1 108 GLN 108 105 105 GLN GLN A . n 
A 1 109 GLY 109 106 106 GLY GLY A . n 
A 1 110 GLN 110 107 107 GLN GLN A . n 
A 1 111 GLY 111 108 108 GLY GLY A . n 
A 1 112 ILE 112 109 109 ILE ILE A . n 
A 1 113 MET 113 110 110 MET MET A . n 
A 1 114 SER 114 111 111 SER SER A . n 
A 1 115 GLN 115 112 112 GLN GLN A . n 
A 1 116 SER 116 113 113 SER SER A . n 
A 1 117 LEU 117 114 114 LEU LEU A . n 
A 1 118 GLN 118 115 115 GLN GLN A . n 
A 1 119 ALA 119 116 116 ALA ALA A . n 
A 1 120 LEU 120 117 117 LEU LEU A . n 
A 1 121 MET 121 118 118 MET MET A . n 
A 1 122 THR 122 119 119 THR THR A . n 
A 1 123 HIS 123 120 120 HIS HIS A . n 
A 1 124 TYR 124 121 121 TYR TYR A . n 
A 1 125 ALA 125 122 122 ALA ALA A . n 
A 1 126 ARG 126 123 123 ARG ARG A . n 
A 1 127 ARG 127 124 124 ARG ARG A . n 
A 1 128 GLY 128 125 125 GLY GLY A . n 
A 1 129 ASP 129 126 126 ASP ASP A . n 
A 1 130 ILE 130 127 127 ILE ILE A . n 
A 1 131 ARG 131 128 128 ARG ARG A . n 
A 1 132 ARG 132 129 129 ARG ARG A . n 
A 1 133 PHE 133 130 130 PHE PHE A . n 
A 1 134 VAL 134 131 131 VAL VAL A . n 
A 1 135 ILE 135 132 132 ILE ILE A . n 
A 1 136 LYS 136 133 133 LYS LYS A . n 
A 1 137 CYS 137 134 134 CYS CYS A . n 
A 1 138 ARG 138 135 135 ARG ARG A . n 
A 1 139 VAL 139 136 136 VAL VAL A . n 
A 1 140 ASP 140 137 137 ASP ASP A . n 
A 1 141 ASN 141 138 138 ASN ASN A . n 
A 1 142 GLN 142 139 139 GLN GLN A . n 
A 1 143 ALA 143 140 140 ALA ALA A . n 
A 1 144 SER 144 141 141 SER SER A . n 
A 1 145 ASN 145 142 142 ASN ASN A . n 
A 1 146 ALA 146 143 143 ALA ALA A . n 
A 1 147 VAL 147 144 144 VAL VAL A . n 
A 1 148 ALA 148 145 145 ALA ALA A . n 
A 1 149 ARG 149 146 146 ARG ARG A . n 
A 1 150 ARG 150 147 147 ARG ARG A . n 
A 1 151 ASN 151 148 148 ASN ASN A . n 
A 1 152 HIS 152 149 149 HIS HIS A . n 
A 1 153 PHE 153 150 150 PHE PHE A . n 
A 1 154 THR 154 151 151 THR THR A . n 
A 1 155 LEU 155 152 152 LEU LEU A . n 
A 1 156 GLU 156 153 153 GLU GLU A . n 
A 1 157 GLY 157 154 154 GLY GLY A . n 
A 1 158 CYS 158 155 155 CYS CYS A . n 
A 1 159 MET 159 156 156 MET MET A . n 
A 1 160 LYS 160 157 157 LYS LYS A . n 
A 1 161 GLN 161 158 158 GLN GLN A . n 
A 1 162 ALA 162 159 159 ALA ALA A . n 
A 1 163 GLU 163 160 160 GLU GLU A . n 
A 1 164 TYR 164 161 161 TYR TYR A . n 
A 1 165 LEU 165 162 162 LEU LEU A . n 
A 1 166 ASN 166 163 163 ASN ASN A . n 
A 1 167 GLY 167 164 164 GLY GLY A . n 
A 1 168 ASP 168 165 165 ASP ASP A . n 
A 1 169 TYR 169 166 166 TYR TYR A . n 
A 1 170 HIS 170 167 167 HIS HIS A . n 
A 1 171 ASP 171 168 168 ASP ASP A . n 
A 1 172 VAL 172 169 169 VAL VAL A . n 
A 1 173 ASN 173 170 170 ASN ASN A . n 
A 1 174 MET 174 171 171 MET MET A . n 
A 1 175 TYR 175 172 172 TYR TYR A . n 
A 1 176 ALA 176 173 173 ALA ALA A . n 
A 1 177 ARG 177 174 174 ARG ARG A . n 
A 1 178 ILE 178 175 175 ILE ILE A . n 
A 1 179 ILE 179 176 176 ILE ILE A . n 
A 1 180 ASP 180 177 177 ASP ASP A . n 
A 1 181 ALA 181 178 178 ALA ALA A . n 
A 1 182 ASP 182 179 179 ASP ASP A . n 
# 
loop_
_pdbx_nonpoly_scheme.asym_id 
_pdbx_nonpoly_scheme.entity_id 
_pdbx_nonpoly_scheme.mon_id 
_pdbx_nonpoly_scheme.ndb_seq_num 
_pdbx_nonpoly_scheme.pdb_seq_num 
_pdbx_nonpoly_scheme.auth_seq_num 
_pdbx_nonpoly_scheme.pdb_mon_id 
_pdbx_nonpoly_scheme.auth_mon_id 
_pdbx_nonpoly_scheme.pdb_strand_id 
_pdbx_nonpoly_scheme.pdb_ins_code 
B 2 HOH 1   180 1   HOH WAT A . 
B 2 HOH 2   181 2   HOH WAT A . 
B 2 HOH 3   182 3   HOH WAT A . 
B 2 HOH 4   183 4   HOH WAT A . 
B 2 HOH 5   184 5   HOH WAT A . 
B 2 HOH 6   185 6   HOH WAT A . 
B 2 HOH 7   186 7   HOH WAT A . 
B 2 HOH 8   187 8   HOH WAT A . 
B 2 HOH 9   188 9   HOH WAT A . 
B 2 HOH 10  189 10  HOH WAT A . 
B 2 HOH 11  190 11  HOH WAT A . 
B 2 HOH 12  191 12  HOH WAT A . 
B 2 HOH 13  192 13  HOH WAT A . 
B 2 HOH 14  193 14  HOH WAT A . 
B 2 HOH 15  194 15  HOH WAT A . 
B 2 HOH 16  195 16  HOH WAT A . 
B 2 HOH 17  196 17  HOH WAT A . 
B 2 HOH 18  197 18  HOH WAT A . 
B 2 HOH 19  198 19  HOH WAT A . 
B 2 HOH 20  199 20  HOH WAT A . 
B 2 HOH 21  200 21  HOH WAT A . 
B 2 HOH 22  201 22  HOH WAT A . 
B 2 HOH 23  202 23  HOH WAT A . 
B 2 HOH 24  203 24  HOH WAT A . 
B 2 HOH 25  204 25  HOH WAT A . 
B 2 HOH 26  205 26  HOH WAT A . 
B 2 HOH 27  206 27  HOH WAT A . 
B 2 HOH 28  207 28  HOH WAT A . 
B 2 HOH 29  208 29  HOH WAT A . 
B 2 HOH 30  209 30  HOH WAT A . 
B 2 HOH 31  210 31  HOH WAT A . 
B 2 HOH 32  211 32  HOH WAT A . 
B 2 HOH 33  212 33  HOH WAT A . 
B 2 HOH 34  213 34  HOH WAT A . 
B 2 HOH 35  214 35  HOH WAT A . 
B 2 HOH 36  215 36  HOH WAT A . 
B 2 HOH 37  216 37  HOH WAT A . 
B 2 HOH 38  217 38  HOH WAT A . 
B 2 HOH 39  218 39  HOH WAT A . 
B 2 HOH 40  219 40  HOH WAT A . 
B 2 HOH 41  220 41  HOH WAT A . 
B 2 HOH 42  221 42  HOH WAT A . 
B 2 HOH 43  222 43  HOH WAT A . 
B 2 HOH 44  223 44  HOH WAT A . 
B 2 HOH 45  224 45  HOH WAT A . 
B 2 HOH 46  225 46  HOH WAT A . 
B 2 HOH 47  226 47  HOH WAT A . 
B 2 HOH 48  227 48  HOH WAT A . 
B 2 HOH 49  228 49  HOH WAT A . 
B 2 HOH 50  229 50  HOH WAT A . 
B 2 HOH 51  230 51  HOH WAT A . 
B 2 HOH 52  231 52  HOH WAT A . 
B 2 HOH 53  232 53  HOH WAT A . 
B 2 HOH 54  233 54  HOH WAT A . 
B 2 HOH 55  234 55  HOH WAT A . 
B 2 HOH 56  235 56  HOH WAT A . 
B 2 HOH 57  236 57  HOH WAT A . 
B 2 HOH 58  237 58  HOH WAT A . 
B 2 HOH 59  238 59  HOH WAT A . 
B 2 HOH 60  239 60  HOH WAT A . 
B 2 HOH 61  240 61  HOH WAT A . 
B 2 HOH 62  241 62  HOH WAT A . 
B 2 HOH 63  242 63  HOH WAT A . 
B 2 HOH 64  243 64  HOH WAT A . 
B 2 HOH 65  244 65  HOH WAT A . 
B 2 HOH 66  245 66  HOH WAT A . 
B 2 HOH 67  246 67  HOH WAT A . 
B 2 HOH 68  247 68  HOH WAT A . 
B 2 HOH 69  248 69  HOH WAT A . 
B 2 HOH 70  249 70  HOH WAT A . 
B 2 HOH 71  250 71  HOH WAT A . 
B 2 HOH 72  251 72  HOH WAT A . 
B 2 HOH 73  252 73  HOH WAT A . 
B 2 HOH 74  253 74  HOH WAT A . 
B 2 HOH 75  254 75  HOH WAT A . 
B 2 HOH 76  255 76  HOH WAT A . 
B 2 HOH 77  256 77  HOH WAT A . 
B 2 HOH 78  257 78  HOH WAT A . 
B 2 HOH 79  258 79  HOH WAT A . 
B 2 HOH 80  259 80  HOH WAT A . 
B 2 HOH 81  260 81  HOH WAT A . 
B 2 HOH 82  261 82  HOH WAT A . 
B 2 HOH 83  262 83  HOH WAT A . 
B 2 HOH 84  263 84  HOH WAT A . 
B 2 HOH 85  264 85  HOH WAT A . 
B 2 HOH 86  265 86  HOH WAT A . 
B 2 HOH 87  266 87  HOH WAT A . 
B 2 HOH 88  267 88  HOH WAT A . 
B 2 HOH 89  268 89  HOH WAT A . 
B 2 HOH 90  269 90  HOH WAT A . 
B 2 HOH 91  270 91  HOH WAT A . 
B 2 HOH 92  271 92  HOH WAT A . 
B 2 HOH 93  272 93  HOH WAT A . 
B 2 HOH 94  273 94  HOH WAT A . 
B 2 HOH 95  274 95  HOH WAT A . 
B 2 HOH 96  275 96  HOH WAT A . 
B 2 HOH 97  276 97  HOH WAT A . 
B 2 HOH 98  277 98  HOH WAT A . 
B 2 HOH 99  278 99  HOH WAT A . 
B 2 HOH 100 279 100 HOH WAT A . 
B 2 HOH 101 280 101 HOH WAT A . 
B 2 HOH 102 281 102 HOH WAT A . 
B 2 HOH 103 282 103 HOH WAT A . 
B 2 HOH 104 283 104 HOH WAT A . 
B 2 HOH 105 284 105 HOH WAT A . 
B 2 HOH 106 285 106 HOH WAT A . 
B 2 HOH 107 286 107 HOH WAT A . 
B 2 HOH 108 287 108 HOH WAT A . 
B 2 HOH 109 288 109 HOH WAT A . 
B 2 HOH 110 289 110 HOH WAT A . 
B 2 HOH 111 290 111 HOH WAT A . 
B 2 HOH 112 291 112 HOH WAT A . 
B 2 HOH 113 292 113 HOH WAT A . 
B 2 HOH 114 293 114 HOH WAT A . 
B 2 HOH 115 294 115 HOH WAT A . 
B 2 HOH 116 295 116 HOH WAT A . 
B 2 HOH 117 296 117 HOH WAT A . 
B 2 HOH 118 297 118 HOH WAT A . 
B 2 HOH 119 298 119 HOH WAT A . 
# 
_pdbx_struct_assembly.id                   1 
_pdbx_struct_assembly.details              author_defined_assembly 
_pdbx_struct_assembly.method_details       ? 
_pdbx_struct_assembly.oligomeric_details   dimeric 
_pdbx_struct_assembly.oligomeric_count     2 
# 
_pdbx_struct_assembly_gen.assembly_id       1 
_pdbx_struct_assembly_gen.oper_expression   1,2 
_pdbx_struct_assembly_gen.asym_id_list      A,B 
# 
loop_
_pdbx_struct_oper_list.id 
_pdbx_struct_oper_list.type 
_pdbx_struct_oper_list.name 
_pdbx_struct_oper_list.symmetry_operation 
_pdbx_struct_oper_list.matrix[1][1] 
_pdbx_struct_oper_list.matrix[1][2] 
_pdbx_struct_oper_list.matrix[1][3] 
_pdbx_struct_oper_list.vector[1] 
_pdbx_struct_oper_list.matrix[2][1] 
_pdbx_struct_oper_list.matrix[2][2] 
_pdbx_struct_oper_list.matrix[2][3] 
_pdbx_struct_oper_list.vector[2] 
_pdbx_struct_oper_list.matrix[3][1] 
_pdbx_struct_oper_list.matrix[3][2] 
_pdbx_struct_oper_list.matrix[3][3] 
_pdbx_struct_oper_list.vector[3] 
1 'identity operation'         1_555 x,y,z   1.0000000000  0.0000000000  0.0000000000 0.0000000000   0.0000000000  1.0000000000  0.0000000000  0.0000000000  0.0000000000 0.0000000000  1.0000000000 0.0000000000 
2 'crystal symmetry operation' 2_555 -x,-y,z -0.9965006121 -0.0217315547 0.0807110260 -28.1479998439 -0.0217315547 -0.8650448376 -0.5012236710 11.7618843387 0.0807110260 -0.5012236710 0.8615454497 4.3873163525 
# 
loop_
_pdbx_audit_revision_history.ordinal 
_pdbx_audit_revision_history.data_content_type 
_pdbx_audit_revision_history.major_revision 
_pdbx_audit_revision_history.minor_revision 
_pdbx_audit_revision_history.revision_date 
1 'Structure model' 1 0 2005-03-15 
2 'Structure model' 1 1 2008-04-29 
3 'Structure model' 1 2 2011-07-13 
4 'Structure model' 1 3 2023-08-23 
# 
_pdbx_audit_revision_details.ordinal             1 
_pdbx_audit_revision_details.revision_ordinal    1 
_pdbx_audit_revision_details.data_content_type   'Structure model' 
_pdbx_audit_revision_details.provider            repository 
_pdbx_audit_revision_details.type                'Initial release' 
_pdbx_audit_revision_details.description         ? 
_pdbx_audit_revision_details.details             ? 
# 
loop_
_pdbx_audit_revision_group.ordinal 
_pdbx_audit_revision_group.revision_ordinal 
_pdbx_audit_revision_group.data_content_type 
_pdbx_audit_revision_group.group 
1 2 'Structure model' 'Version format compliance' 
2 3 'Structure model' 'Source and taxonomy'       
3 3 'Structure model' 'Version format compliance' 
4 4 'Structure model' 'Data collection'           
5 4 'Structure model' 'Database references'       
6 4 'Structure model' 'Refinement description'    
# 
loop_
_pdbx_audit_revision_category.ordinal 
_pdbx_audit_revision_category.revision_ordinal 
_pdbx_audit_revision_category.data_content_type 
_pdbx_audit_revision_category.category 
1 4 'Structure model' chem_comp_atom                
2 4 'Structure model' chem_comp_bond                
3 4 'Structure model' database_2                    
4 4 'Structure model' pdbx_initial_refinement_model 
5 4 'Structure model' struct_ref_seq_dif            
# 
loop_
_pdbx_audit_revision_item.ordinal 
_pdbx_audit_revision_item.revision_ordinal 
_pdbx_audit_revision_item.data_content_type 
_pdbx_audit_revision_item.item 
1 4 'Structure model' '_database_2.pdbx_DOI'                
2 4 'Structure model' '_database_2.pdbx_database_accession' 
3 4 'Structure model' '_struct_ref_seq_dif.details'         
# 
loop_
_software.name 
_software.classification 
_software.version 
_software.citation_id 
_software.pdbx_ordinal 
DENZO     'data reduction' .   ? 1 
SCALEPACK 'data scaling'   .   ? 2 
AMoRE     phasing          .   ? 3 
CNS       refinement       1.0 ? 4 
# 
_pdbx_validate_rmsd_angle.id                         1 
_pdbx_validate_rmsd_angle.PDB_model_num              1 
_pdbx_validate_rmsd_angle.auth_atom_id_1             N 
_pdbx_validate_rmsd_angle.auth_asym_id_1             A 
_pdbx_validate_rmsd_angle.auth_comp_id_1             PHE 
_pdbx_validate_rmsd_angle.auth_seq_id_1              84 
_pdbx_validate_rmsd_angle.PDB_ins_code_1             ? 
_pdbx_validate_rmsd_angle.label_alt_id_1             ? 
_pdbx_validate_rmsd_angle.auth_atom_id_2             CA 
_pdbx_validate_rmsd_angle.auth_asym_id_2             A 
_pdbx_validate_rmsd_angle.auth_comp_id_2             PHE 
_pdbx_validate_rmsd_angle.auth_seq_id_2              84 
_pdbx_validate_rmsd_angle.PDB_ins_code_2             ? 
_pdbx_validate_rmsd_angle.label_alt_id_2             ? 
_pdbx_validate_rmsd_angle.auth_atom_id_3             C 
_pdbx_validate_rmsd_angle.auth_asym_id_3             A 
_pdbx_validate_rmsd_angle.auth_comp_id_3             PHE 
_pdbx_validate_rmsd_angle.auth_seq_id_3              84 
_pdbx_validate_rmsd_angle.PDB_ins_code_3             ? 
_pdbx_validate_rmsd_angle.label_alt_id_3             ? 
_pdbx_validate_rmsd_angle.angle_value                93.44 
_pdbx_validate_rmsd_angle.angle_target_value         111.00 
_pdbx_validate_rmsd_angle.angle_deviation            -17.56 
_pdbx_validate_rmsd_angle.angle_standard_deviation   2.70 
_pdbx_validate_rmsd_angle.linker_flag                N 
# 
loop_
_pdbx_validate_torsion.id 
_pdbx_validate_torsion.PDB_model_num 
_pdbx_validate_torsion.auth_comp_id 
_pdbx_validate_torsion.auth_asym_id 
_pdbx_validate_torsion.auth_seq_id 
_pdbx_validate_torsion.PDB_ins_code 
_pdbx_validate_torsion.label_alt_id 
_pdbx_validate_torsion.phi 
_pdbx_validate_torsion.psi 
1 1 VAL A 7   ? ? -121.89 -52.24  
2 1 ASP A 177 ? ? -164.04 -136.83 
# 
loop_
_pdbx_unobs_or_zero_occ_residues.id 
_pdbx_unobs_or_zero_occ_residues.PDB_model_num 
_pdbx_unobs_or_zero_occ_residues.polymer_flag 
_pdbx_unobs_or_zero_occ_residues.occupancy_flag 
_pdbx_unobs_or_zero_occ_residues.auth_asym_id 
_pdbx_unobs_or_zero_occ_residues.auth_comp_id 
_pdbx_unobs_or_zero_occ_residues.auth_seq_id 
_pdbx_unobs_or_zero_occ_residues.PDB_ins_code 
_pdbx_unobs_or_zero_occ_residues.label_asym_id 
_pdbx_unobs_or_zero_occ_residues.label_comp_id 
_pdbx_unobs_or_zero_occ_residues.label_seq_id 
1  1 Y 1 A GLY -2 ? A GLY 1  
2  1 Y 1 A SER -1 ? A SER 2  
3  1 Y 1 A HIS 0  ? A HIS 3  
4  1 Y 1 A MET 1  ? A MET 4  
5  1 Y 1 A VAL 2  ? A VAL 5  
6  1 Y 1 A LYS 32 ? A LYS 35 
7  1 Y 1 A ALA 33 ? A ALA 36 
8  1 Y 1 A TRP 34 ? A TRP 37 
9  1 Y 1 A LEU 35 ? A LEU 38 
10 1 Y 1 A GLN 36 ? A GLN 39 
11 1 Y 1 A GLN 37 ? A GLN 40 
12 1 Y 1 A SER 38 ? A SER 41 
13 1 Y 1 A LEU 39 ? A LEU 42 
14 1 Y 1 A ASP 40 ? A ASP 43 
15 1 Y 1 A TRP 41 ? A TRP 44 
16 1 Y 1 A PRO 42 ? A PRO 45 
17 1 Y 1 A GLN 43 ? A GLN 46 
18 1 Y 1 A TYR 44 ? A TYR 47 
19 1 Y 1 A VAL 45 ? A VAL 48 
20 1 Y 1 A THR 46 ? A THR 49 
21 1 Y 1 A SER 47 ? A SER 50 
22 1 Y 1 A GLN 48 ? A GLN 51 
23 1 Y 1 A GLU 49 ? A GLU 52 
24 1 Y 1 A GLU 50 ? A GLU 53 
# 
loop_
_chem_comp_atom.comp_id 
_chem_comp_atom.atom_id 
_chem_comp_atom.type_symbol 
_chem_comp_atom.pdbx_aromatic_flag 
_chem_comp_atom.pdbx_stereo_config 
_chem_comp_atom.pdbx_ordinal 
ALA N    N N N 1   
ALA CA   C N S 2   
ALA C    C N N 3   
ALA O    O N N 4   
ALA CB   C N N 5   
ALA OXT  O N N 6   
ALA H    H N N 7   
ALA H2   H N N 8   
ALA HA   H N N 9   
ALA HB1  H N N 10  
ALA HB2  H N N 11  
ALA HB3  H N N 12  
ALA HXT  H N N 13  
ARG N    N N N 14  
ARG CA   C N S 15  
ARG C    C N N 16  
ARG O    O N N 17  
ARG CB   C N N 18  
ARG CG   C N N 19  
ARG CD   C N N 20  
ARG NE   N N N 21  
ARG CZ   C N N 22  
ARG NH1  N N N 23  
ARG NH2  N N N 24  
ARG OXT  O N N 25  
ARG H    H N N 26  
ARG H2   H N N 27  
ARG HA   H N N 28  
ARG HB2  H N N 29  
ARG HB3  H N N 30  
ARG HG2  H N N 31  
ARG HG3  H N N 32  
ARG HD2  H N N 33  
ARG HD3  H N N 34  
ARG HE   H N N 35  
ARG HH11 H N N 36  
ARG HH12 H N N 37  
ARG HH21 H N N 38  
ARG HH22 H N N 39  
ARG HXT  H N N 40  
ASN N    N N N 41  
ASN CA   C N S 42  
ASN C    C N N 43  
ASN O    O N N 44  
ASN CB   C N N 45  
ASN CG   C N N 46  
ASN OD1  O N N 47  
ASN ND2  N N N 48  
ASN OXT  O N N 49  
ASN H    H N N 50  
ASN H2   H N N 51  
ASN HA   H N N 52  
ASN HB2  H N N 53  
ASN HB3  H N N 54  
ASN HD21 H N N 55  
ASN HD22 H N N 56  
ASN HXT  H N N 57  
ASP N    N N N 58  
ASP CA   C N S 59  
ASP C    C N N 60  
ASP O    O N N 61  
ASP CB   C N N 62  
ASP CG   C N N 63  
ASP OD1  O N N 64  
ASP OD2  O N N 65  
ASP OXT  O N N 66  
ASP H    H N N 67  
ASP H2   H N N 68  
ASP HA   H N N 69  
ASP HB2  H N N 70  
ASP HB3  H N N 71  
ASP HD2  H N N 72  
ASP HXT  H N N 73  
CYS N    N N N 74  
CYS CA   C N R 75  
CYS C    C N N 76  
CYS O    O N N 77  
CYS CB   C N N 78  
CYS SG   S N N 79  
CYS OXT  O N N 80  
CYS H    H N N 81  
CYS H2   H N N 82  
CYS HA   H N N 83  
CYS HB2  H N N 84  
CYS HB3  H N N 85  
CYS HG   H N N 86  
CYS HXT  H N N 87  
GLN N    N N N 88  
GLN CA   C N S 89  
GLN C    C N N 90  
GLN O    O N N 91  
GLN CB   C N N 92  
GLN CG   C N N 93  
GLN CD   C N N 94  
GLN OE1  O N N 95  
GLN NE2  N N N 96  
GLN OXT  O N N 97  
GLN H    H N N 98  
GLN H2   H N N 99  
GLN HA   H N N 100 
GLN HB2  H N N 101 
GLN HB3  H N N 102 
GLN HG2  H N N 103 
GLN HG3  H N N 104 
GLN HE21 H N N 105 
GLN HE22 H N N 106 
GLN HXT  H N N 107 
GLU N    N N N 108 
GLU CA   C N S 109 
GLU C    C N N 110 
GLU O    O N N 111 
GLU CB   C N N 112 
GLU CG   C N N 113 
GLU CD   C N N 114 
GLU OE1  O N N 115 
GLU OE2  O N N 116 
GLU OXT  O N N 117 
GLU H    H N N 118 
GLU H2   H N N 119 
GLU HA   H N N 120 
GLU HB2  H N N 121 
GLU HB3  H N N 122 
GLU HG2  H N N 123 
GLU HG3  H N N 124 
GLU HE2  H N N 125 
GLU HXT  H N N 126 
GLY N    N N N 127 
GLY CA   C N N 128 
GLY C    C N N 129 
GLY O    O N N 130 
GLY OXT  O N N 131 
GLY H    H N N 132 
GLY H2   H N N 133 
GLY HA2  H N N 134 
GLY HA3  H N N 135 
GLY HXT  H N N 136 
HIS N    N N N 137 
HIS CA   C N S 138 
HIS C    C N N 139 
HIS O    O N N 140 
HIS CB   C N N 141 
HIS CG   C Y N 142 
HIS ND1  N Y N 143 
HIS CD2  C Y N 144 
HIS CE1  C Y N 145 
HIS NE2  N Y N 146 
HIS OXT  O N N 147 
HIS H    H N N 148 
HIS H2   H N N 149 
HIS HA   H N N 150 
HIS HB2  H N N 151 
HIS HB3  H N N 152 
HIS HD1  H N N 153 
HIS HD2  H N N 154 
HIS HE1  H N N 155 
HIS HE2  H N N 156 
HIS HXT  H N N 157 
HOH O    O N N 158 
HOH H1   H N N 159 
HOH H2   H N N 160 
ILE N    N N N 161 
ILE CA   C N S 162 
ILE C    C N N 163 
ILE O    O N N 164 
ILE CB   C N S 165 
ILE CG1  C N N 166 
ILE CG2  C N N 167 
ILE CD1  C N N 168 
ILE OXT  O N N 169 
ILE H    H N N 170 
ILE H2   H N N 171 
ILE HA   H N N 172 
ILE HB   H N N 173 
ILE HG12 H N N 174 
ILE HG13 H N N 175 
ILE HG21 H N N 176 
ILE HG22 H N N 177 
ILE HG23 H N N 178 
ILE HD11 H N N 179 
ILE HD12 H N N 180 
ILE HD13 H N N 181 
ILE HXT  H N N 182 
LEU N    N N N 183 
LEU CA   C N S 184 
LEU C    C N N 185 
LEU O    O N N 186 
LEU CB   C N N 187 
LEU CG   C N N 188 
LEU CD1  C N N 189 
LEU CD2  C N N 190 
LEU OXT  O N N 191 
LEU H    H N N 192 
LEU H2   H N N 193 
LEU HA   H N N 194 
LEU HB2  H N N 195 
LEU HB3  H N N 196 
LEU HG   H N N 197 
LEU HD11 H N N 198 
LEU HD12 H N N 199 
LEU HD13 H N N 200 
LEU HD21 H N N 201 
LEU HD22 H N N 202 
LEU HD23 H N N 203 
LEU HXT  H N N 204 
LYS N    N N N 205 
LYS CA   C N S 206 
LYS C    C N N 207 
LYS O    O N N 208 
LYS CB   C N N 209 
LYS CG   C N N 210 
LYS CD   C N N 211 
LYS CE   C N N 212 
LYS NZ   N N N 213 
LYS OXT  O N N 214 
LYS H    H N N 215 
LYS H2   H N N 216 
LYS HA   H N N 217 
LYS HB2  H N N 218 
LYS HB3  H N N 219 
LYS HG2  H N N 220 
LYS HG3  H N N 221 
LYS HD2  H N N 222 
LYS HD3  H N N 223 
LYS HE2  H N N 224 
LYS HE3  H N N 225 
LYS HZ1  H N N 226 
LYS HZ2  H N N 227 
LYS HZ3  H N N 228 
LYS HXT  H N N 229 
MET N    N N N 230 
MET CA   C N S 231 
MET C    C N N 232 
MET O    O N N 233 
MET CB   C N N 234 
MET CG   C N N 235 
MET SD   S N N 236 
MET CE   C N N 237 
MET OXT  O N N 238 
MET H    H N N 239 
MET H2   H N N 240 
MET HA   H N N 241 
MET HB2  H N N 242 
MET HB3  H N N 243 
MET HG2  H N N 244 
MET HG3  H N N 245 
MET HE1  H N N 246 
MET HE2  H N N 247 
MET HE3  H N N 248 
MET HXT  H N N 249 
PHE N    N N N 250 
PHE CA   C N S 251 
PHE C    C N N 252 
PHE O    O N N 253 
PHE CB   C N N 254 
PHE CG   C Y N 255 
PHE CD1  C Y N 256 
PHE CD2  C Y N 257 
PHE CE1  C Y N 258 
PHE CE2  C Y N 259 
PHE CZ   C Y N 260 
PHE OXT  O N N 261 
PHE H    H N N 262 
PHE H2   H N N 263 
PHE HA   H N N 264 
PHE HB2  H N N 265 
PHE HB3  H N N 266 
PHE HD1  H N N 267 
PHE HD2  H N N 268 
PHE HE1  H N N 269 
PHE HE2  H N N 270 
PHE HZ   H N N 271 
PHE HXT  H N N 272 
PRO N    N N N 273 
PRO CA   C N S 274 
PRO C    C N N 275 
PRO O    O N N 276 
PRO CB   C N N 277 
PRO CG   C N N 278 
PRO CD   C N N 279 
PRO OXT  O N N 280 
PRO H    H N N 281 
PRO HA   H N N 282 
PRO HB2  H N N 283 
PRO HB3  H N N 284 
PRO HG2  H N N 285 
PRO HG3  H N N 286 
PRO HD2  H N N 287 
PRO HD3  H N N 288 
PRO HXT  H N N 289 
SER N    N N N 290 
SER CA   C N S 291 
SER C    C N N 292 
SER O    O N N 293 
SER CB   C N N 294 
SER OG   O N N 295 
SER OXT  O N N 296 
SER H    H N N 297 
SER H2   H N N 298 
SER HA   H N N 299 
SER HB2  H N N 300 
SER HB3  H N N 301 
SER HG   H N N 302 
SER HXT  H N N 303 
THR N    N N N 304 
THR CA   C N S 305 
THR C    C N N 306 
THR O    O N N 307 
THR CB   C N R 308 
THR OG1  O N N 309 
THR CG2  C N N 310 
THR OXT  O N N 311 
THR H    H N N 312 
THR H2   H N N 313 
THR HA   H N N 314 
THR HB   H N N 315 
THR HG1  H N N 316 
THR HG21 H N N 317 
THR HG22 H N N 318 
THR HG23 H N N 319 
THR HXT  H N N 320 
TRP N    N N N 321 
TRP CA   C N S 322 
TRP C    C N N 323 
TRP O    O N N 324 
TRP CB   C N N 325 
TRP CG   C Y N 326 
TRP CD1  C Y N 327 
TRP CD2  C Y N 328 
TRP NE1  N Y N 329 
TRP CE2  C Y N 330 
TRP CE3  C Y N 331 
TRP CZ2  C Y N 332 
TRP CZ3  C Y N 333 
TRP CH2  C Y N 334 
TRP OXT  O N N 335 
TRP H    H N N 336 
TRP H2   H N N 337 
TRP HA   H N N 338 
TRP HB2  H N N 339 
TRP HB3  H N N 340 
TRP HD1  H N N 341 
TRP HE1  H N N 342 
TRP HE3  H N N 343 
TRP HZ2  H N N 344 
TRP HZ3  H N N 345 
TRP HH2  H N N 346 
TRP HXT  H N N 347 
TYR N    N N N 348 
TYR CA   C N S 349 
TYR C    C N N 350 
TYR O    O N N 351 
TYR CB   C N N 352 
TYR CG   C Y N 353 
TYR CD1  C Y N 354 
TYR CD2  C Y N 355 
TYR CE1  C Y N 356 
TYR CE2  C Y N 357 
TYR CZ   C Y N 358 
TYR OH   O N N 359 
TYR OXT  O N N 360 
TYR H    H N N 361 
TYR H2   H N N 362 
TYR HA   H N N 363 
TYR HB2  H N N 364 
TYR HB3  H N N 365 
TYR HD1  H N N 366 
TYR HD2  H N N 367 
TYR HE1  H N N 368 
TYR HE2  H N N 369 
TYR HH   H N N 370 
TYR HXT  H N N 371 
VAL N    N N N 372 
VAL CA   C N S 373 
VAL C    C N N 374 
VAL O    O N N 375 
VAL CB   C N N 376 
VAL CG1  C N N 377 
VAL CG2  C N N 378 
VAL OXT  O N N 379 
VAL H    H N N 380 
VAL H2   H N N 381 
VAL HA   H N N 382 
VAL HB   H N N 383 
VAL HG11 H N N 384 
VAL HG12 H N N 385 
VAL HG13 H N N 386 
VAL HG21 H N N 387 
VAL HG22 H N N 388 
VAL HG23 H N N 389 
VAL HXT  H N N 390 
# 
loop_
_chem_comp_bond.comp_id 
_chem_comp_bond.atom_id_1 
_chem_comp_bond.atom_id_2 
_chem_comp_bond.value_order 
_chem_comp_bond.pdbx_aromatic_flag 
_chem_comp_bond.pdbx_stereo_config 
_chem_comp_bond.pdbx_ordinal 
ALA N   CA   sing N N 1   
ALA N   H    sing N N 2   
ALA N   H2   sing N N 3   
ALA CA  C    sing N N 4   
ALA CA  CB   sing N N 5   
ALA CA  HA   sing N N 6   
ALA C   O    doub N N 7   
ALA C   OXT  sing N N 8   
ALA CB  HB1  sing N N 9   
ALA CB  HB2  sing N N 10  
ALA CB  HB3  sing N N 11  
ALA OXT HXT  sing N N 12  
ARG N   CA   sing N N 13  
ARG N   H    sing N N 14  
ARG N   H2   sing N N 15  
ARG CA  C    sing N N 16  
ARG CA  CB   sing N N 17  
ARG CA  HA   sing N N 18  
ARG C   O    doub N N 19  
ARG C   OXT  sing N N 20  
ARG CB  CG   sing N N 21  
ARG CB  HB2  sing N N 22  
ARG CB  HB3  sing N N 23  
ARG CG  CD   sing N N 24  
ARG CG  HG2  sing N N 25  
ARG CG  HG3  sing N N 26  
ARG CD  NE   sing N N 27  
ARG CD  HD2  sing N N 28  
ARG CD  HD3  sing N N 29  
ARG NE  CZ   sing N N 30  
ARG NE  HE   sing N N 31  
ARG CZ  NH1  sing N N 32  
ARG CZ  NH2  doub N N 33  
ARG NH1 HH11 sing N N 34  
ARG NH1 HH12 sing N N 35  
ARG NH2 HH21 sing N N 36  
ARG NH2 HH22 sing N N 37  
ARG OXT HXT  sing N N 38  
ASN N   CA   sing N N 39  
ASN N   H    sing N N 40  
ASN N   H2   sing N N 41  
ASN CA  C    sing N N 42  
ASN CA  CB   sing N N 43  
ASN CA  HA   sing N N 44  
ASN C   O    doub N N 45  
ASN C   OXT  sing N N 46  
ASN CB  CG   sing N N 47  
ASN CB  HB2  sing N N 48  
ASN CB  HB3  sing N N 49  
ASN CG  OD1  doub N N 50  
ASN CG  ND2  sing N N 51  
ASN ND2 HD21 sing N N 52  
ASN ND2 HD22 sing N N 53  
ASN OXT HXT  sing N N 54  
ASP N   CA   sing N N 55  
ASP N   H    sing N N 56  
ASP N   H2   sing N N 57  
ASP CA  C    sing N N 58  
ASP CA  CB   sing N N 59  
ASP CA  HA   sing N N 60  
ASP C   O    doub N N 61  
ASP C   OXT  sing N N 62  
ASP CB  CG   sing N N 63  
ASP CB  HB2  sing N N 64  
ASP CB  HB3  sing N N 65  
ASP CG  OD1  doub N N 66  
ASP CG  OD2  sing N N 67  
ASP OD2 HD2  sing N N 68  
ASP OXT HXT  sing N N 69  
CYS N   CA   sing N N 70  
CYS N   H    sing N N 71  
CYS N   H2   sing N N 72  
CYS CA  C    sing N N 73  
CYS CA  CB   sing N N 74  
CYS CA  HA   sing N N 75  
CYS C   O    doub N N 76  
CYS C   OXT  sing N N 77  
CYS CB  SG   sing N N 78  
CYS CB  HB2  sing N N 79  
CYS CB  HB3  sing N N 80  
CYS SG  HG   sing N N 81  
CYS OXT HXT  sing N N 82  
GLN N   CA   sing N N 83  
GLN N   H    sing N N 84  
GLN N   H2   sing N N 85  
GLN CA  C    sing N N 86  
GLN CA  CB   sing N N 87  
GLN CA  HA   sing N N 88  
GLN C   O    doub N N 89  
GLN C   OXT  sing N N 90  
GLN CB  CG   sing N N 91  
GLN CB  HB2  sing N N 92  
GLN CB  HB3  sing N N 93  
GLN CG  CD   sing N N 94  
GLN CG  HG2  sing N N 95  
GLN CG  HG3  sing N N 96  
GLN CD  OE1  doub N N 97  
GLN CD  NE2  sing N N 98  
GLN NE2 HE21 sing N N 99  
GLN NE2 HE22 sing N N 100 
GLN OXT HXT  sing N N 101 
GLU N   CA   sing N N 102 
GLU N   H    sing N N 103 
GLU N   H2   sing N N 104 
GLU CA  C    sing N N 105 
GLU CA  CB   sing N N 106 
GLU CA  HA   sing N N 107 
GLU C   O    doub N N 108 
GLU C   OXT  sing N N 109 
GLU CB  CG   sing N N 110 
GLU CB  HB2  sing N N 111 
GLU CB  HB3  sing N N 112 
GLU CG  CD   sing N N 113 
GLU CG  HG2  sing N N 114 
GLU CG  HG3  sing N N 115 
GLU CD  OE1  doub N N 116 
GLU CD  OE2  sing N N 117 
GLU OE2 HE2  sing N N 118 
GLU OXT HXT  sing N N 119 
GLY N   CA   sing N N 120 
GLY N   H    sing N N 121 
GLY N   H2   sing N N 122 
GLY CA  C    sing N N 123 
GLY CA  HA2  sing N N 124 
GLY CA  HA3  sing N N 125 
GLY C   O    doub N N 126 
GLY C   OXT  sing N N 127 
GLY OXT HXT  sing N N 128 
HIS N   CA   sing N N 129 
HIS N   H    sing N N 130 
HIS N   H2   sing N N 131 
HIS CA  C    sing N N 132 
HIS CA  CB   sing N N 133 
HIS CA  HA   sing N N 134 
HIS C   O    doub N N 135 
HIS C   OXT  sing N N 136 
HIS CB  CG   sing N N 137 
HIS CB  HB2  sing N N 138 
HIS CB  HB3  sing N N 139 
HIS CG  ND1  sing Y N 140 
HIS CG  CD2  doub Y N 141 
HIS ND1 CE1  doub Y N 142 
HIS ND1 HD1  sing N N 143 
HIS CD2 NE2  sing Y N 144 
HIS CD2 HD2  sing N N 145 
HIS CE1 NE2  sing Y N 146 
HIS CE1 HE1  sing N N 147 
HIS NE2 HE2  sing N N 148 
HIS OXT HXT  sing N N 149 
HOH O   H1   sing N N 150 
HOH O   H2   sing N N 151 
ILE N   CA   sing N N 152 
ILE N   H    sing N N 153 
ILE N   H2   sing N N 154 
ILE CA  C    sing N N 155 
ILE CA  CB   sing N N 156 
ILE CA  HA   sing N N 157 
ILE C   O    doub N N 158 
ILE C   OXT  sing N N 159 
ILE CB  CG1  sing N N 160 
ILE CB  CG2  sing N N 161 
ILE CB  HB   sing N N 162 
ILE CG1 CD1  sing N N 163 
ILE CG1 HG12 sing N N 164 
ILE CG1 HG13 sing N N 165 
ILE CG2 HG21 sing N N 166 
ILE CG2 HG22 sing N N 167 
ILE CG2 HG23 sing N N 168 
ILE CD1 HD11 sing N N 169 
ILE CD1 HD12 sing N N 170 
ILE CD1 HD13 sing N N 171 
ILE OXT HXT  sing N N 172 
LEU N   CA   sing N N 173 
LEU N   H    sing N N 174 
LEU N   H2   sing N N 175 
LEU CA  C    sing N N 176 
LEU CA  CB   sing N N 177 
LEU CA  HA   sing N N 178 
LEU C   O    doub N N 179 
LEU C   OXT  sing N N 180 
LEU CB  CG   sing N N 181 
LEU CB  HB2  sing N N 182 
LEU CB  HB3  sing N N 183 
LEU CG  CD1  sing N N 184 
LEU CG  CD2  sing N N 185 
LEU CG  HG   sing N N 186 
LEU CD1 HD11 sing N N 187 
LEU CD1 HD12 sing N N 188 
LEU CD1 HD13 sing N N 189 
LEU CD2 HD21 sing N N 190 
LEU CD2 HD22 sing N N 191 
LEU CD2 HD23 sing N N 192 
LEU OXT HXT  sing N N 193 
LYS N   CA   sing N N 194 
LYS N   H    sing N N 195 
LYS N   H2   sing N N 196 
LYS CA  C    sing N N 197 
LYS CA  CB   sing N N 198 
LYS CA  HA   sing N N 199 
LYS C   O    doub N N 200 
LYS C   OXT  sing N N 201 
LYS CB  CG   sing N N 202 
LYS CB  HB2  sing N N 203 
LYS CB  HB3  sing N N 204 
LYS CG  CD   sing N N 205 
LYS CG  HG2  sing N N 206 
LYS CG  HG3  sing N N 207 
LYS CD  CE   sing N N 208 
LYS CD  HD2  sing N N 209 
LYS CD  HD3  sing N N 210 
LYS CE  NZ   sing N N 211 
LYS CE  HE2  sing N N 212 
LYS CE  HE3  sing N N 213 
LYS NZ  HZ1  sing N N 214 
LYS NZ  HZ2  sing N N 215 
LYS NZ  HZ3  sing N N 216 
LYS OXT HXT  sing N N 217 
MET N   CA   sing N N 218 
MET N   H    sing N N 219 
MET N   H2   sing N N 220 
MET CA  C    sing N N 221 
MET CA  CB   sing N N 222 
MET CA  HA   sing N N 223 
MET C   O    doub N N 224 
MET C   OXT  sing N N 225 
MET CB  CG   sing N N 226 
MET CB  HB2  sing N N 227 
MET CB  HB3  sing N N 228 
MET CG  SD   sing N N 229 
MET CG  HG2  sing N N 230 
MET CG  HG3  sing N N 231 
MET SD  CE   sing N N 232 
MET CE  HE1  sing N N 233 
MET CE  HE2  sing N N 234 
MET CE  HE3  sing N N 235 
MET OXT HXT  sing N N 236 
PHE N   CA   sing N N 237 
PHE N   H    sing N N 238 
PHE N   H2   sing N N 239 
PHE CA  C    sing N N 240 
PHE CA  CB   sing N N 241 
PHE CA  HA   sing N N 242 
PHE C   O    doub N N 243 
PHE C   OXT  sing N N 244 
PHE CB  CG   sing N N 245 
PHE CB  HB2  sing N N 246 
PHE CB  HB3  sing N N 247 
PHE CG  CD1  doub Y N 248 
PHE CG  CD2  sing Y N 249 
PHE CD1 CE1  sing Y N 250 
PHE CD1 HD1  sing N N 251 
PHE CD2 CE2  doub Y N 252 
PHE CD2 HD2  sing N N 253 
PHE CE1 CZ   doub Y N 254 
PHE CE1 HE1  sing N N 255 
PHE CE2 CZ   sing Y N 256 
PHE CE2 HE2  sing N N 257 
PHE CZ  HZ   sing N N 258 
PHE OXT HXT  sing N N 259 
PRO N   CA   sing N N 260 
PRO N   CD   sing N N 261 
PRO N   H    sing N N 262 
PRO CA  C    sing N N 263 
PRO CA  CB   sing N N 264 
PRO CA  HA   sing N N 265 
PRO C   O    doub N N 266 
PRO C   OXT  sing N N 267 
PRO CB  CG   sing N N 268 
PRO CB  HB2  sing N N 269 
PRO CB  HB3  sing N N 270 
PRO CG  CD   sing N N 271 
PRO CG  HG2  sing N N 272 
PRO CG  HG3  sing N N 273 
PRO CD  HD2  sing N N 274 
PRO CD  HD3  sing N N 275 
PRO OXT HXT  sing N N 276 
SER N   CA   sing N N 277 
SER N   H    sing N N 278 
SER N   H2   sing N N 279 
SER CA  C    sing N N 280 
SER CA  CB   sing N N 281 
SER CA  HA   sing N N 282 
SER C   O    doub N N 283 
SER C   OXT  sing N N 284 
SER CB  OG   sing N N 285 
SER CB  HB2  sing N N 286 
SER CB  HB3  sing N N 287 
SER OG  HG   sing N N 288 
SER OXT HXT  sing N N 289 
THR N   CA   sing N N 290 
THR N   H    sing N N 291 
THR N   H2   sing N N 292 
THR CA  C    sing N N 293 
THR CA  CB   sing N N 294 
THR CA  HA   sing N N 295 
THR C   O    doub N N 296 
THR C   OXT  sing N N 297 
THR CB  OG1  sing N N 298 
THR CB  CG2  sing N N 299 
THR CB  HB   sing N N 300 
THR OG1 HG1  sing N N 301 
THR CG2 HG21 sing N N 302 
THR CG2 HG22 sing N N 303 
THR CG2 HG23 sing N N 304 
THR OXT HXT  sing N N 305 
TRP N   CA   sing N N 306 
TRP N   H    sing N N 307 
TRP N   H2   sing N N 308 
TRP CA  C    sing N N 309 
TRP CA  CB   sing N N 310 
TRP CA  HA   sing N N 311 
TRP C   O    doub N N 312 
TRP C   OXT  sing N N 313 
TRP CB  CG   sing N N 314 
TRP CB  HB2  sing N N 315 
TRP CB  HB3  sing N N 316 
TRP CG  CD1  doub Y N 317 
TRP CG  CD2  sing Y N 318 
TRP CD1 NE1  sing Y N 319 
TRP CD1 HD1  sing N N 320 
TRP CD2 CE2  doub Y N 321 
TRP CD2 CE3  sing Y N 322 
TRP NE1 CE2  sing Y N 323 
TRP NE1 HE1  sing N N 324 
TRP CE2 CZ2  sing Y N 325 
TRP CE3 CZ3  doub Y N 326 
TRP CE3 HE3  sing N N 327 
TRP CZ2 CH2  doub Y N 328 
TRP CZ2 HZ2  sing N N 329 
TRP CZ3 CH2  sing Y N 330 
TRP CZ3 HZ3  sing N N 331 
TRP CH2 HH2  sing N N 332 
TRP OXT HXT  sing N N 333 
TYR N   CA   sing N N 334 
TYR N   H    sing N N 335 
TYR N   H2   sing N N 336 
TYR CA  C    sing N N 337 
TYR CA  CB   sing N N 338 
TYR CA  HA   sing N N 339 
TYR C   O    doub N N 340 
TYR C   OXT  sing N N 341 
TYR CB  CG   sing N N 342 
TYR CB  HB2  sing N N 343 
TYR CB  HB3  sing N N 344 
TYR CG  CD1  doub Y N 345 
TYR CG  CD2  sing Y N 346 
TYR CD1 CE1  sing Y N 347 
TYR CD1 HD1  sing N N 348 
TYR CD2 CE2  doub Y N 349 
TYR CD2 HD2  sing N N 350 
TYR CE1 CZ   doub Y N 351 
TYR CE1 HE1  sing N N 352 
TYR CE2 CZ   sing Y N 353 
TYR CE2 HE2  sing N N 354 
TYR CZ  OH   sing N N 355 
TYR OH  HH   sing N N 356 
TYR OXT HXT  sing N N 357 
VAL N   CA   sing N N 358 
VAL N   H    sing N N 359 
VAL N   H2   sing N N 360 
VAL CA  C    sing N N 361 
VAL CA  CB   sing N N 362 
VAL CA  HA   sing N N 363 
VAL C   O    doub N N 364 
VAL C   OXT  sing N N 365 
VAL CB  CG1  sing N N 366 
VAL CB  CG2  sing N N 367 
VAL CB  HB   sing N N 368 
VAL CG1 HG11 sing N N 369 
VAL CG1 HG12 sing N N 370 
VAL CG1 HG13 sing N N 371 
VAL CG2 HG21 sing N N 372 
VAL CG2 HG22 sing N N 373 
VAL CG2 HG23 sing N N 374 
VAL OXT HXT  sing N N 375 
# 
_pdbx_entity_nonpoly.entity_id   2 
_pdbx_entity_nonpoly.name        water 
_pdbx_entity_nonpoly.comp_id     HOH 
# 
_pdbx_initial_refinement_model.id               1 
_pdbx_initial_refinement_model.entity_id_list   ? 
_pdbx_initial_refinement_model.type             'experimental model' 
_pdbx_initial_refinement_model.source_name      PDB 
_pdbx_initial_refinement_model.accession_code   1S7F 
_pdbx_initial_refinement_model.details          'PDB ENTRY 1S7F' 
# 
